data_1YIV
# 
_entry.id   1YIV 
# 
_audit_conform.dict_name       mmcif_pdbx.dic 
_audit_conform.dict_version    5.380 
_audit_conform.dict_location   http://mmcif.pdb.org/dictionaries/ascii/mmcif_pdbx.dic 
# 
loop_
_database_2.database_id 
_database_2.database_code 
_database_2.pdbx_database_accession 
_database_2.pdbx_DOI 
PDB   1YIV         pdb_00001yiv 10.2210/pdb1yiv/pdb 
RCSB  RCSB031563   ?            ?                   
WWPDB D_1000031563 ?            ?                   
# 
loop_
_pdbx_database_related.db_name 
_pdbx_database_related.db_id 
_pdbx_database_related.details 
_pdbx_database_related.content_type 
PDB 1PMP . unspecified 
PDB 1CRB . unspecified 
PDB 1CBQ . unspecified 
# 
_pdbx_database_status.status_code                     REL 
_pdbx_database_status.entry_id                        1YIV 
_pdbx_database_status.recvd_initial_deposition_date   2005-01-13 
_pdbx_database_status.deposit_site                    RCSB 
_pdbx_database_status.process_site                    PDBJ 
_pdbx_database_status.status_code_sf                  REL 
_pdbx_database_status.status_code_mr                  ? 
_pdbx_database_status.SG_entry                        ? 
_pdbx_database_status.pdb_format_compatible           Y 
_pdbx_database_status.status_code_cs                  ? 
_pdbx_database_status.status_code_nmr_data            ? 
_pdbx_database_status.methods_development_category    ? 
# 
loop_
_audit_author.name 
_audit_author.pdbx_ordinal 
'Hunter, D.J.B.'          1 
'MacMaster, R.'           2 
'Rozak, A.W.'             3 
'Riboldi-Tunnicliffe, A.' 4 
'Grifiths, I.R.'          5 
'Freer, A.A.'             6 
# 
_citation.id                        primary 
_citation.title                     'Structure of myelin P2 protein from equine spinal cord.' 
_citation.journal_abbrev            'Acta Crystallogr.,Sect.D' 
_citation.journal_volume            61 
_citation.page_first                1067 
_citation.page_last                 1071 
_citation.year                      2005 
_citation.journal_id_ASTM           ABCRE6 
_citation.country                   DK 
_citation.journal_id_ISSN           0907-4449 
_citation.journal_id_CSD            0766 
_citation.book_publisher            ? 
_citation.pdbx_database_id_PubMed   16041071 
_citation.pdbx_database_id_DOI      10.1107/S0907444905014162 
# 
loop_
_citation_author.citation_id 
_citation_author.name 
_citation_author.ordinal 
_citation_author.identifier_ORCID 
primary 'Hunter, D.J.'            1 ? 
primary 'Macmaster, R.'           2 ? 
primary 'Roszak, A.W.'            3 ? 
primary 'Riboldi-Tunnicliffe, A.' 4 ? 
primary 'Griffiths, I.R.'         5 ? 
primary 'Freer, A.A.'             6 ? 
# 
_cell.entry_id           1YIV 
_cell.length_a           45.846 
_cell.length_b           45.846 
_cell.length_c           125.778 
_cell.angle_alpha        90.00 
_cell.angle_beta         90.00 
_cell.angle_gamma        120.00 
_cell.Z_PDB              6 
_cell.pdbx_unique_axis   ? 
# 
_symmetry.entry_id                         1YIV 
_symmetry.space_group_name_H-M             'P 32 2 1' 
_symmetry.pdbx_full_space_group_name_H-M   ? 
_symmetry.cell_setting                     ? 
_symmetry.Int_Tables_number                154 
_symmetry.space_group_name_Hall            ? 
# 
loop_
_entity.id 
_entity.type 
_entity.src_method 
_entity.pdbx_description 
_entity.formula_weight 
_entity.pdbx_number_of_molecules 
_entity.pdbx_ec 
_entity.pdbx_mutation 
_entity.pdbx_fragment 
_entity.details 
1 polymer     nat 'Myelin P2 protein'                                   14486.755 1   ? ? ? ? 
2 non-polymer syn '4-(2-HYDROXYETHYL)-1-PIPERAZINE ETHANESULFONIC ACID' 238.305   1   ? ? ? ? 
3 non-polymer syn 'LAURYL DIMETHYLAMINE-N-OXIDE'                        229.402   1   ? ? ? ? 
4 water       nat water                                                 18.015    102 ? ? ? ? 
# 
_entity_poly.entity_id                      1 
_entity_poly.type                           'polypeptide(L)' 
_entity_poly.nstd_linkage                   no 
_entity_poly.nstd_monomer                   no 
_entity_poly.pdbx_seq_one_letter_code       
;SNKFLGTWKLVSSENFDDYMKALGVGLATRKLGNLAKPTVIISKKGDVITIRTESGFKNTEISFKLGQEFDETTADNRKA
KSTVTLAAGALNQVQKWNGNETTIKRKLVDGKMVVECKMASVVCTRIYEKV
;
_entity_poly.pdbx_seq_one_letter_code_can   
;SNKFLGTWKLVSSENFDDYMKALGVGLATRKLGNLAKPTVIISKKGDVITIRTESGFKNTEISFKLGQEFDETTADNRKA
KSTVTLAAGALNQVQKWNGNETTIKRKLVDGKMVVECKMASVVCTRIYEKV
;
_entity_poly.pdbx_strand_id                 A 
_entity_poly.pdbx_target_identifier         ? 
# 
loop_
_entity_poly_seq.entity_id 
_entity_poly_seq.num 
_entity_poly_seq.mon_id 
_entity_poly_seq.hetero 
1 1   SER n 
1 2   ASN n 
1 3   LYS n 
1 4   PHE n 
1 5   LEU n 
1 6   GLY n 
1 7   THR n 
1 8   TRP n 
1 9   LYS n 
1 10  LEU n 
1 11  VAL n 
1 12  SER n 
1 13  SER n 
1 14  GLU n 
1 15  ASN n 
1 16  PHE n 
1 17  ASP n 
1 18  ASP n 
1 19  TYR n 
1 20  MET n 
1 21  LYS n 
1 22  ALA n 
1 23  LEU n 
1 24  GLY n 
1 25  VAL n 
1 26  GLY n 
1 27  LEU n 
1 28  ALA n 
1 29  THR n 
1 30  ARG n 
1 31  LYS n 
1 32  LEU n 
1 33  GLY n 
1 34  ASN n 
1 35  LEU n 
1 36  ALA n 
1 37  LYS n 
1 38  PRO n 
1 39  THR n 
1 40  VAL n 
1 41  ILE n 
1 42  ILE n 
1 43  SER n 
1 44  LYS n 
1 45  LYS n 
1 46  GLY n 
1 47  ASP n 
1 48  VAL n 
1 49  ILE n 
1 50  THR n 
1 51  ILE n 
1 52  ARG n 
1 53  THR n 
1 54  GLU n 
1 55  SER n 
1 56  GLY n 
1 57  PHE n 
1 58  LYS n 
1 59  ASN n 
1 60  THR n 
1 61  GLU n 
1 62  ILE n 
1 63  SER n 
1 64  PHE n 
1 65  LYS n 
1 66  LEU n 
1 67  GLY n 
1 68  GLN n 
1 69  GLU n 
1 70  PHE n 
1 71  ASP n 
1 72  GLU n 
1 73  THR n 
1 74  THR n 
1 75  ALA n 
1 76  ASP n 
1 77  ASN n 
1 78  ARG n 
1 79  LYS n 
1 80  ALA n 
1 81  LYS n 
1 82  SER n 
1 83  THR n 
1 84  VAL n 
1 85  THR n 
1 86  LEU n 
1 87  ALA n 
1 88  ALA n 
1 89  GLY n 
1 90  ALA n 
1 91  LEU n 
1 92  ASN n 
1 93  GLN n 
1 94  VAL n 
1 95  GLN n 
1 96  LYS n 
1 97  TRP n 
1 98  ASN n 
1 99  GLY n 
1 100 ASN n 
1 101 GLU n 
1 102 THR n 
1 103 THR n 
1 104 ILE n 
1 105 LYS n 
1 106 ARG n 
1 107 LYS n 
1 108 LEU n 
1 109 VAL n 
1 110 ASP n 
1 111 GLY n 
1 112 LYS n 
1 113 MET n 
1 114 VAL n 
1 115 VAL n 
1 116 GLU n 
1 117 CYS n 
1 118 LYS n 
1 119 MET n 
1 120 ALA n 
1 121 SER n 
1 122 VAL n 
1 123 VAL n 
1 124 CYS n 
1 125 THR n 
1 126 ARG n 
1 127 ILE n 
1 128 TYR n 
1 129 GLU n 
1 130 LYS n 
1 131 VAL n 
# 
_entity_src_nat.entity_id                  1 
_entity_src_nat.pdbx_src_id                1 
_entity_src_nat.pdbx_alt_source_flag       sample 
_entity_src_nat.pdbx_beg_seq_num           ? 
_entity_src_nat.pdbx_end_seq_num           ? 
_entity_src_nat.common_name                horse 
_entity_src_nat.pdbx_organism_scientific   'Equus caballus' 
_entity_src_nat.pdbx_ncbi_taxonomy_id      9796 
_entity_src_nat.genus                      Equus 
_entity_src_nat.species                    ? 
_entity_src_nat.strain                     ? 
_entity_src_nat.tissue                     'spinal cord' 
_entity_src_nat.tissue_fraction            ? 
_entity_src_nat.pdbx_secretion             ? 
_entity_src_nat.pdbx_fragment              ? 
_entity_src_nat.pdbx_variant               ? 
_entity_src_nat.pdbx_cell_line             ? 
_entity_src_nat.pdbx_atcc                  ? 
_entity_src_nat.pdbx_cellular_location     ? 
_entity_src_nat.pdbx_organ                 ? 
_entity_src_nat.pdbx_organelle             ? 
_entity_src_nat.pdbx_cell                  ? 
_entity_src_nat.pdbx_plasmid_name          ? 
_entity_src_nat.pdbx_plasmid_details       ? 
_entity_src_nat.details                    ? 
# 
_struct_ref.id                         1 
_struct_ref.entity_id                  1 
_struct_ref.db_name                    UNP 
_struct_ref.db_code                    MYP2_HORSE 
_struct_ref.pdbx_db_accession          P0C6G6 
_struct_ref.pdbx_db_isoform            ? 
_struct_ref.pdbx_seq_one_letter_code   ? 
_struct_ref.pdbx_align_begin           ? 
# 
_struct_ref_seq.align_id                      1 
_struct_ref_seq.ref_id                        1 
_struct_ref_seq.pdbx_PDB_id_code              1YIV 
_struct_ref_seq.pdbx_strand_id                A 
_struct_ref_seq.seq_align_beg                 1 
_struct_ref_seq.pdbx_seq_align_beg_ins_code   ? 
_struct_ref_seq.seq_align_end                 129 
_struct_ref_seq.pdbx_seq_align_end_ins_code   ? 
_struct_ref_seq.pdbx_db_accession             P0C6G6 
_struct_ref_seq.db_align_beg                  2 
_struct_ref_seq.pdbx_db_align_beg_ins_code    ? 
_struct_ref_seq.db_align_end                  130 
_struct_ref_seq.pdbx_db_align_end_ins_code    ? 
_struct_ref_seq.pdbx_auth_seq_align_beg       1 
_struct_ref_seq.pdbx_auth_seq_align_end       129 
# 
loop_
_chem_comp.id 
_chem_comp.type 
_chem_comp.mon_nstd_flag 
_chem_comp.name 
_chem_comp.pdbx_synonyms 
_chem_comp.formula 
_chem_comp.formula_weight 
ALA 'L-peptide linking' y ALANINE                                               ?     'C3 H7 N O2'     89.093  
ARG 'L-peptide linking' y ARGININE                                              ?     'C6 H15 N4 O2 1' 175.209 
ASN 'L-peptide linking' y ASPARAGINE                                            ?     'C4 H8 N2 O3'    132.118 
ASP 'L-peptide linking' y 'ASPARTIC ACID'                                       ?     'C4 H7 N O4'     133.103 
CYS 'L-peptide linking' y CYSTEINE                                              ?     'C3 H7 N O2 S'   121.158 
EPE non-polymer         . '4-(2-HYDROXYETHYL)-1-PIPERAZINE ETHANESULFONIC ACID' HEPES 'C8 H18 N2 O4 S' 238.305 
GLN 'L-peptide linking' y GLUTAMINE                                             ?     'C5 H10 N2 O3'   146.144 
GLU 'L-peptide linking' y 'GLUTAMIC ACID'                                       ?     'C5 H9 N O4'     147.129 
GLY 'peptide linking'   y GLYCINE                                               ?     'C2 H5 N O2'     75.067  
HOH non-polymer         . WATER                                                 ?     'H2 O'           18.015  
ILE 'L-peptide linking' y ISOLEUCINE                                            ?     'C6 H13 N O2'    131.173 
LDA non-polymer         . 'LAURYL DIMETHYLAMINE-N-OXIDE'                        ?     'C14 H31 N O'    229.402 
LEU 'L-peptide linking' y LEUCINE                                               ?     'C6 H13 N O2'    131.173 
LYS 'L-peptide linking' y LYSINE                                                ?     'C6 H15 N2 O2 1' 147.195 
MET 'L-peptide linking' y METHIONINE                                            ?     'C5 H11 N O2 S'  149.211 
PHE 'L-peptide linking' y PHENYLALANINE                                         ?     'C9 H11 N O2'    165.189 
PRO 'L-peptide linking' y PROLINE                                               ?     'C5 H9 N O2'     115.130 
SER 'L-peptide linking' y SERINE                                                ?     'C3 H7 N O3'     105.093 
THR 'L-peptide linking' y THREONINE                                             ?     'C4 H9 N O3'     119.119 
TRP 'L-peptide linking' y TRYPTOPHAN                                            ?     'C11 H12 N2 O2'  204.225 
TYR 'L-peptide linking' y TYROSINE                                              ?     'C9 H11 N O3'    181.189 
VAL 'L-peptide linking' y VALINE                                                ?     'C5 H11 N O2'    117.146 
# 
_exptl.entry_id          1YIV 
_exptl.method            'X-RAY DIFFRACTION' 
_exptl.crystals_number   1 
# 
_exptl_crystal.id                    1 
_exptl_crystal.density_meas          ? 
_exptl_crystal.density_Matthews      2.61 
_exptl_crystal.density_percent_sol   52.49 
_exptl_crystal.description           ? 
_exptl_crystal.F_000                 ? 
_exptl_crystal.preparation           ? 
# 
_exptl_crystal_grow.crystal_id      1 
_exptl_crystal_grow.method          'VAPOR DIFFUSION, SITTING DROP' 
_exptl_crystal_grow.temp            293 
_exptl_crystal_grow.temp_details    ? 
_exptl_crystal_grow.pH              5.6 
_exptl_crystal_grow.pdbx_details    
'100mM HEPES, 20%w/v PEG 4000, 15%v/v 2-propanol, pH 5.6, VAPOR DIFFUSION, SITTING DROP, temperature 293K' 
_exptl_crystal_grow.pdbx_pH_range   . 
# 
_diffrn.id                     1 
_diffrn.ambient_temp           100 
_diffrn.ambient_temp_details   ? 
_diffrn.crystal_id             1 
# 
_diffrn_detector.diffrn_id              1 
_diffrn_detector.detector               CCD 
_diffrn_detector.type                   'ADSC QUANTUM 4' 
_diffrn_detector.pdbx_collection_date   2000-02-01 
_diffrn_detector.details                ? 
# 
_diffrn_radiation.diffrn_id                        1 
_diffrn_radiation.wavelength_id                    1 
_diffrn_radiation.pdbx_monochromatic_or_laue_m_l   M 
_diffrn_radiation.monochromator                    ? 
_diffrn_radiation.pdbx_diffrn_protocol             'SINGLE WAVELENGTH' 
_diffrn_radiation.pdbx_scattering_type             x-ray 
# 
_diffrn_radiation_wavelength.id           1 
_diffrn_radiation_wavelength.wavelength   1.0 
_diffrn_radiation_wavelength.wt           1.0 
# 
_diffrn_source.diffrn_id                   1 
_diffrn_source.source                      SYNCHROTRON 
_diffrn_source.type                        'SRS BEAMLINE PX14.1' 
_diffrn_source.pdbx_synchrotron_site       SRS 
_diffrn_source.pdbx_synchrotron_beamline   PX14.1 
_diffrn_source.pdbx_wavelength             ? 
_diffrn_source.pdbx_wavelength_list        1.0 
# 
_refine.entry_id                                 1YIV 
_refine.ls_number_reflns_obs                     8255 
_refine.ls_number_reflns_all                     ? 
_refine.pdbx_ls_sigma_I                          ? 
_refine.pdbx_ls_sigma_F                          0.0 
_refine.pdbx_data_cutoff_high_absF               ? 
_refine.pdbx_data_cutoff_low_absF                ? 
_refine.pdbx_data_cutoff_high_rms_absF           ? 
_refine.ls_d_res_low                             41.89 
_refine.ls_d_res_high                            2.10 
_refine.ls_percent_reflns_obs                    91.51 
_refine.ls_R_factor_obs                          0.18845 
_refine.ls_R_factor_all                          ? 
_refine.ls_R_factor_R_work                       0.18617 
_refine.ls_R_factor_R_free                       0.23332 
_refine.ls_R_factor_R_free_error                 ? 
_refine.ls_R_factor_R_free_error_details         ? 
_refine.ls_percent_reflns_R_free                 4.8 
_refine.ls_number_reflns_R_free                  414 
_refine.ls_number_parameters                     ? 
_refine.ls_number_restraints                     ? 
_refine.occupancy_min                            ? 
_refine.occupancy_max                            ? 
_refine.correlation_coeff_Fo_to_Fc               0.958 
_refine.correlation_coeff_Fo_to_Fc_free          0.930 
_refine.B_iso_mean                               43.642 
_refine.aniso_B[1][1]                            1.67 
_refine.aniso_B[2][2]                            1.67 
_refine.aniso_B[3][3]                            -2.51 
_refine.aniso_B[1][2]                            0.84 
_refine.aniso_B[1][3]                            0.00 
_refine.aniso_B[2][3]                            0.00 
_refine.solvent_model_details                    'BABINET MODEL WITH MASK' 
_refine.solvent_model_param_ksol                 ? 
_refine.solvent_model_param_bsol                 ? 
_refine.pdbx_solvent_vdw_probe_radii             1.20 
_refine.pdbx_solvent_ion_probe_radii             0.80 
_refine.pdbx_solvent_shrinkage_radii             0.80 
_refine.pdbx_ls_cross_valid_method               THROUGHOUT 
_refine.details                                  'HYDROGENS HAVE BEEN ADDED IN THE RIDING POSITIONS' 
_refine.pdbx_starting_model                      1PMP 
_refine.pdbx_method_to_determine_struct          'MOLECULAR REPLACEMENT' 
_refine.pdbx_isotropic_thermal_model             ? 
_refine.pdbx_stereochemistry_target_values       'MAXIMUM LIKELIHOOD' 
_refine.pdbx_stereochem_target_val_spec_case     ? 
_refine.pdbx_R_Free_selection_details            RANDOM 
_refine.pdbx_overall_ESU_R                       0.229 
_refine.pdbx_overall_ESU_R_Free                  0.191 
_refine.overall_SU_ML                            0.145 
_refine.overall_SU_B                             12.415 
_refine.ls_redundancy_reflns_obs                 ? 
_refine.B_iso_min                                ? 
_refine.B_iso_max                                ? 
_refine.overall_SU_R_Cruickshank_DPI             ? 
_refine.overall_SU_R_free                        ? 
_refine.ls_wR_factor_R_free                      ? 
_refine.ls_wR_factor_R_work                      ? 
_refine.overall_FOM_free_R_set                   ? 
_refine.overall_FOM_work_R_set                   ? 
_refine.pdbx_refine_id                           'X-RAY DIFFRACTION' 
_refine.pdbx_TLS_residual_ADP_flag               'LIKELY RESIDUAL' 
_refine.pdbx_diffrn_id                           1 
_refine.pdbx_overall_phase_error                 ? 
_refine.pdbx_overall_SU_R_free_Cruickshank_DPI   ? 
_refine.pdbx_overall_SU_R_Blow_DPI               ? 
_refine.pdbx_overall_SU_R_free_Blow_DPI          ? 
# 
_refine_hist.pdbx_refine_id                   'X-RAY DIFFRACTION' 
_refine_hist.cycle_id                         LAST 
_refine_hist.pdbx_number_atoms_protein        1014 
_refine_hist.pdbx_number_atoms_nucleic_acid   0 
_refine_hist.pdbx_number_atoms_ligand         31 
_refine_hist.number_atoms_solvent             102 
_refine_hist.number_atoms_total               1147 
_refine_hist.d_res_high                       2.10 
_refine_hist.d_res_low                        41.89 
# 
loop_
_refine_ls_restr.type 
_refine_ls_restr.dev_ideal 
_refine_ls_restr.dev_ideal_target 
_refine_ls_restr.weight 
_refine_ls_restr.number 
_refine_ls_restr.pdbx_refine_id 
_refine_ls_restr.pdbx_restraint_function 
r_bond_refined_d         0.018  0.022  ? 1055 'X-RAY DIFFRACTION' ? 
r_bond_other_d           0.001  0.020  ? 1015 'X-RAY DIFFRACTION' ? 
r_angle_refined_deg      1.855  1.992  ? 1412 'X-RAY DIFFRACTION' ? 
r_angle_other_deg        0.918  3.000  ? 2378 'X-RAY DIFFRACTION' ? 
r_dihedral_angle_1_deg   6.740  5.000  ? 130  'X-RAY DIFFRACTION' ? 
r_dihedral_angle_2_deg   38.281 25.000 ? 38   'X-RAY DIFFRACTION' ? 
r_dihedral_angle_3_deg   16.469 15.000 ? 208  'X-RAY DIFFRACTION' ? 
r_dihedral_angle_4_deg   23.951 15.000 ? 5    'X-RAY DIFFRACTION' ? 
r_chiral_restr           0.102  0.200  ? 163  'X-RAY DIFFRACTION' ? 
r_gen_planes_refined     0.006  0.020  ? 1107 'X-RAY DIFFRACTION' ? 
r_gen_planes_other       0.001  0.020  ? 192  'X-RAY DIFFRACTION' ? 
r_nbd_refined            0.244  0.200  ? 143  'X-RAY DIFFRACTION' ? 
r_nbd_other              0.198  0.200  ? 962  'X-RAY DIFFRACTION' ? 
r_nbtor_refined          0.171  0.200  ? 467  'X-RAY DIFFRACTION' ? 
r_nbtor_other            0.088  0.200  ? 686  'X-RAY DIFFRACTION' ? 
r_xyhbond_nbd_refined    0.252  0.200  ? 73   'X-RAY DIFFRACTION' ? 
r_symmetry_vdw_refined   0.092  0.200  ? 4    'X-RAY DIFFRACTION' ? 
r_symmetry_vdw_other     0.084  0.200  ? 17   'X-RAY DIFFRACTION' ? 
r_symmetry_hbond_refined 0.288  0.200  ? 9    'X-RAY DIFFRACTION' ? 
r_mcbond_it              1.021  1.500  ? 845  'X-RAY DIFFRACTION' ? 
r_mcbond_other           0.217  1.500  ? 273  'X-RAY DIFFRACTION' ? 
r_mcangle_it             1.219  2.000  ? 1042 'X-RAY DIFFRACTION' ? 
r_scbond_it              2.364  3.000  ? 475  'X-RAY DIFFRACTION' ? 
r_scangle_it             3.429  4.500  ? 370  'X-RAY DIFFRACTION' ? 
# 
_refine_ls_shell.pdbx_total_number_of_bins_used   20 
_refine_ls_shell.d_res_high                       2.102 
_refine_ls_shell.d_res_low                        2.156 
_refine_ls_shell.number_reflns_R_work             451 
_refine_ls_shell.R_factor_R_work                  0.235 
_refine_ls_shell.percent_reflns_obs               67.93 
_refine_ls_shell.R_factor_R_free                  0.278 
_refine_ls_shell.R_factor_R_free_error            ? 
_refine_ls_shell.percent_reflns_R_free            ? 
_refine_ls_shell.number_reflns_R_free             15 
_refine_ls_shell.number_reflns_obs                ? 
_refine_ls_shell.redundancy_reflns_obs            ? 
_refine_ls_shell.number_reflns_all                ? 
_refine_ls_shell.pdbx_refine_id                   'X-RAY DIFFRACTION' 
_refine_ls_shell.R_factor_all                     ? 
# 
_struct.entry_id                  1YIV 
_struct.title                     'Structure of myelin P2 protein from Equine spinal cord' 
_struct.pdbx_model_details        ? 
_struct.pdbx_CASP_flag            ? 
_struct.pdbx_model_type_details   ? 
# 
_struct_keywords.entry_id        1YIV 
_struct_keywords.pdbx_keywords   'LIPID TRANSPORT' 
_struct_keywords.text            'P2 Protein, LIPID TRANSPORT' 
# 
loop_
_struct_asym.id 
_struct_asym.pdbx_blank_PDB_chainid_flag 
_struct_asym.pdbx_modified 
_struct_asym.entity_id 
_struct_asym.details 
A N N 1 ? 
B N N 2 ? 
C N N 3 ? 
D N N 4 ? 
# 
_struct_biol.id                    1 
_struct_biol.pdbx_parent_biol_id   ? 
_struct_biol.details               ? 
# 
loop_
_struct_conf.conf_type_id 
_struct_conf.id 
_struct_conf.pdbx_PDB_helix_id 
_struct_conf.beg_label_comp_id 
_struct_conf.beg_label_asym_id 
_struct_conf.beg_label_seq_id 
_struct_conf.pdbx_beg_PDB_ins_code 
_struct_conf.end_label_comp_id 
_struct_conf.end_label_asym_id 
_struct_conf.end_label_seq_id 
_struct_conf.pdbx_end_PDB_ins_code 
_struct_conf.beg_auth_comp_id 
_struct_conf.beg_auth_asym_id 
_struct_conf.beg_auth_seq_id 
_struct_conf.end_auth_comp_id 
_struct_conf.end_auth_asym_id 
_struct_conf.end_auth_seq_id 
_struct_conf.pdbx_PDB_helix_class 
_struct_conf.details 
_struct_conf.pdbx_PDB_helix_length 
HELX_P HELX_P1 1 SER A 1  ? LEU A 5  ? SER A 1  LEU A 5  5 ? 5  
HELX_P HELX_P2 2 ASN A 15 ? LEU A 23 ? ASN A 15 LEU A 23 1 ? 9  
HELX_P HELX_P3 3 GLY A 26 ? ALA A 36 ? GLY A 26 ALA A 36 1 ? 11 
# 
_struct_conf_type.id          HELX_P 
_struct_conf_type.criteria    ? 
_struct_conf_type.reference   ? 
# 
_struct_sheet.id               A 
_struct_sheet.type             ? 
_struct_sheet.number_strands   10 
_struct_sheet.details          ? 
# 
loop_
_struct_sheet_order.sheet_id 
_struct_sheet_order.range_id_1 
_struct_sheet_order.range_id_2 
_struct_sheet_order.offset 
_struct_sheet_order.sense 
A 1 2  ? anti-parallel 
A 2 3  ? anti-parallel 
A 3 4  ? anti-parallel 
A 4 5  ? anti-parallel 
A 5 6  ? anti-parallel 
A 6 7  ? anti-parallel 
A 7 8  ? anti-parallel 
A 8 9  ? anti-parallel 
A 9 10 ? anti-parallel 
# 
loop_
_struct_sheet_range.sheet_id 
_struct_sheet_range.id 
_struct_sheet_range.beg_label_comp_id 
_struct_sheet_range.beg_label_asym_id 
_struct_sheet_range.beg_label_seq_id 
_struct_sheet_range.pdbx_beg_PDB_ins_code 
_struct_sheet_range.end_label_comp_id 
_struct_sheet_range.end_label_asym_id 
_struct_sheet_range.end_label_seq_id 
_struct_sheet_range.pdbx_end_PDB_ins_code 
_struct_sheet_range.beg_auth_comp_id 
_struct_sheet_range.beg_auth_asym_id 
_struct_sheet_range.beg_auth_seq_id 
_struct_sheet_range.end_auth_comp_id 
_struct_sheet_range.end_auth_asym_id 
_struct_sheet_range.end_auth_seq_id 
A 1  THR A 60  ? PHE A 64  ? THR A 60  PHE A 64  
A 2  VAL A 48  ? GLU A 54  ? VAL A 48  GLU A 54  
A 3  THR A 39  ? LYS A 45  ? THR A 39  LYS A 45  
A 4  GLY A 6   ? GLU A 14  ? GLY A 6   GLU A 14  
A 5  VAL A 122 ? VAL A 131 ? VAL A 122 VAL A 131 
A 6  LYS A 112 ? MET A 119 ? LYS A 112 MET A 119 
A 7  ASN A 100 ? VAL A 109 ? ASN A 100 VAL A 109 
A 8  ALA A 90  ? TRP A 97  ? ALA A 90  TRP A 97  
A 9  LYS A 79  ? LEU A 86  ? LYS A 79  LEU A 86  
A 10 PHE A 70  ? THR A 73  ? PHE A 70  THR A 73  
# 
loop_
_pdbx_struct_sheet_hbond.sheet_id 
_pdbx_struct_sheet_hbond.range_id_1 
_pdbx_struct_sheet_hbond.range_id_2 
_pdbx_struct_sheet_hbond.range_1_label_atom_id 
_pdbx_struct_sheet_hbond.range_1_label_comp_id 
_pdbx_struct_sheet_hbond.range_1_label_asym_id 
_pdbx_struct_sheet_hbond.range_1_label_seq_id 
_pdbx_struct_sheet_hbond.range_1_PDB_ins_code 
_pdbx_struct_sheet_hbond.range_1_auth_atom_id 
_pdbx_struct_sheet_hbond.range_1_auth_comp_id 
_pdbx_struct_sheet_hbond.range_1_auth_asym_id 
_pdbx_struct_sheet_hbond.range_1_auth_seq_id 
_pdbx_struct_sheet_hbond.range_2_label_atom_id 
_pdbx_struct_sheet_hbond.range_2_label_comp_id 
_pdbx_struct_sheet_hbond.range_2_label_asym_id 
_pdbx_struct_sheet_hbond.range_2_label_seq_id 
_pdbx_struct_sheet_hbond.range_2_PDB_ins_code 
_pdbx_struct_sheet_hbond.range_2_auth_atom_id 
_pdbx_struct_sheet_hbond.range_2_auth_comp_id 
_pdbx_struct_sheet_hbond.range_2_auth_asym_id 
_pdbx_struct_sheet_hbond.range_2_auth_seq_id 
A 1 2  O PHE A 64  ? O PHE A 64  N ILE A 49  ? N ILE A 49  
A 2 3  O GLU A 54  ? O GLU A 54  N THR A 39  ? N THR A 39  
A 3 4  O ILE A 42  ? O ILE A 42  N GLY A 6   ? N GLY A 6   
A 4 5  N VAL A 11  ? N VAL A 11  O ILE A 127 ? O ILE A 127 
A 5 6  O CYS A 124 ? O CYS A 124 N CYS A 117 ? N CYS A 117 
A 6 7  O VAL A 114 ? O VAL A 114 N LYS A 107 ? N LYS A 107 
A 7 8  O ASN A 100 ? O ASN A 100 N TRP A 97  ? N TRP A 97  
A 8 9  O LYS A 96  ? O LYS A 96  N LYS A 81  ? N LYS A 81  
A 9 10 O ALA A 80  ? O ALA A 80  N GLU A 72  ? N GLU A 72  
# 
loop_
_struct_site.id 
_struct_site.pdbx_evidence_code 
_struct_site.pdbx_auth_asym_id 
_struct_site.pdbx_auth_comp_id 
_struct_site.pdbx_auth_seq_id 
_struct_site.pdbx_auth_ins_code 
_struct_site.pdbx_num_residues 
_struct_site.details 
AC1 Software A EPE 1001 ? 10 'BINDING SITE FOR RESIDUE EPE A 1001' 
AC2 Software A LDA 2001 ? 5  'BINDING SITE FOR RESIDUE LDA A 2001' 
# 
loop_
_struct_site_gen.id 
_struct_site_gen.site_id 
_struct_site_gen.pdbx_num_res 
_struct_site_gen.label_comp_id 
_struct_site_gen.label_asym_id 
_struct_site_gen.label_seq_id 
_struct_site_gen.pdbx_auth_ins_code 
_struct_site_gen.auth_comp_id 
_struct_site_gen.auth_asym_id 
_struct_site_gen.auth_seq_id 
_struct_site_gen.label_atom_id 
_struct_site_gen.label_alt_id 
_struct_site_gen.symmetry 
_struct_site_gen.details 
1  AC1 10 PHE A 16  ? PHE A 16   . ? 1_555 ? 
2  AC1 10 PRO A 38  ? PRO A 38   . ? 1_555 ? 
3  AC1 10 SER A 55  ? SER A 55   . ? 1_555 ? 
4  AC1 10 LYS A 58  ? LYS A 58   . ? 1_555 ? 
5  AC1 10 CYS A 117 ? CYS A 117  . ? 1_555 ? 
6  AC1 10 ARG A 126 ? ARG A 126  . ? 1_555 ? 
7  AC1 10 TYR A 128 ? TYR A 128  . ? 1_555 ? 
8  AC1 10 LDA C .   ? LDA A 2001 . ? 1_555 ? 
9  AC1 10 HOH D .   ? HOH A 2044 . ? 1_555 ? 
10 AC1 10 HOH D .   ? HOH A 2056 . ? 1_555 ? 
11 AC2 5  LEU A 23  ? LEU A 23   . ? 1_555 ? 
12 AC2 5  THR A 29  ? THR A 29   . ? 1_555 ? 
13 AC2 5  ALA A 75  ? ALA A 75   . ? 1_555 ? 
14 AC2 5  ASP A 76  ? ASP A 76   . ? 1_555 ? 
15 AC2 5  EPE B .   ? EPE A 1001 . ? 1_555 ? 
# 
_atom_sites.entry_id                    1YIV 
_atom_sites.fract_transf_matrix[1][1]   -0.01219844 
_atom_sites.fract_transf_matrix[1][2]   0.00335318 
_atom_sites.fract_transf_matrix[1][3]   -0.02177846 
_atom_sites.fract_transf_matrix[2][1]   -0.02255053 
_atom_sites.fract_transf_matrix[2][2]   0.01121679 
_atom_sites.fract_transf_matrix[2][3]   -0.00020602 
_atom_sites.fract_transf_matrix[3][1]   0.00352546 
_atom_sites.fract_transf_matrix[3][2]   0.00707140 
_atom_sites.fract_transf_matrix[3][3]   -0.00088589 
_atom_sites.fract_transf_vector[1]      0.094048 
_atom_sites.fract_transf_vector[2]      0.365084 
_atom_sites.fract_transf_vector[3]      0.087074 
# 
loop_
_atom_type.symbol 
C 
N 
O 
S 
# 
loop_
_atom_site.group_PDB 
_atom_site.id 
_atom_site.type_symbol 
_atom_site.label_atom_id 
_atom_site.label_alt_id 
_atom_site.label_comp_id 
_atom_site.label_asym_id 
_atom_site.label_entity_id 
_atom_site.label_seq_id 
_atom_site.pdbx_PDB_ins_code 
_atom_site.Cartn_x 
_atom_site.Cartn_y 
_atom_site.Cartn_z 
_atom_site.occupancy 
_atom_site.B_iso_or_equiv 
_atom_site.pdbx_formal_charge 
_atom_site.auth_seq_id 
_atom_site.auth_comp_id 
_atom_site.auth_asym_id 
_atom_site.auth_atom_id 
_atom_site.pdbx_PDB_model_num 
ATOM   1    N N   . SER A 1 1   ? 12.085  -7.798  -3.166  1.00 52.80  ? 1    SER A N   1 
ATOM   2    C CA  . SER A 1 1   ? 13.425  -7.467  -3.654  1.00 51.91  ? 1    SER A CA  1 
ATOM   3    C C   . SER A 1 1   ? 14.041  -6.397  -2.765  1.00 50.80  ? 1    SER A C   1 
ATOM   4    O O   . SER A 1 1   ? 13.390  -5.425  -2.334  1.00 49.72  ? 1    SER A O   1 
ATOM   5    C CB  . SER A 1 1   ? 13.401  -7.002  -5.122  1.00 53.71  ? 1    SER A CB  1 
ATOM   6    O OG  . SER A 1 1   ? 14.667  -7.090  -5.706  1.00 50.26  ? 1    SER A OG  1 
ATOM   7    N N   . ASN A 1 2   ? 15.346  -6.547  -2.575  1.00 48.89  ? 2    ASN A N   1 
ATOM   8    C CA  . ASN A 1 2   ? 16.120  -5.575  -1.846  1.00 48.24  ? 2    ASN A CA  1 
ATOM   9    C C   . ASN A 1 2   ? 16.156  -4.201  -2.560  1.00 47.33  ? 2    ASN A C   1 
ATOM   10   O O   . ASN A 1 2   ? 16.485  -3.181  -1.947  1.00 45.95  ? 2    ASN A O   1 
ATOM   11   C CB  . ASN A 1 2   ? 17.526  -6.152  -1.532  1.00 48.02  ? 2    ASN A CB  1 
ATOM   12   C CG  . ASN A 1 2   ? 18.434  -6.231  -2.752  1.00 48.60  ? 2    ASN A CG  1 
ATOM   13   O OD1 . ASN A 1 2   ? 19.677  -6.193  -2.615  1.00 55.33  ? 2    ASN A OD1 1 
ATOM   14   N ND2 . ASN A 1 2   ? 17.850  -6.383  -3.938  1.00 49.71  ? 2    ASN A ND2 1 
ATOM   15   N N   . LYS A 1 3   ? 15.740  -4.172  -3.828  1.00 47.12  ? 3    LYS A N   1 
ATOM   16   C CA  . LYS A 1 3   ? 15.570  -2.900  -4.552  1.00 46.65  ? 3    LYS A CA  1 
ATOM   17   C C   . LYS A 1 3   ? 14.669  -1.904  -3.839  1.00 45.97  ? 3    LYS A C   1 
ATOM   18   O O   . LYS A 1 3   ? 14.813  -0.702  -3.991  1.00 44.40  ? 3    LYS A O   1 
ATOM   19   C CB  . LYS A 1 3   ? 15.052  -3.126  -6.002  1.00 46.23  ? 3    LYS A CB  1 
ATOM   20   C CG  . LYS A 1 3   ? 16.060  -3.756  -7.045  1.00 46.36  ? 3    LYS A CG  1 
ATOM   21   C CD  A LYS A 1 3   ? 15.490  -3.537  -8.528  0.50 46.00  ? 3    LYS A CD  1 
ATOM   22   C CD  B LYS A 1 3   ? 15.472  -3.776  -8.499  0.50 46.45  ? 3    LYS A CD  1 
ATOM   23   C CE  A LYS A 1 3   ? 15.801  -2.138  -9.069  0.50 43.57  ? 3    LYS A CE  1 
ATOM   24   C CE  B LYS A 1 3   ? 15.597  -2.488  -9.254  0.50 43.52  ? 3    LYS A CE  1 
ATOM   25   N NZ  A LYS A 1 3   ? 14.866  -1.518  -10.141 0.50 43.14  ? 3    LYS A NZ  1 
ATOM   26   N NZ  B LYS A 1 3   ? 14.621  -2.435  -10.416 0.50 43.77  ? 3    LYS A NZ  1 
ATOM   27   N N   . PHE A 1 4   ? 13.701  -2.408  -3.087  1.00 47.51  ? 4    PHE A N   1 
ATOM   28   C CA  . PHE A 1 4   ? 12.632  -1.600  -2.510  1.00 46.73  ? 4    PHE A CA  1 
ATOM   29   C C   . PHE A 1 4   ? 12.920  -1.105  -1.102  1.00 46.70  ? 4    PHE A C   1 
ATOM   30   O O   . PHE A 1 4   ? 12.164  -0.290  -0.528  1.00 44.08  ? 4    PHE A O   1 
ATOM   31   C CB  . PHE A 1 4   ? 11.324  -2.390  -2.476  1.00 48.61  ? 4    PHE A CB  1 
ATOM   32   C CG  . PHE A 1 4   ? 10.610  -2.427  -3.782  1.00 47.99  ? 4    PHE A CG  1 
ATOM   33   C CD1 . PHE A 1 4   ? 9.709   -1.459  -4.109  1.00 50.02  ? 4    PHE A CD1 1 
ATOM   34   C CD2 . PHE A 1 4   ? 10.883  -3.422  -4.700  1.00 49.47  ? 4    PHE A CD2 1 
ATOM   35   C CE1 . PHE A 1 4   ? 9.099   -1.475  -5.365  1.00 52.02  ? 4    PHE A CE1 1 
ATOM   36   C CE2 . PHE A 1 4   ? 10.286  -3.435  -5.939  1.00 48.12  ? 4    PHE A CE2 1 
ATOM   37   C CZ  . PHE A 1 4   ? 9.436   -2.506  -6.276  1.00 49.75  ? 4    PHE A CZ  1 
ATOM   38   N N   . LEU A 1 5   ? 14.004  -1.588  -0.522  1.00 46.25  ? 5    LEU A N   1 
ATOM   39   C CA  . LEU A 1 5   ? 14.332  -1.246  0.872   1.00 46.57  ? 5    LEU A CA  1 
ATOM   40   C C   . LEU A 1 5   ? 14.649  0.228   1.088   1.00 46.61  ? 5    LEU A C   1 
ATOM   41   O O   . LEU A 1 5   ? 15.330  0.837   0.312   1.00 46.82  ? 5    LEU A O   1 
ATOM   42   C CB  . LEU A 1 5   ? 15.524  -2.059  1.346   1.00 46.47  ? 5    LEU A CB  1 
ATOM   43   C CG  . LEU A 1 5   ? 15.386  -3.561  1.085   1.00 46.80  ? 5    LEU A CG  1 
ATOM   44   C CD1 . LEU A 1 5   ? 16.557  -4.316  1.674   1.00 49.59  ? 5    LEU A CD1 1 
ATOM   45   C CD2 . LEU A 1 5   ? 14.023  -4.074  1.597   1.00 47.94  ? 5    LEU A CD2 1 
ATOM   46   N N   . GLY A 1 6   ? 14.180  0.776   2.185   1.00 45.98  ? 6    GLY A N   1 
ATOM   47   C CA  . GLY A 1 6   ? 14.456  2.157   2.516   1.00 47.09  ? 6    GLY A CA  1 
ATOM   48   C C   . GLY A 1 6   ? 13.235  2.822   3.137   1.00 46.90  ? 6    GLY A C   1 
ATOM   49   O O   . GLY A 1 6   ? 12.276  2.135   3.521   1.00 46.42  ? 6    GLY A O   1 
ATOM   50   N N   . THR A 1 7   ? 13.285  4.149   3.193   1.00 47.13  ? 7    THR A N   1 
ATOM   51   C CA  . THR A 1 7   ? 12.208  4.974   3.725   1.00 47.24  ? 7    THR A CA  1 
ATOM   52   C C   . THR A 1 7   ? 11.736  5.886   2.634   1.00 47.42  ? 7    THR A C   1 
ATOM   53   O O   . THR A 1 7   ? 12.546  6.561   1.988   1.00 47.23  ? 7    THR A O   1 
ATOM   54   C CB  . THR A 1 7   ? 12.743  5.807   4.857   1.00 47.58  ? 7    THR A CB  1 
ATOM   55   O OG1 . THR A 1 7   ? 13.368  4.918   5.773   1.00 47.59  ? 7    THR A OG1 1 
ATOM   56   C CG2 . THR A 1 7   ? 11.641  6.565   5.572   1.00 46.64  ? 7    THR A CG2 1 
ATOM   57   N N   . TRP A 1 8   ? 10.413  5.950   2.469   1.00 47.25  ? 8    TRP A N   1 
ATOM   58   C CA  . TRP A 1 8   ? 9.815   6.622   1.359   1.00 46.86  ? 8    TRP A CA  1 
ATOM   59   C C   . TRP A 1 8   ? 8.742   7.549   1.919   1.00 47.15  ? 8    TRP A C   1 
ATOM   60   O O   . TRP A 1 8   ? 7.896   7.138   2.700   1.00 46.34  ? 8    TRP A O   1 
ATOM   61   C CB  . TRP A 1 8   ? 9.214   5.617   0.361   1.00 46.89  ? 8    TRP A CB  1 
ATOM   62   C CG  . TRP A 1 8   ? 10.091  4.532   -0.111  1.00 45.47  ? 8    TRP A CG  1 
ATOM   63   C CD1 . TRP A 1 8   ? 10.365  3.356   0.525   1.00 44.27  ? 8    TRP A CD1 1 
ATOM   64   C CD2 . TRP A 1 8   ? 10.792  4.491   -1.359  1.00 47.10  ? 8    TRP A CD2 1 
ATOM   65   N NE1 . TRP A 1 8   ? 11.219  2.596   -0.239  1.00 45.95  ? 8    TRP A NE1 1 
ATOM   66   C CE2 . TRP A 1 8   ? 11.500  3.268   -1.400  1.00 45.39  ? 8    TRP A CE2 1 
ATOM   67   C CE3 . TRP A 1 8   ? 10.902  5.378   -2.442  1.00 47.74  ? 8    TRP A CE3 1 
ATOM   68   C CZ2 . TRP A 1 8   ? 12.263  2.896   -2.485  1.00 46.96  ? 8    TRP A CZ2 1 
ATOM   69   C CZ3 . TRP A 1 8   ? 11.682  5.014   -3.524  1.00 46.54  ? 8    TRP A CZ3 1 
ATOM   70   C CH2 . TRP A 1 8   ? 12.340  3.776   -3.552  1.00 47.45  ? 8    TRP A CH2 1 
ATOM   71   N N   . LYS A 1 9   ? 8.799   8.817   1.528   1.00 47.18  ? 9    LYS A N   1 
ATOM   72   C CA  . LYS A 1 9   ? 7.861   9.811   2.031   1.00 46.31  ? 9    LYS A CA  1 
ATOM   73   C C   . LYS A 1 9   ? 6.896   10.197  0.927   1.00 45.83  ? 9    LYS A C   1 
ATOM   74   O O   . LYS A 1 9   ? 7.327   10.356  -0.202  1.00 44.50  ? 9    LYS A O   1 
ATOM   75   C CB  . LYS A 1 9   ? 8.689   11.008  2.461   1.00 47.66  ? 9    LYS A CB  1 
ATOM   76   C CG  . LYS A 1 9   ? 7.909   12.191  2.992   1.00 49.15  ? 9    LYS A CG  1 
ATOM   77   C CD  . LYS A 1 9   ? 6.916   11.858  4.142   1.00 51.25  ? 9    LYS A CD  1 
ATOM   78   C CE  . LYS A 1 9   ? 6.150   13.162  4.489   1.00 51.29  ? 9    LYS A CE  1 
ATOM   79   N NZ  . LYS A 1 9   ? 5.167   13.485  3.339   1.00 54.54  ? 9    LYS A NZ  1 
ATOM   80   N N   . LEU A 1 10  ? 5.588   10.305  1.229   1.00 45.45  ? 10   LEU A N   1 
ATOM   81   C CA  . LEU A 1 10  ? 4.575   10.713  0.221   1.00 45.82  ? 10   LEU A CA  1 
ATOM   82   C C   . LEU A 1 10  ? 4.858   12.132  -0.237  1.00 45.20  ? 10   LEU A C   1 
ATOM   83   O O   . LEU A 1 10  ? 4.950   13.037  0.587   1.00 45.09  ? 10   LEU A O   1 
ATOM   84   C CB  . LEU A 1 10  ? 3.130   10.738  0.806   1.00 46.56  ? 10   LEU A CB  1 
ATOM   85   C CG  . LEU A 1 10  ? 2.018   10.927  -0.248  1.00 45.72  ? 10   LEU A CG  1 
ATOM   86   C CD1 . LEU A 1 10  ? 1.865   9.680   -1.086  1.00 44.82  ? 10   LEU A CD1 1 
ATOM   87   C CD2 . LEU A 1 10  ? 0.687   11.343  0.371   1.00 46.66  ? 10   LEU A CD2 1 
ATOM   88   N N   . VAL A 1 11  ? 4.966   12.326  -1.545  1.00 44.90  ? 11   VAL A N   1 
ATOM   89   C CA  . VAL A 1 11  ? 5.114   13.672  -2.095  1.00 44.61  ? 11   VAL A CA  1 
ATOM   90   C C   . VAL A 1 11  ? 3.954   14.051  -3.022  1.00 44.50  ? 11   VAL A C   1 
ATOM   91   O O   . VAL A 1 11  ? 3.838   15.194  -3.347  1.00 42.84  ? 11   VAL A O   1 
ATOM   92   C CB  . VAL A 1 11  ? 6.462   13.869  -2.780  1.00 44.16  ? 11   VAL A CB  1 
ATOM   93   C CG1 . VAL A 1 11  ? 7.580   13.733  -1.787  1.00 46.22  ? 11   VAL A CG1 1 
ATOM   94   C CG2 . VAL A 1 11  ? 6.718   12.806  -3.855  1.00 46.00  ? 11   VAL A CG2 1 
ATOM   95   N N   . SER A 1 12  ? 3.113   13.091  -3.425  1.00 44.75  ? 12   SER A N   1 
ATOM   96   C CA  . SER A 1 12  ? 1.993   13.321  -4.330  1.00 45.20  ? 12   SER A CA  1 
ATOM   97   C C   . SER A 1 12  ? 0.913   12.295  -4.182  1.00 44.84  ? 12   SER A C   1 
ATOM   98   O O   . SER A 1 12  ? 1.205   11.119  -3.975  1.00 44.56  ? 12   SER A O   1 
ATOM   99   C CB  . SER A 1 12  ? 2.493   13.194  -5.771  1.00 46.08  ? 12   SER A CB  1 
ATOM   100  O OG  . SER A 1 12  ? 3.055   14.428  -6.135  1.00 50.03  ? 12   SER A OG  1 
ATOM   101  N N   . SER A 1 13  ? -0.329  12.706  -4.403  1.00 44.95  ? 13   SER A N   1 
ATOM   102  C CA  . SER A 1 13  ? -1.460  11.785  -4.434  1.00 45.75  ? 13   SER A CA  1 
ATOM   103  C C   . SER A 1 13  ? -2.489  12.253  -5.476  1.00 46.52  ? 13   SER A C   1 
ATOM   104  O O   . SER A 1 13  ? -2.781  13.445  -5.570  1.00 46.84  ? 13   SER A O   1 
ATOM   105  C CB  . SER A 1 13  ? -2.081  11.704  -3.041  1.00 46.27  ? 13   SER A CB  1 
ATOM   106  O OG  . SER A 1 13  ? -3.179  10.793  -2.980  1.00 46.11  ? 13   SER A OG  1 
ATOM   107  N N   . GLU A 1 14  ? -3.010  11.334  -6.278  1.00 47.10  ? 14   GLU A N   1 
ATOM   108  C CA  . GLU A 1 14  ? -4.103  11.638  -7.195  1.00 47.08  ? 14   GLU A CA  1 
ATOM   109  C C   . GLU A 1 14  ? -5.232  10.623  -6.980  1.00 46.74  ? 14   GLU A C   1 
ATOM   110  O O   . GLU A 1 14  ? -5.000  9.422   -7.037  1.00 47.29  ? 14   GLU A O   1 
ATOM   111  C CB  . GLU A 1 14  ? -3.610  11.577  -8.653  1.00 48.03  ? 14   GLU A CB  1 
ATOM   112  C CG  . GLU A 1 14  ? -4.749  11.970  -9.629  1.00 48.33  ? 14   GLU A CG  1 
ATOM   113  C CD  . GLU A 1 14  ? -4.405  11.827  -11.105 1.00 48.75  ? 14   GLU A CD  1 
ATOM   114  O OE1 . GLU A 1 14  ? -4.642  12.788  -11.866 1.00 48.32  ? 14   GLU A OE1 1 
ATOM   115  O OE2 . GLU A 1 14  ? -3.905  10.758  -11.498 1.00 56.00  ? 14   GLU A OE2 1 
ATOM   116  N N   . ASN A 1 15  ? -6.452  11.078  -6.718  1.00 47.18  ? 15   ASN A N   1 
ATOM   117  C CA  . ASN A 1 15  ? -7.642  10.202  -6.662  1.00 46.95  ? 15   ASN A CA  1 
ATOM   118  C C   . ASN A 1 15  ? -7.814  9.281   -5.449  1.00 45.95  ? 15   ASN A C   1 
ATOM   119  O O   . ASN A 1 15  ? -8.433  8.219   -5.561  1.00 45.51  ? 15   ASN A O   1 
ATOM   120  C CB  . ASN A 1 15  ? -7.724  9.347   -7.934  1.00 48.42  ? 15   ASN A CB  1 
ATOM   121  C CG  . ASN A 1 15  ? -8.388  10.056  -9.061  1.00 51.93  ? 15   ASN A CG  1 
ATOM   122  O OD1 . ASN A 1 15  ? -9.093  11.045  -8.846  1.00 57.59  ? 15   ASN A OD1 1 
ATOM   123  N ND2 . ASN A 1 15  ? -8.181  9.556   -10.298 1.00 53.47  ? 15   ASN A ND2 1 
ATOM   124  N N   . PHE A 1 16  ? -7.271  9.671   -4.300  1.00 45.04  ? 16   PHE A N   1 
ATOM   125  C CA  . PHE A 1 16  ? -7.251  8.806   -3.114  1.00 45.01  ? 16   PHE A CA  1 
ATOM   126  C C   . PHE A 1 16  ? -8.616  8.812   -2.435  1.00 44.20  ? 16   PHE A C   1 
ATOM   127  O O   . PHE A 1 16  ? -9.086  7.778   -1.974  1.00 43.37  ? 16   PHE A O   1 
ATOM   128  C CB  . PHE A 1 16  ? -6.132  9.255   -2.133  1.00 44.41  ? 16   PHE A CB  1 
ATOM   129  C CG  . PHE A 1 16  ? -5.908  8.335   -0.960  1.00 44.19  ? 16   PHE A CG  1 
ATOM   130  C CD1 . PHE A 1 16  ? -5.676  6.986   -1.149  1.00 44.73  ? 16   PHE A CD1 1 
ATOM   131  C CD2 . PHE A 1 16  ? -5.836  8.830   0.330   1.00 43.80  ? 16   PHE A CD2 1 
ATOM   132  C CE1 . PHE A 1 16  ? -5.455  6.153   -0.101  1.00 42.22  ? 16   PHE A CE1 1 
ATOM   133  C CE2 . PHE A 1 16  ? -5.598  7.992   1.377   1.00 45.59  ? 16   PHE A CE2 1 
ATOM   134  C CZ  . PHE A 1 16  ? -5.380  6.628   1.142   1.00 45.28  ? 16   PHE A CZ  1 
ATOM   135  N N   . ASP A 1 17  ? -9.261  9.969   -2.393  1.00 44.28  ? 17   ASP A N   1 
ATOM   136  C CA  . ASP A 1 17  ? -10.609 10.031  -1.836  1.00 45.18  ? 17   ASP A CA  1 
ATOM   137  C C   . ASP A 1 17  ? -11.553 9.059   -2.549  1.00 45.89  ? 17   ASP A C   1 
ATOM   138  O O   . ASP A 1 17  ? -12.276 8.283   -1.933  1.00 46.65  ? 17   ASP A O   1 
ATOM   139  C CB  . ASP A 1 17  ? -11.223 11.439  -1.959  1.00 45.44  ? 17   ASP A CB  1 
ATOM   140  C CG  . ASP A 1 17  ? -12.384 11.631  -1.027  1.00 44.58  ? 17   ASP A CG  1 
ATOM   141  O OD1 . ASP A 1 17  ? -12.223 11.229  0.150   1.00 42.50  ? 17   ASP A OD1 1 
ATOM   142  O OD2 . ASP A 1 17  ? -13.449 12.161  -1.460  1.00 47.38  ? 17   ASP A OD2 1 
ATOM   143  N N   . ASP A 1 18  ? -11.560 9.138   -3.861  1.00 46.18  ? 18   ASP A N   1 
ATOM   144  C CA  . ASP A 1 18  ? -12.406 8.274   -4.645  1.00 46.16  ? 18   ASP A CA  1 
ATOM   145  C C   . ASP A 1 18  ? -11.989 6.810   -4.486  1.00 45.84  ? 18   ASP A C   1 
ATOM   146  O O   . ASP A 1 18  ? -12.840 5.921   -4.539  1.00 44.78  ? 18   ASP A O   1 
ATOM   147  C CB  . ASP A 1 18  ? -12.359 8.702   -6.111  1.00 47.03  ? 18   ASP A CB  1 
ATOM   148  C CG  . ASP A 1 18  ? -13.343 9.833   -6.443  1.00 49.56  ? 18   ASP A CG  1 
ATOM   149  O OD1 . ASP A 1 18  ? -14.138 10.321  -5.588  1.00 54.04  ? 18   ASP A OD1 1 
ATOM   150  O OD2 . ASP A 1 18  ? -13.337 10.237  -7.619  1.00 56.04  ? 18   ASP A OD2 1 
ATOM   151  N N   . TYR A 1 19  ? -10.684 6.560   -4.281  1.00 45.96  ? 19   TYR A N   1 
ATOM   152  C CA  . TYR A 1 19  ? -10.178 5.182   -4.075  1.00 45.29  ? 19   TYR A CA  1 
ATOM   153  C C   . TYR A 1 19  ? -10.775 4.646   -2.778  1.00 45.23  ? 19   TYR A C   1 
ATOM   154  O O   . TYR A 1 19  ? -11.373 3.583   -2.810  1.00 44.40  ? 19   TYR A O   1 
ATOM   155  C CB  . TYR A 1 19  ? -8.644  5.097   -4.123  1.00 44.71  ? 19   TYR A CB  1 
ATOM   156  C CG  . TYR A 1 19  ? -8.088  3.702   -3.821  1.00 44.62  ? 19   TYR A CG  1 
ATOM   157  C CD1 . TYR A 1 19  ? -8.209  2.672   -4.725  1.00 45.10  ? 19   TYR A CD1 1 
ATOM   158  C CD2 . TYR A 1 19  ? -7.450  3.436   -2.626  1.00 44.25  ? 19   TYR A CD2 1 
ATOM   159  C CE1 . TYR A 1 19  ? -7.715  1.390   -4.427  1.00 44.95  ? 19   TYR A CE1 1 
ATOM   160  C CE2 . TYR A 1 19  ? -6.972  2.170   -2.305  1.00 45.60  ? 19   TYR A CE2 1 
ATOM   161  C CZ  . TYR A 1 19  ? -7.105  1.138   -3.223  1.00 43.89  ? 19   TYR A CZ  1 
ATOM   162  O OH  . TYR A 1 19  ? -6.638  -0.127  -2.908  1.00 42.10  ? 19   TYR A OH  1 
ATOM   163  N N   . MET A 1 20  ? -10.645 5.378   -1.666  1.00 45.39  ? 20   MET A N   1 
ATOM   164  C CA  . MET A 1 20  ? -11.193 4.930   -0.372  1.00 46.39  ? 20   MET A CA  1 
ATOM   165  C C   . MET A 1 20  ? -12.731 4.766   -0.471  1.00 46.27  ? 20   MET A C   1 
ATOM   166  O O   . MET A 1 20  ? -13.305 3.858   0.110   1.00 46.70  ? 20   MET A O   1 
ATOM   167  C CB  . MET A 1 20  ? -10.866 5.910   0.770   1.00 45.48  ? 20   MET A CB  1 
ATOM   168  C CG  . MET A 1 20  ? -9.429  6.004   1.198   1.00 47.17  ? 20   MET A CG  1 
ATOM   169  S SD  . MET A 1 20  ? -9.159  7.141   2.613   1.00 46.26  ? 20   MET A SD  1 
ATOM   170  C CE  . MET A 1 20  ? -9.188  8.722   1.807   1.00 44.73  ? 20   MET A CE  1 
ATOM   171  N N   . LYS A 1 21  ? -13.368 5.680   -1.172  1.00 46.70  ? 21   LYS A N   1 
ATOM   172  C CA  . LYS A 1 21  ? -14.829 5.602   -1.442  1.00 48.35  ? 21   LYS A CA  1 
ATOM   173  C C   . LYS A 1 21  ? -15.177 4.184   -1.956  1.00 49.07  ? 21   LYS A C   1 
ATOM   174  O O   . LYS A 1 21  ? -15.992 3.474   -1.352  1.00 49.65  ? 21   LYS A O   1 
ATOM   175  C CB  . LYS A 1 21  ? -15.215 6.625   -2.536  1.00 48.54  ? 21   LYS A CB  1 
ATOM   176  C CG  . LYS A 1 21  ? -16.292 7.652   -2.194  1.00 49.40  ? 21   LYS A CG  1 
ATOM   177  C CD  . LYS A 1 21  ? -15.996 8.986   -2.897  1.00 49.28  ? 21   LYS A CD  1 
ATOM   178  C CE  . LYS A 1 21  ? -17.196 9.830   -3.032  1.00 50.32  ? 21   LYS A CE  1 
ATOM   179  N NZ  . LYS A 1 21  ? -18.008 9.764   -1.789  1.00 54.49  ? 21   LYS A NZ  1 
ATOM   180  N N   . ALA A 1 22  ? -14.507 3.794   -3.053  1.00 48.95  ? 22   ALA A N   1 
ATOM   181  C CA  . ALA A 1 22  ? -14.707 2.521   -3.749  1.00 48.49  ? 22   ALA A CA  1 
ATOM   182  C C   . ALA A 1 22  ? -14.420 1.318   -2.842  1.00 48.95  ? 22   ALA A C   1 
ATOM   183  O O   . ALA A 1 22  ? -14.977 0.247   -3.048  1.00 49.94  ? 22   ALA A O   1 
ATOM   184  C CB  . ALA A 1 22  ? -13.798 2.468   -4.894  1.00 49.16  ? 22   ALA A CB  1 
ATOM   185  N N   . LEU A 1 23  ? -13.558 1.490   -1.843  1.00 47.22  ? 23   LEU A N   1 
ATOM   186  C CA  . LEU A 1 23  ? -13.338 0.426   -0.876  1.00 47.63  ? 23   LEU A CA  1 
ATOM   187  C C   . LEU A 1 23  ? -14.363 0.402   0.235   1.00 47.46  ? 23   LEU A C   1 
ATOM   188  O O   . LEU A 1 23  ? -14.273 -0.444  1.115   1.00 47.86  ? 23   LEU A O   1 
ATOM   189  C CB  . LEU A 1 23  ? -11.996 0.596   -0.200  1.00 46.82  ? 23   LEU A CB  1 
ATOM   190  C CG  . LEU A 1 23  ? -10.746 0.524   -1.021  1.00 46.09  ? 23   LEU A CG  1 
ATOM   191  C CD1 . LEU A 1 23  ? -9.603  1.026   -0.161  1.00 45.88  ? 23   LEU A CD1 1 
ATOM   192  C CD2 . LEU A 1 23  ? -10.503 -0.869  -1.504  1.00 47.72  ? 23   LEU A CD2 1 
ATOM   193  N N   . GLY A 1 24  ? -15.295 1.358   0.231   1.00 47.67  ? 24   GLY A N   1 
ATOM   194  C CA  . GLY A 1 24  ? -16.333 1.459   1.265   1.00 47.74  ? 24   GLY A CA  1 
ATOM   195  C C   . GLY A 1 24  ? -15.890 2.109   2.582   1.00 47.79  ? 24   GLY A C   1 
ATOM   196  O O   . GLY A 1 24  ? -16.547 1.914   3.607   1.00 49.70  ? 24   GLY A O   1 
ATOM   197  N N   . VAL A 1 25  ? -14.834 2.923   2.567   1.00 46.88  ? 25   VAL A N   1 
ATOM   198  C CA  . VAL A 1 25  ? -14.428 3.706   3.759   1.00 46.65  ? 25   VAL A CA  1 
ATOM   199  C C   . VAL A 1 25  ? -15.401 4.860   4.002   1.00 46.54  ? 25   VAL A C   1 
ATOM   200  O O   . VAL A 1 25  ? -15.695 5.603   3.078   1.00 47.09  ? 25   VAL A O   1 
ATOM   201  C CB  . VAL A 1 25  ? -13.048 4.342   3.565   1.00 46.25  ? 25   VAL A CB  1 
ATOM   202  C CG1 . VAL A 1 25  ? -12.723 5.264   4.692   1.00 47.35  ? 25   VAL A CG1 1 
ATOM   203  C CG2 . VAL A 1 25  ? -11.974 3.262   3.402   1.00 46.07  ? 25   VAL A CG2 1 
ATOM   204  N N   . GLY A 1 26  ? -15.869 5.021   5.234   1.00 46.06  ? 26   GLY A N   1 
ATOM   205  C CA  . GLY A 1 26  ? -16.761 6.134   5.593   1.00 46.74  ? 26   GLY A CA  1 
ATOM   206  C C   . GLY A 1 26  ? -16.164 7.542   5.603   1.00 46.61  ? 26   GLY A C   1 
ATOM   207  O O   . GLY A 1 26  ? -14.981 7.709   5.766   1.00 46.72  ? 26   GLY A O   1 
ATOM   208  N N   . LEU A 1 27  ? -17.019 8.550   5.462   1.00 47.00  ? 27   LEU A N   1 
ATOM   209  C CA  . LEU A 1 27  ? -16.621 9.973   5.381   1.00 47.65  ? 27   LEU A CA  1 
ATOM   210  C C   . LEU A 1 27  ? -15.572 10.365  6.431   1.00 48.21  ? 27   LEU A C   1 
ATOM   211  O O   . LEU A 1 27  ? -14.526 10.923  6.117   1.00 48.44  ? 27   LEU A O   1 
ATOM   212  C CB  . LEU A 1 27  ? -17.882 10.893  5.505   1.00 47.58  ? 27   LEU A CB  1 
ATOM   213  C CG  . LEU A 1 27  ? -17.726 12.420  5.324   1.00 47.38  ? 27   LEU A CG  1 
ATOM   214  C CD1 . LEU A 1 27  ? -16.766 12.744  4.183   1.00 48.87  ? 27   LEU A CD1 1 
ATOM   215  C CD2 . LEU A 1 27  ? -19.036 13.148  5.066   1.00 48.11  ? 27   LEU A CD2 1 
ATOM   216  N N   . ALA A 1 28  ? -15.864 10.055  7.691   1.00 49.03  ? 28   ALA A N   1 
ATOM   217  C CA  . ALA A 1 28  ? -15.039 10.526  8.814   1.00 48.59  ? 28   ALA A CA  1 
ATOM   218  C C   . ALA A 1 28  ? -13.655 9.931   8.770   1.00 48.24  ? 28   ALA A C   1 
ATOM   219  O O   . ALA A 1 28  ? -12.692 10.620  9.033   1.00 49.22  ? 28   ALA A O   1 
ATOM   220  C CB  . ALA A 1 28  ? -15.691 10.220  10.126  1.00 49.01  ? 28   ALA A CB  1 
ATOM   221  N N   . THR A 1 29  ? -13.549 8.658   8.439   1.00 48.00  ? 29   THR A N   1 
ATOM   222  C CA  . THR A 1 29  ? -12.224 8.050   8.210   1.00 47.60  ? 29   THR A CA  1 
ATOM   223  C C   . THR A 1 29  ? -11.542 8.612   6.956   1.00 46.89  ? 29   THR A C   1 
ATOM   224  O O   . THR A 1 29  ? -10.309 8.820   6.947   1.00 47.11  ? 29   THR A O   1 
ATOM   225  C CB  . THR A 1 29  ? -12.335 6.535   8.106   1.00 47.50  ? 29   THR A CB  1 
ATOM   226  O OG1 . THR A 1 29  ? -12.866 6.038   9.324   1.00 50.36  ? 29   THR A OG1 1 
ATOM   227  C CG2 . THR A 1 29  ? -10.993 5.893   7.875   1.00 47.84  ? 29   THR A CG2 1 
ATOM   228  N N   . ARG A 1 30  ? -12.327 8.818   5.899   1.00 45.56  ? 30   ARG A N   1 
ATOM   229  C CA  . ARG A 1 30  ? -11.822 9.428   4.683   1.00 46.49  ? 30   ARG A CA  1 
ATOM   230  C C   . ARG A 1 30  ? -11.189 10.806  4.931   1.00 46.57  ? 30   ARG A C   1 
ATOM   231  O O   . ARG A 1 30  ? -10.115 11.091  4.374   1.00 47.06  ? 30   ARG A O   1 
ATOM   232  C CB  . ARG A 1 30  ? -12.883 9.466   3.566   1.00 45.96  ? 30   ARG A CB  1 
ATOM   233  C CG  . ARG A 1 30  ? -12.763 8.305   2.620   1.00 46.79  ? 30   ARG A CG  1 
ATOM   234  C CD  . ARG A 1 30  ? -13.932 8.045   1.712   1.00 47.89  ? 30   ARG A CD  1 
ATOM   235  N NE  . ARG A 1 30  ? -14.559 9.262   1.272   1.00 50.41  ? 30   ARG A NE  1 
ATOM   236  C CZ  . ARG A 1 30  ? -15.859 9.557   1.402   1.00 53.04  ? 30   ARG A CZ  1 
ATOM   237  N NH1 . ARG A 1 30  ? -16.749 8.700   1.923   1.00 52.93  ? 30   ARG A NH1 1 
ATOM   238  N NH2 . ARG A 1 30  ? -16.285 10.729  0.965   1.00 52.55  ? 30   ARG A NH2 1 
ATOM   239  N N   . LYS A 1 31  ? -11.816 11.648  5.757   1.00 46.68  ? 31   LYS A N   1 
ATOM   240  C CA  . LYS A 1 31  ? -11.250 12.982  6.061   1.00 47.02  ? 31   LYS A CA  1 
ATOM   241  C C   . LYS A 1 31  ? -9.809  12.877  6.687   1.00 47.61  ? 31   LYS A C   1 
ATOM   242  O O   . LYS A 1 31  ? -8.918  13.688  6.399   1.00 48.23  ? 31   LYS A O   1 
ATOM   243  C CB  . LYS A 1 31  ? -12.207 13.814  6.934   1.00 47.04  ? 31   LYS A CB  1 
ATOM   244  C CG  . LYS A 1 31  ? -13.440 14.340  6.230   0.50 47.29  ? 31   LYS A CG  1 
ATOM   245  C CD  . LYS A 1 31  ? -14.380 15.039  7.216   0.50 47.31  ? 31   LYS A CD  1 
ATOM   246  C CE  . LYS A 1 31  ? -15.505 15.758  6.511   0.50 46.59  ? 31   LYS A CE  1 
ATOM   247  N NZ  . LYS A 1 31  ? -16.270 16.603  7.489   1.00 51.72  ? 31   LYS A NZ  1 
ATOM   248  N N   . LEU A 1 32  ? -9.569  11.857  7.500   1.00 47.09  ? 32   LEU A N   1 
ATOM   249  C CA  . LEU A 1 32  ? -8.241  11.629  8.058   1.00 46.70  ? 32   LEU A CA  1 
ATOM   250  C C   . LEU A 1 32  ? -7.286  11.079  7.011   1.00 47.02  ? 32   LEU A C   1 
ATOM   251  O O   . LEU A 1 32  ? -6.117  11.458  6.934   1.00 47.20  ? 32   LEU A O   1 
ATOM   252  C CB  . LEU A 1 32  ? -8.338  10.644  9.204   1.00 46.06  ? 32   LEU A CB  1 
ATOM   253  C CG  . LEU A 1 32  ? -9.260  11.090  10.327  1.00 47.20  ? 32   LEU A CG  1 
ATOM   254  C CD1 . LEU A 1 32  ? -9.182  10.043  11.450  1.00 49.02  ? 32   LEU A CD1 1 
ATOM   255  C CD2 . LEU A 1 32  ? -8.851  12.475  10.796  1.00 44.16  ? 32   LEU A CD2 1 
ATOM   256  N N   . GLY A 1 33  ? -7.796  10.176  6.194   1.00 47.55  ? 33   GLY A N   1 
ATOM   257  C CA  . GLY A 1 33  ? -6.976  9.533   5.175   1.00 47.63  ? 33   GLY A CA  1 
ATOM   258  C C   . GLY A 1 33  ? -6.482  10.534  4.157   1.00 47.99  ? 33   GLY A C   1 
ATOM   259  O O   . GLY A 1 33  ? -5.412  10.378  3.599   1.00 48.01  ? 33   GLY A O   1 
ATOM   260  N N   . ASN A 1 34  ? -7.272  11.560  3.894   1.00 47.90  ? 34   ASN A N   1 
ATOM   261  C CA  . ASN A 1 34  ? -6.845  12.590  2.965   1.00 47.86  ? 34   ASN A CA  1 
ATOM   262  C C   . ASN A 1 34  ? -5.858  13.588  3.607   1.00 48.08  ? 34   ASN A C   1 
ATOM   263  O O   . ASN A 1 34  ? -5.016  14.123  2.910   1.00 48.72  ? 34   ASN A O   1 
ATOM   264  C CB  . ASN A 1 34  ? -8.055  13.287  2.345   1.00 47.81  ? 34   ASN A CB  1 
ATOM   265  C CG  . ASN A 1 34  ? -8.862  12.369  1.452   1.00 47.63  ? 34   ASN A CG  1 
ATOM   266  O OD1 . ASN A 1 34  ? -8.322  11.752  0.537   1.00 50.90  ? 34   ASN A OD1 1 
ATOM   267  N ND2 . ASN A 1 34  ? -10.162 12.304  1.686   1.00 47.71  ? 34   ASN A ND2 1 
ATOM   268  N N   . LEU A 1 35  ? -5.923  13.820  4.919   1.00 48.01  ? 35   LEU A N   1 
ATOM   269  C CA  . LEU A 1 35  ? -4.871  14.619  5.594   1.00 47.80  ? 35   LEU A CA  1 
ATOM   270  C C   . LEU A 1 35  ? -3.563  13.893  5.887   1.00 47.63  ? 35   LEU A C   1 
ATOM   271  O O   . LEU A 1 35  ? -2.598  14.546  6.221   1.00 46.79  ? 35   LEU A O   1 
ATOM   272  C CB  . LEU A 1 35  ? -5.366  15.195  6.924   1.00 48.40  ? 35   LEU A CB  1 
ATOM   273  C CG  . LEU A 1 35  ? -6.624  16.053  6.930   1.00 49.48  ? 35   LEU A CG  1 
ATOM   274  C CD1 . LEU A 1 35  ? -7.063  16.312  8.354   1.00 48.65  ? 35   LEU A CD1 1 
ATOM   275  C CD2 . LEU A 1 35  ? -6.393  17.357  6.179   1.00 51.35  ? 35   LEU A CD2 1 
ATOM   276  N N   . ALA A 1 36  ? -3.528  12.563  5.804   1.00 47.57  ? 36   ALA A N   1 
ATOM   277  C CA  . ALA A 1 36  ? -2.285  11.806  6.068   1.00 47.78  ? 36   ALA A CA  1 
ATOM   278  C C   . ALA A 1 36  ? -1.193  12.086  5.035   1.00 48.46  ? 36   ALA A C   1 
ATOM   279  O O   . ALA A 1 36  ? -1.467  12.168  3.806   1.00 48.62  ? 36   ALA A O   1 
ATOM   280  C CB  . ALA A 1 36  ? -2.559  10.263  6.109   1.00 46.97  ? 36   ALA A CB  1 
ATOM   281  N N   . LYS A 1 37  ? 0.045   12.196  5.522   1.00 48.71  ? 37   LYS A N   1 
ATOM   282  C CA  . LYS A 1 37  ? 1.212   12.233  4.645   1.00 49.32  ? 37   LYS A CA  1 
ATOM   283  C C   . LYS A 1 37  ? 2.204   11.128  5.053   1.00 49.91  ? 37   LYS A C   1 
ATOM   284  O O   . LYS A 1 37  ? 3.207   11.356  5.731   1.00 49.34  ? 37   LYS A O   1 
ATOM   285  C CB  . LYS A 1 37  ? 1.820   13.647  4.677   1.00 50.46  ? 37   LYS A CB  1 
ATOM   286  C CG  . LYS A 1 37  ? 1.037   14.640  3.825   0.50 48.81  ? 37   LYS A CG  1 
ATOM   287  C CD  . LYS A 1 37  ? 1.795   15.919  3.698   0.50 49.04  ? 37   LYS A CD  1 
ATOM   288  C CE  . LYS A 1 37  ? 0.919   17.032  3.129   0.50 48.57  ? 37   LYS A CE  1 
ATOM   289  N NZ  . LYS A 1 37  ? 1.668   18.324  3.087   0.50 48.07  ? 37   LYS A NZ  1 
ATOM   290  N N   . PRO A 1 38  ? 1.901   9.894   4.665   1.00 49.71  ? 38   PRO A N   1 
ATOM   291  C CA  . PRO A 1 38  ? 2.595   8.794   5.356   1.00 49.53  ? 38   PRO A CA  1 
ATOM   292  C C   . PRO A 1 38  ? 4.040   8.570   4.943   1.00 49.19  ? 38   PRO A C   1 
ATOM   293  O O   . PRO A 1 38  ? 4.500   9.008   3.871   1.00 49.77  ? 38   PRO A O   1 
ATOM   294  C CB  . PRO A 1 38  ? 1.764   7.560   4.972   1.00 50.17  ? 38   PRO A CB  1 
ATOM   295  C CG  . PRO A 1 38  ? 0.762   8.031   3.982   1.00 50.18  ? 38   PRO A CG  1 
ATOM   296  C CD  . PRO A 1 38  ? 0.991   9.429   3.615   1.00 49.89  ? 38   PRO A CD  1 
ATOM   297  N N   . THR A 1 39  ? 4.734   7.826   5.778   1.00 49.16  ? 39   THR A N   1 
ATOM   298  C CA  . THR A 1 39  ? 6.089   7.348   5.479   1.00 49.28  ? 39   THR A CA  1 
ATOM   299  C C   . THR A 1 39  ? 6.012   5.850   5.436   1.00 49.05  ? 39   THR A C   1 
ATOM   300  O O   . THR A 1 39  ? 5.352   5.235   6.288   1.00 49.38  ? 39   THR A O   1 
ATOM   301  C CB  . THR A 1 39  ? 7.087   7.744   6.597   1.00 49.48  ? 39   THR A CB  1 
ATOM   302  O OG1 . THR A 1 39  ? 7.214   9.161   6.637   1.00 48.63  ? 39   THR A OG1 1 
ATOM   303  C CG2 . THR A 1 39  ? 8.455   7.129   6.329   1.00 49.47  ? 39   THR A CG2 1 
ATOM   304  N N   . VAL A 1 40  ? 6.680   5.256   4.452   1.00 48.63  ? 40   VAL A N   1 
ATOM   305  C CA  . VAL A 1 40  ? 6.639   3.836   4.262   1.00 47.71  ? 40   VAL A CA  1 
ATOM   306  C C   . VAL A 1 40  ? 8.043   3.369   4.380   1.00 47.81  ? 40   VAL A C   1 
ATOM   307  O O   . VAL A 1 40  ? 8.901   3.833   3.644   1.00 49.13  ? 40   VAL A O   1 
ATOM   308  C CB  . VAL A 1 40  ? 6.048   3.455   2.874   1.00 48.15  ? 40   VAL A CB  1 
ATOM   309  C CG1 . VAL A 1 40  ? 6.182   1.983   2.596   1.00 48.50  ? 40   VAL A CG1 1 
ATOM   310  C CG2 . VAL A 1 40  ? 4.559   3.856   2.774   1.00 48.67  ? 40   VAL A CG2 1 
ATOM   311  N N   . ILE A 1 41  ? 8.279   2.449   5.314   1.00 47.17  ? 41   ILE A N   1 
ATOM   312  C CA  . ILE A 1 41  ? 9.586   1.909   5.590   1.00 46.76  ? 41   ILE A CA  1 
ATOM   313  C C   . ILE A 1 41  ? 9.543   0.462   5.169   1.00 46.42  ? 41   ILE A C   1 
ATOM   314  O O   . ILE A 1 41  ? 8.775   -0.326  5.710   1.00 45.39  ? 41   ILE A O   1 
ATOM   315  C CB  . ILE A 1 41  ? 9.918   1.962   7.072   1.00 46.80  ? 41   ILE A CB  1 
ATOM   316  C CG1 . ILE A 1 41  ? 9.805   3.379   7.610   1.00 48.91  ? 41   ILE A CG1 1 
ATOM   317  C CG2 . ILE A 1 41  ? 11.376  1.376   7.378   1.00 47.12  ? 41   ILE A CG2 1 
ATOM   318  C CD1 . ILE A 1 41  ? 8.630   3.561   8.557   1.00 53.81  ? 41   ILE A CD1 1 
ATOM   319  N N   . ILE A 1 42  ? 10.375  0.122   4.201   1.00 46.64  ? 42   ILE A N   1 
ATOM   320  C CA  . ILE A 1 42  ? 10.458  -1.255  3.702   1.00 46.97  ? 42   ILE A CA  1 
ATOM   321  C C   . ILE A 1 42  ? 11.773  -1.844  4.156   1.00 47.06  ? 42   ILE A C   1 
ATOM   322  O O   . ILE A 1 42  ? 12.832  -1.278  3.903   1.00 46.85  ? 42   ILE A O   1 
ATOM   323  C CB  . ILE A 1 42  ? 10.276  -1.317  2.173   1.00 47.21  ? 42   ILE A CB  1 
ATOM   324  C CG1 . ILE A 1 42  ? 8.935   -0.670  1.814   1.00 47.70  ? 42   ILE A CG1 1 
ATOM   325  C CG2 . ILE A 1 42  ? 10.290  -2.765  1.651   1.00 46.75  ? 42   ILE A CG2 1 
ATOM   326  C CD1 . ILE A 1 42  ? 8.704   -0.503  0.358   1.00 46.20  ? 42   ILE A CD1 1 
ATOM   327  N N   . SER A 1 43  ? 11.679  -2.979  4.861   1.00 47.53  ? 43   SER A N   1 
ATOM   328  C CA  . SER A 1 43  ? 12.807  -3.701  5.373   1.00 47.21  ? 43   SER A CA  1 
ATOM   329  C C   . SER A 1 43  ? 12.659  -5.205  5.129   1.00 47.50  ? 43   SER A C   1 
ATOM   330  O O   . SER A 1 43  ? 11.599  -5.689  4.755   1.00 45.58  ? 43   SER A O   1 
ATOM   331  C CB  . SER A 1 43  ? 12.975  -3.454  6.869   1.00 47.62  ? 43   SER A CB  1 
ATOM   332  O OG  . SER A 1 43  ? 11.871  -3.942  7.575   1.00 46.33  ? 43   SER A OG  1 
ATOM   333  N N   . LYS A 1 44  ? 13.754  -5.922  5.368   1.00 48.11  ? 44   LYS A N   1 
ATOM   334  C CA  . LYS A 1 44  ? 13.867  -7.330  5.039   1.00 49.71  ? 44   LYS A CA  1 
ATOM   335  C C   . LYS A 1 44  ? 14.800  -8.028  6.018   1.00 49.34  ? 44   LYS A C   1 
ATOM   336  O O   . LYS A 1 44  ? 15.879  -7.521  6.306   1.00 49.03  ? 44   LYS A O   1 
ATOM   337  C CB  . LYS A 1 44  ? 14.426  -7.487  3.624   1.00 50.01  ? 44   LYS A CB  1 
ATOM   338  C CG  . LYS A 1 44  ? 14.439  -8.888  3.081   1.00 50.84  ? 44   LYS A CG  1 
ATOM   339  C CD  . LYS A 1 44  ? 14.484  -8.846  1.534   1.00 53.25  ? 44   LYS A CD  1 
ATOM   340  C CE  . LYS A 1 44  ? 14.718  -10.193 0.900   1.00 55.75  ? 44   LYS A CE  1 
ATOM   341  N NZ  . LYS A 1 44  ? 16.171  -10.597 0.950   1.00 60.92  ? 44   LYS A NZ  1 
ATOM   342  N N   . LYS A 1 45  ? 14.344  -9.170  6.516   1.00 49.39  ? 45   LYS A N   1 
ATOM   343  C CA  . LYS A 1 45  ? 15.089  -10.052 7.439   1.00 50.01  ? 45   LYS A CA  1 
ATOM   344  C C   . LYS A 1 45  ? 15.019  -11.432 6.829   1.00 50.01  ? 45   LYS A C   1 
ATOM   345  O O   . LYS A 1 45  ? 13.957  -12.066 6.837   1.00 49.71  ? 45   LYS A O   1 
ATOM   346  C CB  . LYS A 1 45  ? 14.451  -10.081 8.825   1.00 50.24  ? 45   LYS A CB  1 
ATOM   347  C CG  . LYS A 1 45  ? 15.369  -10.552 9.953   0.50 49.67  ? 45   LYS A CG  1 
ATOM   348  C CD  . LYS A 1 45  ? 15.040  -9.846  11.298  0.50 50.13  ? 45   LYS A CD  1 
ATOM   349  C CE  . LYS A 1 45  ? 15.071  -8.303  11.179  0.50 51.25  ? 45   LYS A CE  1 
ATOM   350  N NZ  . LYS A 1 45  ? 15.749  -7.574  12.292  0.50 50.01  ? 45   LYS A NZ  1 
ATOM   351  N N   . GLY A 1 46  ? 16.134  -11.873 6.255   1.00 50.32  ? 46   GLY A N   1 
ATOM   352  C CA  . GLY A 1 46  ? 16.129  -13.095 5.439   1.00 50.49  ? 46   GLY A CA  1 
ATOM   353  C C   . GLY A 1 46  ? 15.178  -12.956 4.265   1.00 49.96  ? 46   GLY A C   1 
ATOM   354  O O   . GLY A 1 46  ? 15.321  -12.025 3.461   1.00 51.48  ? 46   GLY A O   1 
ATOM   355  N N   . ASP A 1 47  ? 14.211  -13.864 4.152   1.00 49.02  ? 47   ASP A N   1 
ATOM   356  C CA  . ASP A 1 47  ? 13.246  -13.815 3.038   1.00 48.37  ? 47   ASP A CA  1 
ATOM   357  C C   . ASP A 1 47  ? 11.862  -13.251 3.478   1.00 47.53  ? 47   ASP A C   1 
ATOM   358  O O   . ASP A 1 47  ? 10.866  -13.305 2.741   1.00 48.28  ? 47   ASP A O   1 
ATOM   359  C CB  . ASP A 1 47  ? 13.199  -15.203 2.364   1.00 48.47  ? 47   ASP A CB  1 
ATOM   360  C CG  . ASP A 1 47  ? 12.716  -16.187 2.847   0.00 50.83  ? 47   ASP A CG  1 
ATOM   361  O OD1 . ASP A 1 47  ? 11.995  -16.447 3.628   1.00 68.73  ? 47   ASP A OD1 1 
ATOM   362  O OD2 . ASP A 1 47  ? 12.802  -17.337 2.327   0.00 58.27  ? 47   ASP A OD2 1 
ATOM   363  N N   . VAL A 1 48  ? 11.810  -12.649 4.674   1.00 47.11  ? 48   VAL A N   1 
ATOM   364  C CA  . VAL A 1 48  ? 10.581  -12.042 5.189   1.00 46.69  ? 48   VAL A CA  1 
ATOM   365  C C   . VAL A 1 48  ? 10.649  -10.520 4.982   1.00 46.12  ? 48   VAL A C   1 
ATOM   366  O O   . VAL A 1 48  ? 11.499  -9.846  5.576   1.00 45.83  ? 48   VAL A O   1 
ATOM   367  C CB  . VAL A 1 48  ? 10.341  -12.343 6.704   1.00 46.99  ? 48   VAL A CB  1 
ATOM   368  C CG1 . VAL A 1 48  ? 9.119   -11.615 7.186   1.00 47.05  ? 48   VAL A CG1 1 
ATOM   369  C CG2 . VAL A 1 48  ? 10.176  -13.851 6.945   1.00 48.07  ? 48   VAL A CG2 1 
ATOM   370  N N   . ILE A 1 49  ? 9.746   -9.987  4.162   1.00 44.97  ? 49   ILE A N   1 
ATOM   371  C CA  . ILE A 1 49  ? 9.723   -8.568  3.895   1.00 44.57  ? 49   ILE A CA  1 
ATOM   372  C C   . ILE A 1 49  ? 8.666   -7.903  4.809   1.00 45.03  ? 49   ILE A C   1 
ATOM   373  O O   . ILE A 1 49  ? 7.581   -8.445  4.960   1.00 44.46  ? 49   ILE A O   1 
ATOM   374  C CB  . ILE A 1 49  ? 9.366   -8.303  2.412   1.00 44.24  ? 49   ILE A CB  1 
ATOM   375  C CG1 . ILE A 1 49  ? 10.425  -8.863  1.481   1.00 44.80  ? 49   ILE A CG1 1 
ATOM   376  C CG2 . ILE A 1 49  ? 9.252   -6.812  2.157   1.00 45.58  ? 49   ILE A CG2 1 
ATOM   377  C CD1 . ILE A 1 49  ? 9.984   -9.113  0.061   1.00 45.78  ? 49   ILE A CD1 1 
ATOM   378  N N   . THR A 1 50  ? 9.000   -6.733  5.372   1.00 44.44  ? 50   THR A N   1 
ATOM   379  C CA  . THR A 1 50  ? 8.109   -5.958  6.203   1.00 43.75  ? 50   THR A CA  1 
ATOM   380  C C   . THR A 1 50  ? 7.870   -4.595  5.542   1.00 44.23  ? 50   THR A C   1 
ATOM   381  O O   . THR A 1 50  ? 8.815   -3.918  5.111   1.00 44.79  ? 50   THR A O   1 
ATOM   382  C CB  . THR A 1 50  ? 8.690   -5.819  7.634   1.00 43.88  ? 50   THR A CB  1 
ATOM   383  O OG1 . THR A 1 50  ? 8.843   -7.123  8.188   1.00 41.75  ? 50   THR A OG1 1 
ATOM   384  C CG2 . THR A 1 50  ? 7.767   -5.033  8.577   1.00 43.56  ? 50   THR A CG2 1 
ATOM   385  N N   . ILE A 1 51  ? 6.595   -4.241  5.366   1.00 44.80  ? 51   ILE A N   1 
ATOM   386  C CA  . ILE A 1 51  ? 6.202   -2.882  4.976   1.00 45.31  ? 51   ILE A CA  1 
ATOM   387  C C   . ILE A 1 51  ? 5.460   -2.230  6.125   1.00 46.16  ? 51   ILE A C   1 
ATOM   388  O O   . ILE A 1 51  ? 4.367   -2.656  6.499   1.00 45.25  ? 51   ILE A O   1 
ATOM   389  C CB  . ILE A 1 51  ? 5.284   -2.863  3.707   1.00 45.93  ? 51   ILE A CB  1 
ATOM   390  C CG1 . ILE A 1 51  ? 6.029   -3.460  2.546   1.00 41.39  ? 51   ILE A CG1 1 
ATOM   391  C CG2 . ILE A 1 51  ? 4.844   -1.402  3.383   1.00 45.96  ? 51   ILE A CG2 1 
ATOM   392  C CD1 . ILE A 1 51  ? 5.245   -3.720  1.326   1.00 46.88  ? 51   ILE A CD1 1 
ATOM   393  N N   . ARG A 1 52  ? 6.096   -1.213  6.702   1.00 46.99  ? 52   ARG A N   1 
ATOM   394  C CA  . ARG A 1 52  ? 5.515   -0.421  7.769   1.00 46.76  ? 52   ARG A CA  1 
ATOM   395  C C   . ARG A 1 52  ? 5.136   0.946   7.193   1.00 46.34  ? 52   ARG A C   1 
ATOM   396  O O   . ARG A 1 52  ? 5.932   1.631   6.506   1.00 45.25  ? 52   ARG A O   1 
ATOM   397  C CB  . ARG A 1 52  ? 6.484   -0.238  8.930   1.00 46.54  ? 52   ARG A CB  1 
ATOM   398  C CG  . ARG A 1 52  ? 5.829   0.391   10.121  1.00 48.63  ? 52   ARG A CG  1 
ATOM   399  C CD  . ARG A 1 52  ? 6.799   0.516   11.277  1.00 49.72  ? 52   ARG A CD  1 
ATOM   400  N NE  . ARG A 1 52  ? 6.224   1.409   12.281  1.00 53.58  ? 52   ARG A NE  1 
ATOM   401  C CZ  . ARG A 1 52  ? 5.281   1.081   13.154  1.00 52.22  ? 52   ARG A CZ  1 
ATOM   402  N NH1 . ARG A 1 52  ? 4.785   -0.145  13.219  1.00 52.24  ? 52   ARG A NH1 1 
ATOM   403  N NH2 . ARG A 1 52  ? 4.845   2.006   13.989  1.00 54.78  ? 52   ARG A NH2 1 
ATOM   404  N N   . THR A 1 53  ? 3.915   1.346   7.502   1.00 47.09  ? 53   THR A N   1 
ATOM   405  C CA  . THR A 1 53  ? 3.364   2.587   7.032   1.00 46.91  ? 53   THR A CA  1 
ATOM   406  C C   . THR A 1 53  ? 3.032   3.416   8.288   1.00 47.43  ? 53   THR A C   1 
ATOM   407  O O   . THR A 1 53  ? 2.250   2.993   9.134   1.00 46.43  ? 53   THR A O   1 
ATOM   408  C CB  . THR A 1 53  ? 2.104   2.344   6.251   1.00 47.19  ? 53   THR A CB  1 
ATOM   409  O OG1 . THR A 1 53  ? 2.380   1.535   5.102   1.00 47.48  ? 53   THR A OG1 1 
ATOM   410  C CG2 . THR A 1 53  ? 1.463   3.708   5.819   1.00 48.57  ? 53   THR A CG2 1 
ATOM   411  N N   . GLU A 1 54  ? 3.642   4.583   8.396   1.00 47.30  ? 54   GLU A N   1 
ATOM   412  C CA  . GLU A 1 54  ? 3.465   5.457   9.558   1.00 47.79  ? 54   GLU A CA  1 
ATOM   413  C C   . GLU A 1 54  ? 2.743   6.786   9.185   1.00 47.11  ? 54   GLU A C   1 
ATOM   414  O O   . GLU A 1 54  ? 3.075   7.413   8.184   1.00 46.91  ? 54   GLU A O   1 
ATOM   415  C CB  . GLU A 1 54  ? 4.831   5.776   10.162  1.00 46.95  ? 54   GLU A CB  1 
ATOM   416  C CG  . GLU A 1 54  ? 5.586   4.547   10.666  1.00 49.45  ? 54   GLU A CG  1 
ATOM   417  C CD  . GLU A 1 54  ? 6.783   4.937   11.528  1.00 51.07  ? 54   GLU A CD  1 
ATOM   418  O OE1 . GLU A 1 54  ? 7.080   6.154   11.585  1.00 57.01  ? 54   GLU A OE1 1 
ATOM   419  O OE2 . GLU A 1 54  ? 7.426   4.039   12.137  1.00 52.87  ? 54   GLU A OE2 1 
ATOM   420  N N   . SER A 1 55  ? 1.785   7.202   10.013  1.00 46.94  ? 55   SER A N   1 
ATOM   421  C CA  . SER A 1 55  ? 1.103   8.523   9.858   1.00 47.19  ? 55   SER A CA  1 
ATOM   422  C C   . SER A 1 55  ? 0.664   9.084   11.231  1.00 47.06  ? 55   SER A C   1 
ATOM   423  O O   . SER A 1 55  ? 0.740   8.395   12.215  1.00 46.89  ? 55   SER A O   1 
ATOM   424  C CB  . SER A 1 55  ? -0.101  8.409   8.904   1.00 46.72  ? 55   SER A CB  1 
ATOM   425  O OG  . SER A 1 55  ? -1.264  7.872   9.540   1.00 46.74  ? 55   SER A OG  1 
ATOM   426  N N   . GLY A 1 56  ? 0.209   10.336  11.276  1.00 47.33  ? 56   GLY A N   1 
ATOM   427  C CA  . GLY A 1 56  ? -0.356  10.922  12.503  1.00 47.77  ? 56   GLY A CA  1 
ATOM   428  C C   . GLY A 1 56  ? -1.578  10.191  13.042  1.00 47.58  ? 56   GLY A C   1 
ATOM   429  O O   . GLY A 1 56  ? -1.823  10.168  14.231  1.00 47.09  ? 56   GLY A O   1 
ATOM   430  N N   . PHE A 1 57  ? -2.349  9.576   12.151  1.00 48.43  ? 57   PHE A N   1 
ATOM   431  C CA  . PHE A 1 57  ? -3.681  9.037   12.477  1.00 48.89  ? 57   PHE A CA  1 
ATOM   432  C C   . PHE A 1 57  ? -3.764  7.518   12.613  1.00 49.18  ? 57   PHE A C   1 
ATOM   433  O O   . PHE A 1 57  ? -4.672  7.018   13.275  1.00 48.94  ? 57   PHE A O   1 
ATOM   434  C CB  . PHE A 1 57  ? -4.685  9.484   11.418  1.00 48.82  ? 57   PHE A CB  1 
ATOM   435  C CG  . PHE A 1 57  ? -4.591  10.934  11.082  1.00 48.66  ? 57   PHE A CG  1 
ATOM   436  C CD1 . PHE A 1 57  ? -5.118  11.895  11.949  1.00 50.90  ? 57   PHE A CD1 1 
ATOM   437  C CD2 . PHE A 1 57  ? -4.000  11.350  9.910   1.00 47.67  ? 57   PHE A CD2 1 
ATOM   438  C CE1 . PHE A 1 57  ? -5.054  13.244  11.653  1.00 49.41  ? 57   PHE A CE1 1 
ATOM   439  C CE2 . PHE A 1 57  ? -3.924  12.686  9.612   1.00 50.62  ? 57   PHE A CE2 1 
ATOM   440  C CZ  . PHE A 1 57  ? -4.455  13.643  10.488  1.00 49.51  ? 57   PHE A CZ  1 
ATOM   441  N N   . LYS A 1 58  ? -2.849  6.799   11.954  1.00 50.37  ? 58   LYS A N   1 
ATOM   442  C CA  . LYS A 1 58  ? -2.793  5.326   12.016  1.00 50.28  ? 58   LYS A CA  1 
ATOM   443  C C   . LYS A 1 58  ? -1.443  4.817   11.513  1.00 50.23  ? 58   LYS A C   1 
ATOM   444  O O   . LYS A 1 58  ? -0.929  5.266   10.483  1.00 49.38  ? 58   LYS A O   1 
ATOM   445  C CB  . LYS A 1 58  ? -3.919  4.701   11.177  1.00 51.20  ? 58   LYS A CB  1 
ATOM   446  C CG  . LYS A 1 58  ? -4.055  3.169   11.287  1.00 51.51  ? 58   LYS A CG  1 
ATOM   447  C CD  . LYS A 1 58  ? -5.191  2.783   12.247  1.00 55.16  ? 58   LYS A CD  1 
ATOM   448  C CE  . LYS A 1 58  ? -5.140  1.307   12.661  1.00 55.07  ? 58   LYS A CE  1 
ATOM   449  N NZ  . LYS A 1 58  ? -5.703  0.391   11.662  1.00 58.66  ? 58   LYS A NZ  1 
ATOM   450  N N   . ASN A 1 59  ? -0.883  3.851   12.232  1.00 50.05  ? 59   ASN A N   1 
ATOM   451  C CA  . ASN A 1 59  ? 0.273   3.079   11.735  1.00 49.81  ? 59   ASN A CA  1 
ATOM   452  C C   . ASN A 1 59  ? -0.136  1.655   11.365  1.00 50.71  ? 59   ASN A C   1 
ATOM   453  O O   . ASN A 1 59  ? -1.028  1.063   11.998  1.00 50.44  ? 59   ASN A O   1 
ATOM   454  C CB  . ASN A 1 59  ? 1.344   3.027   12.837  1.00 50.45  ? 59   ASN A CB  1 
ATOM   455  C CG  . ASN A 1 59  ? 1.797   4.383   13.238  1.00 48.08  ? 59   ASN A CG  1 
ATOM   456  O OD1 . ASN A 1 59  ? 2.186   5.185   12.402  1.00 50.90  ? 59   ASN A OD1 1 
ATOM   457  N ND2 . ASN A 1 59  ? 1.699   4.684   14.509  1.00 53.83  ? 59   ASN A ND2 1 
ATOM   458  N N   . THR A 1 60  ? 0.499   1.076   10.355  1.00 50.30  ? 60   THR A N   1 
ATOM   459  C CA  . THR A 1 60  ? 0.206   -0.310  10.025  1.00 50.06  ? 60   THR A CA  1 
ATOM   460  C C   . THR A 1 60  ? 1.514   -0.996  9.711   1.00 49.47  ? 60   THR A C   1 
ATOM   461  O O   . THR A 1 60  ? 2.503   -0.335  9.397   1.00 49.41  ? 60   THR A O   1 
ATOM   462  C CB  . THR A 1 60  ? -0.715  -0.471  8.790   1.00 50.67  ? 60   THR A CB  1 
ATOM   463  O OG1 . THR A 1 60  ? -0.128  0.189   7.660   1.00 52.63  ? 60   THR A OG1 1 
ATOM   464  C CG2 . THR A 1 60  ? -2.128  0.049   9.062   1.00 51.51  ? 60   THR A CG2 1 
ATOM   465  N N   . GLU A 1 61  ? 1.506   -2.316  9.784   1.00 49.08  ? 61   GLU A N   1 
ATOM   466  C CA  . GLU A 1 61  ? 2.683   -3.095  9.426   1.00 48.85  ? 61   GLU A CA  1 
ATOM   467  C C   . GLU A 1 61  ? 2.271   -4.494  8.975   1.00 48.60  ? 61   GLU A C   1 
ATOM   468  O O   . GLU A 1 61  ? 1.449   -5.128  9.632   1.00 48.17  ? 61   GLU A O   1 
ATOM   469  C CB  . GLU A 1 61  ? 3.651   -3.163  10.612  1.00 49.41  ? 61   GLU A CB  1 
ATOM   470  C CG  . GLU A 1 61  ? 4.931   -3.886  10.252  1.00 50.43  ? 61   GLU A CG  1 
ATOM   471  C CD  . GLU A 1 61  ? 5.912   -3.907  11.406  1.00 49.84  ? 61   GLU A CD  1 
ATOM   472  O OE1 . GLU A 1 61  ? 6.207   -2.831  11.973  1.00 50.80  ? 61   GLU A OE1 1 
ATOM   473  O OE2 . GLU A 1 61  ? 6.399   -5.002  11.706  1.00 54.10  ? 61   GLU A OE2 1 
ATOM   474  N N   . ILE A 1 62  ? 2.766   -4.919  7.809   1.00 47.84  ? 62   ILE A N   1 
ATOM   475  C CA  . ILE A 1 62  ? 2.626   -6.287  7.341   1.00 46.95  ? 62   ILE A CA  1 
ATOM   476  C C   . ILE A 1 62  ? 4.020   -6.894  7.144   1.00 45.65  ? 62   ILE A C   1 
ATOM   477  O O   . ILE A 1 62  ? 4.943   -6.191  6.747   1.00 44.56  ? 62   ILE A O   1 
ATOM   478  C CB  . ILE A 1 62  ? 1.790   -6.368  6.006   1.00 47.17  ? 62   ILE A CB  1 
ATOM   479  C CG1 . ILE A 1 62  ? 2.341   -5.438  4.912   1.00 46.62  ? 62   ILE A CG1 1 
ATOM   480  C CG2 . ILE A 1 62  ? 0.391   -6.008  6.290   1.00 48.65  ? 62   ILE A CG2 1 
ATOM   481  C CD1 . ILE A 1 62  ? 1.784   -5.660  3.524   1.00 47.16  ? 62   ILE A CD1 1 
ATOM   482  N N   . SER A 1 63  ? 4.159   -8.183  7.484   1.00 44.78  ? 63   SER A N   1 
ATOM   483  C CA  . SER A 1 63  ? 5.337   -8.995  7.157   1.00 44.58  ? 63   SER A CA  1 
ATOM   484  C C   . SER A 1 63  ? 4.879   -10.203 6.316   1.00 44.14  ? 63   SER A C   1 
ATOM   485  O O   . SER A 1 63  ? 3.867   -10.827 6.645   1.00 42.00  ? 63   SER A O   1 
ATOM   486  C CB  . SER A 1 63  ? 5.973   -9.492  8.457   1.00 45.44  ? 63   SER A CB  1 
ATOM   487  O OG  . SER A 1 63  ? 6.515   -8.366  9.169   1.00 44.19  ? 63   SER A OG  1 
ATOM   488  N N   . PHE A 1 64  ? 5.657   -10.584 5.306   1.00 43.70  ? 64   PHE A N   1 
ATOM   489  C CA  . PHE A 1 64  ? 5.244   -11.630 4.381   1.00 43.96  ? 64   PHE A CA  1 
ATOM   490  C C   . PHE A 1 64  ? 6.423   -12.182 3.636   1.00 44.27  ? 64   PHE A C   1 
ATOM   491  O O   . PHE A 1 64  ? 7.497   -11.580 3.626   1.00 44.39  ? 64   PHE A O   1 
ATOM   492  C CB  . PHE A 1 64  ? 4.241   -11.104 3.370   1.00 43.31  ? 64   PHE A CB  1 
ATOM   493  C CG  . PHE A 1 64  ? 4.715   -9.886  2.652   1.00 44.37  ? 64   PHE A CG  1 
ATOM   494  C CD1 . PHE A 1 64  ? 5.457   -10.001 1.483   1.00 45.40  ? 64   PHE A CD1 1 
ATOM   495  C CD2 . PHE A 1 64  ? 4.432   -8.597  3.166   1.00 45.76  ? 64   PHE A CD2 1 
ATOM   496  C CE1 . PHE A 1 64  ? 5.912   -8.893  0.832   1.00 46.98  ? 64   PHE A CE1 1 
ATOM   497  C CE2 . PHE A 1 64  ? 4.908   -7.477  2.523   1.00 43.44  ? 64   PHE A CE2 1 
ATOM   498  C CZ  . PHE A 1 64  ? 5.626   -7.623  1.328   1.00 44.27  ? 64   PHE A CZ  1 
ATOM   499  N N   . LYS A 1 65  ? 6.224   -13.388 3.119   1.00 44.33  ? 65   LYS A N   1 
ATOM   500  C CA  . LYS A 1 65  ? 7.111   -13.989 2.127   1.00 44.71  ? 65   LYS A CA  1 
ATOM   501  C C   . LYS A 1 65  ? 6.461   -13.816 0.756   1.00 44.19  ? 65   LYS A C   1 
ATOM   502  O O   . LYS A 1 65  ? 5.264   -13.896 0.635   1.00 44.48  ? 65   LYS A O   1 
ATOM   503  C CB  . LYS A 1 65  ? 7.376   -15.455 2.468   1.00 44.46  ? 65   LYS A CB  1 
ATOM   504  C CG  . LYS A 1 65  ? 8.323   -15.687 3.652   1.00 45.64  ? 65   LYS A CG  1 
ATOM   505  C CD  . LYS A 1 65  ? 8.468   -17.202 3.983   1.00 45.03  ? 65   LYS A CD  1 
ATOM   506  C CE  . LYS A 1 65  ? 9.409   -17.449 5.165   1.00 47.55  ? 65   LYS A CE  1 
ATOM   507  N NZ  . LYS A 1 65  ? 9.728   -18.908 5.303   1.00 46.34  ? 65   LYS A NZ  1 
ATOM   508  N N   . LEU A 1 66  ? 7.228   -13.511 -0.275  1.00 44.97  ? 66   LEU A N   1 
ATOM   509  C CA  . LEU A 1 66  ? 6.661   -13.462 -1.639  1.00 44.44  ? 66   LEU A CA  1 
ATOM   510  C C   . LEU A 1 66  ? 5.876   -14.726 -2.029  1.00 43.45  ? 66   LEU A C   1 
ATOM   511  O O   . LEU A 1 66  ? 6.291   -15.856 -1.749  1.00 43.68  ? 66   LEU A O   1 
ATOM   512  C CB  . LEU A 1 66  ? 7.751   -13.209 -2.707  1.00 44.88  ? 66   LEU A CB  1 
ATOM   513  C CG  . LEU A 1 66  ? 8.611   -11.925 -2.658  1.00 44.91  ? 66   LEU A CG  1 
ATOM   514  C CD1 . LEU A 1 66  ? 9.813   -12.062 -3.594  1.00 44.76  ? 66   LEU A CD1 1 
ATOM   515  C CD2 . LEU A 1 66  ? 7.777   -10.654 -2.917  1.00 45.79  ? 66   LEU A CD2 1 
ATOM   516  N N   . GLY A 1 67  ? 4.726   -14.526 -2.658  1.00 44.03  ? 67   GLY A N   1 
ATOM   517  C CA  . GLY A 1 67  ? 3.952   -15.619 -3.235  1.00 44.10  ? 67   GLY A CA  1 
ATOM   518  C C   . GLY A 1 67  ? 3.210   -16.479 -2.248  1.00 44.37  ? 67   GLY A C   1 
ATOM   519  O O   . GLY A 1 67  ? 2.676   -17.514 -2.627  1.00 43.75  ? 67   GLY A O   1 
ATOM   520  N N   . GLN A 1 68  ? 3.156   -16.075 -0.976  1.00 45.08  ? 68   GLN A N   1 
ATOM   521  C CA  . GLN A 1 68  ? 2.396   -16.822 0.058   1.00 45.93  ? 68   GLN A CA  1 
ATOM   522  C C   . GLN A 1 68  ? 1.344   -15.898 0.662   1.00 45.33  ? 68   GLN A C   1 
ATOM   523  O O   . GLN A 1 68  ? 1.687   -14.828 1.203   1.00 44.95  ? 68   GLN A O   1 
ATOM   524  C CB  . GLN A 1 68  ? 3.364   -17.431 1.106   1.00 46.49  ? 68   GLN A CB  1 
ATOM   525  C CG  . GLN A 1 68  ? 4.756   -17.715 0.453   1.00 48.96  ? 68   GLN A CG  1 
ATOM   526  C CD  . GLN A 1 68  ? 5.656   -18.696 1.174   1.00 51.39  ? 68   GLN A CD  1 
ATOM   527  O OE1 . GLN A 1 68  ? 6.756   -19.057 0.668   1.00 58.61  ? 68   GLN A OE1 1 
ATOM   528  N NE2 . GLN A 1 68  ? 5.208   -19.167 2.337   1.00 60.27  ? 68   GLN A NE2 1 
ATOM   529  N N   . GLU A 1 69  ? 0.066   -16.282 0.530   1.00 44.80  ? 69   GLU A N   1 
ATOM   530  C CA  . GLU A 1 69  ? -1.069  -15.482 1.028   1.00 45.49  ? 69   GLU A CA  1 
ATOM   531  C C   . GLU A 1 69  ? -1.013  -15.328 2.538   1.00 45.55  ? 69   GLU A C   1 
ATOM   532  O O   . GLU A 1 69  ? -0.555  -16.229 3.195   1.00 43.32  ? 69   GLU A O   1 
ATOM   533  C CB  . GLU A 1 69  ? -2.389  -16.111 0.650   1.00 45.75  ? 69   GLU A CB  1 
ATOM   534  C CG  . GLU A 1 69  ? -3.647  -15.428 1.212   1.00 45.81  ? 69   GLU A CG  1 
ATOM   535  C CD  . GLU A 1 69  ? -4.932  -16.069 0.677   1.00 45.48  ? 69   GLU A CD  1 
ATOM   536  O OE1 . GLU A 1 69  ? -5.455  -15.560 -0.310  1.00 45.64  ? 69   GLU A OE1 1 
ATOM   537  O OE2 . GLU A 1 69  ? -5.389  -17.083 1.228   1.00 44.80  ? 69   GLU A OE2 1 
ATOM   538  N N   . PHE A 1 70  ? -1.439  -14.165 3.057   1.00 45.69  ? 70   PHE A N   1 
ATOM   539  C CA  . PHE A 1 70  ? -1.396  -13.873 4.486   1.00 46.86  ? 70   PHE A CA  1 
ATOM   540  C C   . PHE A 1 70  ? -2.604  -13.040 4.887   1.00 47.49  ? 70   PHE A C   1 
ATOM   541  O O   . PHE A 1 70  ? -3.172  -12.295 4.061   1.00 46.99  ? 70   PHE A O   1 
ATOM   542  C CB  . PHE A 1 70  ? -0.072  -13.158 4.900   1.00 47.24  ? 70   PHE A CB  1 
ATOM   543  C CG  . PHE A 1 70  ? 0.144   -11.805 4.237   1.00 47.38  ? 70   PHE A CG  1 
ATOM   544  C CD1 . PHE A 1 70  ? -0.304  -10.637 4.840   1.00 48.78  ? 70   PHE A CD1 1 
ATOM   545  C CD2 . PHE A 1 70  ? 0.783   -11.705 3.000   1.00 49.55  ? 70   PHE A CD2 1 
ATOM   546  C CE1 . PHE A 1 70  ? -0.113  -9.403  4.262   1.00 46.23  ? 70   PHE A CE1 1 
ATOM   547  C CE2 . PHE A 1 70  ? 0.961   -10.446 2.386   1.00 49.30  ? 70   PHE A CE2 1 
ATOM   548  C CZ  . PHE A 1 70  ? 0.527   -9.303  3.063   1.00 48.62  ? 70   PHE A CZ  1 
ATOM   549  N N   . ASP A 1 71  ? -3.018  -13.205 6.140   1.00 48.11  ? 71   ASP A N   1 
ATOM   550  C CA  . ASP A 1 71  ? -4.105  -12.429 6.723   1.00 49.37  ? 71   ASP A CA  1 
ATOM   551  C C   . ASP A 1 71  ? -3.569  -11.038 7.109   1.00 49.11  ? 71   ASP A C   1 
ATOM   552  O O   . ASP A 1 71  ? -2.439  -10.874 7.490   1.00 47.99  ? 71   ASP A O   1 
ATOM   553  C CB  . ASP A 1 71  ? -4.718  -13.120 7.977   1.00 50.06  ? 71   ASP A CB  1 
ATOM   554  C CG  . ASP A 1 71  ? -5.782  -14.184 7.637   1.00 54.59  ? 71   ASP A CG  1 
ATOM   555  O OD1 . ASP A 1 71  ? -6.492  -14.681 8.562   1.00 58.75  ? 71   ASP A OD1 1 
ATOM   556  O OD2 . ASP A 1 71  ? -5.927  -14.556 6.452   1.00 61.83  ? 71   ASP A OD2 1 
ATOM   557  N N   . GLU A 1 72  ? -4.457  -10.056 7.023   1.00 50.15  ? 72   GLU A N   1 
ATOM   558  C CA  . GLU A 1 72  ? -4.157  -8.634  7.118   1.00 50.36  ? 72   GLU A CA  1 
ATOM   559  C C   . GLU A 1 72  ? -5.432  -7.948  7.662   1.00 49.93  ? 72   GLU A C   1 
ATOM   560  O O   . GLU A 1 72  ? -6.517  -8.222  7.149   1.00 49.28  ? 72   GLU A O   1 
ATOM   561  C CB  . GLU A 1 72  ? -3.910  -8.097  5.690   1.00 50.15  ? 72   GLU A CB  1 
ATOM   562  C CG  . GLU A 1 72  ? -3.050  -6.929  5.660   1.00 51.96  ? 72   GLU A CG  1 
ATOM   563  C CD  . GLU A 1 72  ? -3.116  -6.161  4.375   1.00 53.36  ? 72   GLU A CD  1 
ATOM   564  O OE1 . GLU A 1 72  ? -3.540  -6.677  3.302   1.00 56.06  ? 72   GLU A OE1 1 
ATOM   565  O OE2 . GLU A 1 72  ? -2.652  -5.014  4.437   1.00 57.27  ? 72   GLU A OE2 1 
ATOM   566  N N   . THR A 1 73  ? -5.311  -7.082  8.673   1.00 49.67  ? 73   THR A N   1 
ATOM   567  C CA  . THR A 1 73  ? -6.376  -6.111  9.040   1.00 48.85  ? 73   THR A CA  1 
ATOM   568  C C   . THR A 1 73  ? -5.875  -4.736  8.527   1.00 48.66  ? 73   THR A C   1 
ATOM   569  O O   . THR A 1 73  ? -4.833  -4.224  8.951   1.00 48.80  ? 73   THR A O   1 
ATOM   570  C CB  . THR A 1 73  ? -6.663  -6.081  10.566  1.00 50.00  ? 73   THR A CB  1 
ATOM   571  O OG1 . THR A 1 73  ? -6.972  -7.401  11.041  1.00 48.75  ? 73   THR A OG1 1 
ATOM   572  C CG2 . THR A 1 73  ? -7.856  -5.148  10.937  1.00 49.72  ? 73   THR A CG2 1 
ATOM   573  N N   . THR A 1 74  ? -6.588  -4.170  7.566   1.00 47.87  ? 74   THR A N   1 
ATOM   574  C CA  . THR A 1 74  ? -6.152  -2.929  6.886   1.00 47.88  ? 74   THR A CA  1 
ATOM   575  C C   . THR A 1 74  ? -6.356  -1.672  7.728   1.00 47.06  ? 74   THR A C   1 
ATOM   576  O O   . THR A 1 74  ? -6.992  -1.739  8.737   1.00 44.92  ? 74   THR A O   1 
ATOM   577  C CB  . THR A 1 74  ? -6.902  -2.755  5.564   1.00 47.95  ? 74   THR A CB  1 
ATOM   578  O OG1 . THR A 1 74  ? -8.290  -2.457  5.835   1.00 47.42  ? 74   THR A OG1 1 
ATOM   579  C CG2 . THR A 1 74  ? -6.759  -4.045  4.737   1.00 46.42  ? 74   THR A CG2 1 
ATOM   580  N N   . ALA A 1 75  ? -5.819  -0.537  7.286   1.00 47.95  ? 75   ALA A N   1 
ATOM   581  C CA  . ALA A 1 75  ? -5.896  0.742   8.041   1.00 48.40  ? 75   ALA A CA  1 
ATOM   582  C C   . ALA A 1 75  ? -7.325  1.184   8.315   1.00 48.55  ? 75   ALA A C   1 
ATOM   583  O O   . ALA A 1 75  ? -7.632  1.763   9.342   1.00 48.80  ? 75   ALA A O   1 
ATOM   584  C CB  . ALA A 1 75  ? -5.164  1.804   7.291   1.00 48.63  ? 75   ALA A CB  1 
ATOM   585  N N   . ASP A 1 76  ? -8.190  0.877   7.364   1.00 49.57  ? 76   ASP A N   1 
ATOM   586  C CA  . ASP A 1 76  ? -9.609  1.167   7.443   1.00 49.39  ? 76   ASP A CA  1 
ATOM   587  C C   . ASP A 1 76  ? -10.359 -0.008  8.032   1.00 50.03  ? 76   ASP A C   1 
ATOM   588  O O   . ASP A 1 76  ? -11.574 0.038   8.187   1.00 51.86  ? 76   ASP A O   1 
ATOM   589  C CB  . ASP A 1 76  ? -10.145 1.531   6.056   1.00 49.06  ? 76   ASP A CB  1 
ATOM   590  C CG  . ASP A 1 76  ? -9.934  0.440   5.027   1.00 50.06  ? 76   ASP A CG  1 
ATOM   591  O OD1 . ASP A 1 76  ? -8.761  -0.009  4.792   1.00 48.33  ? 76   ASP A OD1 1 
ATOM   592  O OD2 . ASP A 1 76  ? -10.975 0.034   4.449   1.00 48.07  ? 76   ASP A OD2 1 
ATOM   593  N N   . ASN A 1 77  ? -9.634  -1.051  8.401   1.00 50.16  ? 77   ASN A N   1 
ATOM   594  C CA  . ASN A 1 77  ? -10.152 -2.144  9.242   1.00 50.45  ? 77   ASN A CA  1 
ATOM   595  C C   . ASN A 1 77  ? -10.923 -3.231  8.494   1.00 50.24  ? 77   ASN A C   1 
ATOM   596  O O   . ASN A 1 77  ? -11.784 -3.899  9.067   1.00 51.39  ? 77   ASN A O   1 
ATOM   597  C CB  . ASN A 1 77  ? -10.969 -1.624  10.418  1.00 50.95  ? 77   ASN A CB  1 
ATOM   598  C CG  . ASN A 1 77  ? -10.763 -2.466  11.664  1.00 55.09  ? 77   ASN A CG  1 
ATOM   599  O OD1 . ASN A 1 77  ? -9.642  -2.546  12.195  1.00 59.15  ? 77   ASN A OD1 1 
ATOM   600  N ND2 . ASN A 1 77  ? -11.829 -3.108  12.133  1.00 54.56  ? 77   ASN A ND2 1 
ATOM   601  N N   . ARG A 1 78  ? -10.605 -3.422  7.221   1.00 50.08  ? 78   ARG A N   1 
ATOM   602  C CA  . ARG A 1 78  ? -11.028 -4.637  6.517   1.00 49.33  ? 78   ARG A CA  1 
ATOM   603  C C   . ARG A 1 78  ? -10.169 -5.822  6.938   1.00 49.23  ? 78   ARG A C   1 
ATOM   604  O O   . ARG A 1 78  ? -8.983  -5.684  7.173   1.00 49.79  ? 78   ARG A O   1 
ATOM   605  C CB  . ARG A 1 78  ? -10.963 -4.443  5.006   1.00 49.67  ? 78   ARG A CB  1 
ATOM   606  C CG  . ARG A 1 78  ? -11.951 -3.386  4.515   1.00 47.77  ? 78   ARG A CG  1 
ATOM   607  C CD  . ARG A 1 78  ? -11.723 -3.086  3.068   1.00 46.70  ? 78   ARG A CD  1 
ATOM   608  N NE  . ARG A 1 78  ? -10.519 -2.265  2.851   1.00 43.55  ? 78   ARG A NE  1 
ATOM   609  C CZ  . ARG A 1 78  ? -9.482  -2.562  2.079   1.00 45.70  ? 78   ARG A CZ  1 
ATOM   610  N NH1 . ARG A 1 78  ? -9.423  -3.699  1.393   1.00 45.27  ? 78   ARG A NH1 1 
ATOM   611  N NH2 . ARG A 1 78  ? -8.464  -1.703  2.017   1.00 45.92  ? 78   ARG A NH2 1 
ATOM   612  N N   . LYS A 1 79  ? -10.796 -6.981  7.052   1.00 49.23  ? 79   LYS A N   1 
ATOM   613  C CA  . LYS A 1 79  ? -10.121 -8.227  7.387   1.00 48.66  ? 79   LYS A CA  1 
ATOM   614  C C   . LYS A 1 79  ? -9.875  -8.867  6.048   1.00 47.85  ? 79   LYS A C   1 
ATOM   615  O O   . LYS A 1 79  ? -10.809 -9.389  5.445   1.00 46.86  ? 79   LYS A O   1 
ATOM   616  C CB  . LYS A 1 79  ? -11.036 -9.141  8.216   1.00 49.72  ? 79   LYS A CB  1 
ATOM   617  C CG  . LYS A 1 79  ? -10.961 -9.018  9.748   1.00 52.57  ? 79   LYS A CG  1 
ATOM   618  C CD  . LYS A 1 79  ? -10.812 -7.606  10.260  1.00 55.10  ? 79   LYS A CD  1 
ATOM   619  C CE  . LYS A 1 79  ? -10.844 -7.592  11.808  1.00 55.53  ? 79   LYS A CE  1 
ATOM   620  N NZ  . LYS A 1 79  ? -10.581 -6.229  12.394  1.00 57.55  ? 79   LYS A NZ  1 
ATOM   621  N N   . ALA A 1 80  ? -8.630  -8.802  5.578   1.00 46.37  ? 80   ALA A N   1 
ATOM   622  C CA  . ALA A 1 80  ? -8.299  -9.147  4.213   1.00 46.93  ? 80   ALA A CA  1 
ATOM   623  C C   . ALA A 1 80  ? -7.286  -10.294 4.110   1.00 45.84  ? 80   ALA A C   1 
ATOM   624  O O   . ALA A 1 80  ? -6.606  -10.630 5.062   1.00 45.23  ? 80   ALA A O   1 
ATOM   625  C CB  . ALA A 1 80  ? -7.749  -7.892  3.490   1.00 46.94  ? 80   ALA A CB  1 
ATOM   626  N N   . LYS A 1 81  ? -7.191  -10.873 2.922   1.00 46.85  ? 81   LYS A N   1 
ATOM   627  C CA  . LYS A 1 81  ? -6.106  -11.789 2.579   1.00 47.04  ? 81   LYS A CA  1 
ATOM   628  C C   . LYS A 1 81  ? -5.373  -11.256 1.365   1.00 47.04  ? 81   LYS A C   1 
ATOM   629  O O   . LYS A 1 81  ? -6.009  -10.960 0.342   1.00 48.32  ? 81   LYS A O   1 
ATOM   630  C CB  . LYS A 1 81  ? -6.671  -13.132 2.269   1.00 47.17  ? 81   LYS A CB  1 
ATOM   631  C CG  . LYS A 1 81  ? -7.172  -13.821 3.468   1.00 49.15  ? 81   LYS A CG  1 
ATOM   632  C CD  . LYS A 1 81  ? -7.825  -15.198 3.124   1.00 49.63  ? 81   LYS A CD  1 
ATOM   633  C CE  . LYS A 1 81  ? -8.202  -15.937 4.449   1.00 49.66  ? 81   LYS A CE  1 
ATOM   634  N NZ  . LYS A 1 81  ? -9.188  -17.007 4.223   1.00 48.75  ? 81   LYS A NZ  1 
ATOM   635  N N   . SER A 1 82  ? -4.047  -11.162 1.463   1.00 46.30  ? 82   SER A N   1 
ATOM   636  C CA  . SER A 1 82  ? -3.216  -10.583 0.442   1.00 45.10  ? 82   SER A CA  1 
ATOM   637  C C   . SER A 1 82  ? -2.082  -11.490 0.074   1.00 44.88  ? 82   SER A C   1 
ATOM   638  O O   . SER A 1 82  ? -1.676  -12.369 0.830   1.00 43.94  ? 82   SER A O   1 
ATOM   639  C CB  . SER A 1 82  ? -2.594  -9.267  0.906   1.00 45.34  ? 82   SER A CB  1 
ATOM   640  O OG  . SER A 1 82  ? -3.582  -8.265  1.189   1.00 45.91  ? 82   SER A OG  1 
ATOM   641  N N   . THR A 1 83  ? -1.550  -11.222 -1.111  1.00 44.05  ? 83   THR A N   1 
ATOM   642  C CA  . THR A 1 83  ? -0.401  -11.925 -1.651  1.00 43.34  ? 83   THR A CA  1 
ATOM   643  C C   . THR A 1 83  ? 0.377   -10.853 -2.367  1.00 43.64  ? 83   THR A C   1 
ATOM   644  O O   . THR A 1 83  ? -0.220  -10.045 -3.114  1.00 42.17  ? 83   THR A O   1 
ATOM   645  C CB  . THR A 1 83  ? -0.814  -13.018 -2.680  1.00 43.23  ? 83   THR A CB  1 
ATOM   646  O OG1 . THR A 1 83  ? -1.627  -13.962 -2.008  1.00 40.73  ? 83   THR A OG1 1 
ATOM   647  C CG2 . THR A 1 83  ? 0.401   -13.729 -3.274  1.00 43.02  ? 83   THR A CG2 1 
ATOM   648  N N   . VAL A 1 84  ? 1.691   -10.833 -2.085  1.00 43.56  ? 84   VAL A N   1 
ATOM   649  C CA  . VAL A 1 84  ? 2.631   -9.952  -2.761  1.00 43.82  ? 84   VAL A CA  1 
ATOM   650  C C   . VAL A 1 84  ? 3.582   -10.747 -3.615  1.00 43.13  ? 84   VAL A C   1 
ATOM   651  O O   . VAL A 1 84  ? 4.102   -11.758 -3.189  1.00 43.86  ? 84   VAL A O   1 
ATOM   652  C CB  . VAL A 1 84  ? 3.433   -9.091  -1.747  1.00 44.04  ? 84   VAL A CB  1 
ATOM   653  C CG1 . VAL A 1 84  ? 4.378   -8.109  -2.515  1.00 44.17  ? 84   VAL A CG1 1 
ATOM   654  C CG2 . VAL A 1 84  ? 2.476   -8.344  -0.864  1.00 43.91  ? 84   VAL A CG2 1 
ATOM   655  N N   . THR A 1 85  ? 3.798   -10.290 -4.830  1.00 44.60  ? 85   THR A N   1 
ATOM   656  C CA  . THR A 1 85  ? 4.707   -10.912 -5.776  1.00 47.09  ? 85   THR A CA  1 
ATOM   657  C C   . THR A 1 85  ? 5.677   -9.854  -6.371  1.00 48.01  ? 85   THR A C   1 
ATOM   658  O O   . THR A 1 85  ? 5.451   -8.665  -6.262  1.00 48.49  ? 85   THR A O   1 
ATOM   659  C CB  . THR A 1 85  ? 3.888   -11.527 -6.979  1.00 46.96  ? 85   THR A CB  1 
ATOM   660  O OG1 . THR A 1 85  ? 3.217   -10.495 -7.667  1.00 47.32  ? 85   THR A OG1 1 
ATOM   661  C CG2 . THR A 1 85  ? 2.841   -12.494 -6.490  1.00 48.47  ? 85   THR A CG2 1 
ATOM   662  N N   . LEU A 1 86  ? 6.732   -10.331 -7.010  1.00 49.91  ? 86   LEU A N   1 
ATOM   663  C CA  . LEU A 1 86  ? 7.821   -9.532  -7.578  1.00 50.93  ? 86   LEU A CA  1 
ATOM   664  C C   . LEU A 1 86  ? 7.974   -9.803  -9.072  1.00 51.63  ? 86   LEU A C   1 
ATOM   665  O O   . LEU A 1 86  ? 8.168   -10.947 -9.511  1.00 50.29  ? 86   LEU A O   1 
ATOM   666  C CB  . LEU A 1 86  ? 9.131   -9.860  -6.874  1.00 51.03  ? 86   LEU A CB  1 
ATOM   667  C CG  . LEU A 1 86  ? 10.432  -9.192  -7.352  1.00 51.65  ? 86   LEU A CG  1 
ATOM   668  C CD1 . LEU A 1 86  ? 10.476  -7.757  -6.982  1.00 52.69  ? 86   LEU A CD1 1 
ATOM   669  C CD2 . LEU A 1 86  ? 11.660  -9.930  -6.783  1.00 53.43  ? 86   LEU A CD2 1 
ATOM   670  N N   . ALA A 1 87  ? 7.884   -8.743  -9.845  1.00 53.03  ? 87   ALA A N   1 
ATOM   671  C CA  . ALA A 1 87  ? 8.123   -8.816  -11.257 1.00 54.54  ? 87   ALA A CA  1 
ATOM   672  C C   . ALA A 1 87  ? 8.837   -7.581  -11.760 1.00 56.66  ? 87   ALA A C   1 
ATOM   673  O O   . ALA A 1 87  ? 8.170   -6.586  -12.098 1.00 59.67  ? 87   ALA A O   1 
ATOM   674  C CB  . ALA A 1 87  ? 6.802   -8.921  -11.997 1.00 54.79  ? 87   ALA A CB  1 
ATOM   675  N N   . ALA A 1 88  ? 10.154  -7.662  -11.882 1.00 56.86  ? 88   ALA A N   1 
ATOM   676  C CA  . ALA A 1 88  ? 10.945  -6.702  -12.626 1.00 55.88  ? 88   ALA A CA  1 
ATOM   677  C C   . ALA A 1 88  ? 10.666  -5.262  -12.278 1.00 55.61  ? 88   ALA A C   1 
ATOM   678  O O   . ALA A 1 88  ? 9.971   -4.583  -13.019 1.00 56.24  ? 88   ALA A O   1 
ATOM   679  C CB  . ALA A 1 88  ? 10.748  -6.900  -14.095 1.00 57.84  ? 88   ALA A CB  1 
ATOM   680  N N   . GLY A 1 89  ? 11.210  -4.788  -11.163 1.00 54.62  ? 89   GLY A N   1 
ATOM   681  C CA  . GLY A 1 89  ? 11.054  -3.370  -10.781 1.00 53.84  ? 89   GLY A CA  1 
ATOM   682  C C   . GLY A 1 89  ? 9.706   -3.009  -10.140 1.00 53.03  ? 89   GLY A C   1 
ATOM   683  O O   . GLY A 1 89  ? 9.419   -1.825  -9.903  1.00 52.80  ? 89   GLY A O   1 
ATOM   684  N N   . ALA A 1 90  ? 8.901   -4.033  -9.850  1.00 51.28  ? 90   ALA A N   1 
ATOM   685  C CA  . ALA A 1 90  ? 7.600   -3.864  -9.275  1.00 50.68  ? 90   ALA A CA  1 
ATOM   686  C C   . ALA A 1 90  ? 7.246   -4.928  -8.237  1.00 49.37  ? 90   ALA A C   1 
ATOM   687  O O   . ALA A 1 90  ? 7.401   -6.101  -8.491  1.00 48.21  ? 90   ALA A O   1 
ATOM   688  C CB  . ALA A 1 90  ? 6.552   -3.855  -10.401 1.00 50.76  ? 90   ALA A CB  1 
ATOM   689  N N   . LEU A 1 91  ? 6.741   -4.498  -7.090  1.00 48.80  ? 91   LEU A N   1 
ATOM   690  C CA  . LEU A 1 91  ? 6.152   -5.346  -6.053  1.00 49.49  ? 91   LEU A CA  1 
ATOM   691  C C   . LEU A 1 91  ? 4.654   -5.169  -6.111  1.00 49.80  ? 91   LEU A C   1 
ATOM   692  O O   . LEU A 1 91  ? 4.181   -4.064  -5.854  1.00 50.05  ? 91   LEU A O   1 
ATOM   693  C CB  . LEU A 1 91  ? 6.507   -4.878  -4.640  1.00 50.30  ? 91   LEU A CB  1 
ATOM   694  C CG  . LEU A 1 91  ? 7.656   -5.357  -3.763  1.00 52.03  ? 91   LEU A CG  1 
ATOM   695  C CD1 . LEU A 1 91  ? 7.392   -4.853  -2.296  1.00 52.53  ? 91   LEU A CD1 1 
ATOM   696  C CD2 . LEU A 1 91  ? 7.884   -6.843  -3.793  1.00 52.38  ? 91   LEU A CD2 1 
ATOM   697  N N   . ASN A 1 92  ? 3.922   -6.254  -6.368  1.00 49.09  ? 92   ASN A N   1 
ATOM   698  C CA  . ASN A 1 92  ? 2.485   -6.226  -6.662  1.00 48.05  ? 92   ASN A CA  1 
ATOM   699  C C   . ASN A 1 92  ? 1.713   -6.977  -5.624  1.00 47.10  ? 92   ASN A C   1 
ATOM   700  O O   . ASN A 1 92  ? 2.004   -8.144  -5.357  1.00 46.71  ? 92   ASN A O   1 
ATOM   701  C CB  . ASN A 1 92  ? 2.257   -6.866  -8.029  1.00 47.24  ? 92   ASN A CB  1 
ATOM   702  C CG  . ASN A 1 92  ? 3.018   -6.127  -9.122  1.00 50.38  ? 92   ASN A CG  1 
ATOM   703  O OD1 . ASN A 1 92  ? 3.187   -4.912  -9.019  1.00 49.63  ? 92   ASN A OD1 1 
ATOM   704  N ND2 . ASN A 1 92  ? 3.517   -6.852  -10.163 1.00 53.10  ? 92   ASN A ND2 1 
ATOM   705  N N   . GLN A 1 93  ? 0.714   -6.318  -5.062  1.00 46.54  ? 93   GLN A N   1 
ATOM   706  C CA  . GLN A 1 93  ? -0.159  -6.880  -4.047  1.00 46.52  ? 93   GLN A CA  1 
ATOM   707  C C   . GLN A 1 93  ? -1.598  -6.989  -4.533  1.00 47.19  ? 93   GLN A C   1 
ATOM   708  O O   . GLN A 1 93  ? -2.177  -6.000  -5.051  1.00 47.38  ? 93   GLN A O   1 
ATOM   709  C CB  . GLN A 1 93  ? -0.127  -5.985  -2.832  1.00 45.60  ? 93   GLN A CB  1 
ATOM   710  C CG  . GLN A 1 93  ? -0.899  -6.507  -1.645  1.00 45.58  ? 93   GLN A CG  1 
ATOM   711  C CD  . GLN A 1 93  ? -0.795  -5.597  -0.433  1.00 48.42  ? 93   GLN A CD  1 
ATOM   712  O OE1 . GLN A 1 93  ? -1.478  -5.808  0.608   1.00 52.19  ? 93   GLN A OE1 1 
ATOM   713  N NE2 . GLN A 1 93  ? 0.031   -4.560  -0.554  1.00 41.95  ? 93   GLN A NE2 1 
ATOM   714  N N   . VAL A 1 94  ? -2.184  -8.169  -4.338  1.00 47.15  ? 94   VAL A N   1 
ATOM   715  C CA  . VAL A 1 94  ? -3.648  -8.373  -4.496  1.00 46.96  ? 94   VAL A CA  1 
ATOM   716  C C   . VAL A 1 94  ? -4.205  -8.569  -3.092  1.00 47.19  ? 94   VAL A C   1 
ATOM   717  O O   . VAL A 1 94  ? -3.656  -9.310  -2.298  1.00 47.57  ? 94   VAL A O   1 
ATOM   718  C CB  . VAL A 1 94  ? -3.971  -9.645  -5.285  1.00 46.67  ? 94   VAL A CB  1 
ATOM   719  C CG1 . VAL A 1 94  ? -5.500  -9.740  -5.563  1.00 47.67  ? 94   VAL A CG1 1 
ATOM   720  C CG2 . VAL A 1 94  ? -3.214  -9.647  -6.560  1.00 47.25  ? 94   VAL A CG2 1 
ATOM   721  N N   . GLN A 1 95  ? -5.282  -7.891  -2.782  1.00 47.41  ? 95   GLN A N   1 
ATOM   722  C CA  . GLN A 1 95  ? -5.810  -7.889  -1.448  1.00 48.15  ? 95   GLN A CA  1 
ATOM   723  C C   . GLN A 1 95  ? -7.300  -8.212  -1.570  1.00 48.96  ? 95   GLN A C   1 
ATOM   724  O O   . GLN A 1 95  ? -8.018  -7.529  -2.337  1.00 48.50  ? 95   GLN A O   1 
ATOM   725  C CB  . GLN A 1 95  ? -5.591  -6.488  -0.879  1.00 48.34  ? 95   GLN A CB  1 
ATOM   726  C CG  . GLN A 1 95  ? -6.142  -6.199  0.506   1.00 47.69  ? 95   GLN A CG  1 
ATOM   727  C CD  . GLN A 1 95  ? -5.760  -4.756  0.937   1.00 48.25  ? 95   GLN A CD  1 
ATOM   728  O OE1 . GLN A 1 95  ? -4.757  -4.517  1.664   1.00 48.80  ? 95   GLN A OE1 1 
ATOM   729  N NE2 . GLN A 1 95  ? -6.523  -3.808  0.462   1.00 40.64  ? 95   GLN A NE2 1 
ATOM   730  N N   . LYS A 1 96  ? -7.766  -9.249  -0.859  1.00 48.44  ? 96   LYS A N   1 
ATOM   731  C CA  . LYS A 1 96  ? -9.147  -9.714  -1.020  1.00 49.30  ? 96   LYS A CA  1 
ATOM   732  C C   . LYS A 1 96  ? -9.884  -9.705  0.313   1.00 48.64  ? 96   LYS A C   1 
ATOM   733  O O   . LYS A 1 96  ? -9.337  -10.049 1.375   1.00 47.50  ? 96   LYS A O   1 
ATOM   734  C CB  . LYS A 1 96  ? -9.185  -11.141 -1.569  1.00 49.66  ? 96   LYS A CB  1 
ATOM   735  C CG  . LYS A 1 96  ? -8.363  -11.389 -2.868  1.00 53.35  ? 96   LYS A CG  1 
ATOM   736  C CD  . LYS A 1 96  ? -8.610  -12.812 -3.350  1.00 52.83  ? 96   LYS A CD  1 
ATOM   737  C CE  . LYS A 1 96  ? -7.503  -13.346 -4.230  1.00 54.16  ? 96   LYS A CE  1 
ATOM   738  N NZ  . LYS A 1 96  ? -7.968  -14.713 -4.780  1.00 56.30  ? 96   LYS A NZ  1 
ATOM   739  N N   . TRP A 1 97  ? -11.148 -9.357  0.249   1.00 47.54  ? 97   TRP A N   1 
ATOM   740  C CA  . TRP A 1 97  ? -11.977 -9.390  1.425   1.00 47.77  ? 97   TRP A CA  1 
ATOM   741  C C   . TRP A 1 97  ? -13.382 -9.625  0.907   1.00 48.19  ? 97   TRP A C   1 
ATOM   742  O O   . TRP A 1 97  ? -13.724 -9.121  -0.155  1.00 47.93  ? 97   TRP A O   1 
ATOM   743  C CB  . TRP A 1 97  ? -11.813 -8.094  2.236   1.00 46.12  ? 97   TRP A CB  1 
ATOM   744  C CG  . TRP A 1 97  ? -12.462 -6.887  1.709   1.00 44.87  ? 97   TRP A CG  1 
ATOM   745  C CD1 . TRP A 1 97  ? -13.562 -6.279  2.226   1.00 44.25  ? 97   TRP A CD1 1 
ATOM   746  C CD2 . TRP A 1 97  ? -12.064 -6.090  0.567   1.00 43.43  ? 97   TRP A CD2 1 
ATOM   747  N NE1 . TRP A 1 97  ? -13.883 -5.173  1.473   1.00 43.43  ? 97   TRP A NE1 1 
ATOM   748  C CE2 . TRP A 1 97  ? -12.973 -5.023  0.465   1.00 41.73  ? 97   TRP A CE2 1 
ATOM   749  C CE3 . TRP A 1 97  ? -11.047 -6.176  -0.360  1.00 42.35  ? 97   TRP A CE3 1 
ATOM   750  C CZ2 . TRP A 1 97  ? -12.891 -4.066  -0.534  1.00 43.69  ? 97   TRP A CZ2 1 
ATOM   751  C CZ3 . TRP A 1 97  ? -10.966 -5.205  -1.354  1.00 44.61  ? 97   TRP A CZ3 1 
ATOM   752  C CH2 . TRP A 1 97  ? -11.860 -4.173  -1.428  1.00 42.84  ? 97   TRP A CH2 1 
ATOM   753  N N   . ASN A 1 98  ? -14.168 -10.447 1.599   1.00 49.14  ? 98   ASN A N   1 
ATOM   754  C CA  . ASN A 1 98  ? -15.460 -10.919 1.035   1.00 49.53  ? 98   ASN A CA  1 
ATOM   755  C C   . ASN A 1 98  ? -15.340 -11.459 -0.418  1.00 50.29  ? 98   ASN A C   1 
ATOM   756  O O   . ASN A 1 98  ? -14.366 -12.193 -0.710  1.00 51.52  ? 98   ASN A O   1 
ATOM   757  C CB  . ASN A 1 98  ? -16.453 -9.792  1.136   1.00 49.91  ? 98   ASN A CB  1 
ATOM   758  C CG  . ASN A 1 98  ? -17.073 -9.729  2.476   1.00 50.62  ? 98   ASN A CG  1 
ATOM   759  O OD1 . ASN A 1 98  ? -16.390 -9.899  3.515   1.00 49.63  ? 98   ASN A OD1 1 
ATOM   760  N ND2 . ASN A 1 98  ? -18.394 -9.531  2.487   1.00 49.10  ? 98   ASN A ND2 1 
ATOM   761  N N   . GLY A 1 99  ? -16.269 -11.107 -1.323  1.00 49.35  ? 99   GLY A N   1 
ATOM   762  C CA  . GLY A 1 99  ? -16.009 -11.289 -2.773  1.00 48.62  ? 99   GLY A CA  1 
ATOM   763  C C   . GLY A 1 99  ? -15.241 -10.182 -3.526  1.00 48.04  ? 99   GLY A C   1 
ATOM   764  O O   . GLY A 1 99  ? -15.260 -10.166 -4.763  1.00 48.22  ? 99   GLY A O   1 
ATOM   765  N N   . ASN A 1 100 ? -14.555 -9.287  -2.806  1.00 46.99  ? 100  ASN A N   1 
ATOM   766  C CA  . ASN A 1 100 ? -13.950 -8.054  -3.355  1.00 47.11  ? 100  ASN A CA  1 
ATOM   767  C C   . ASN A 1 100 ? -12.433 -8.206  -3.511  1.00 47.92  ? 100  ASN A C   1 
ATOM   768  O O   . ASN A 1 100 ? -11.811 -8.938  -2.742  1.00 46.59  ? 100  ASN A O   1 
ATOM   769  C CB  . ASN A 1 100 ? -14.145 -6.897  -2.381  1.00 46.26  ? 100  ASN A CB  1 
ATOM   770  C CG  . ASN A 1 100 ? -15.605 -6.612  -2.092  1.00 46.54  ? 100  ASN A CG  1 
ATOM   771  O OD1 . ASN A 1 100 ? -16.334 -6.223  -2.989  1.00 45.93  ? 100  ASN A OD1 1 
ATOM   772  N ND2 . ASN A 1 100 ? -16.022 -6.780  -0.848  1.00 44.29  ? 100  ASN A ND2 1 
ATOM   773  N N   . GLU A 1 101 ? -11.861 -7.470  -4.468  1.00 48.70  ? 101  GLU A N   1 
ATOM   774  C CA  . GLU A 1 101 ? -10.418 -7.476  -4.736  1.00 48.74  ? 101  GLU A CA  1 
ATOM   775  C C   . GLU A 1 101 ? -9.904  -6.088  -5.121  1.00 47.82  ? 101  GLU A C   1 
ATOM   776  O O   . GLU A 1 101 ? -10.515 -5.401  -5.903  1.00 48.52  ? 101  GLU A O   1 
ATOM   777  C CB  . GLU A 1 101 ? -10.142 -8.458  -5.867  1.00 48.71  ? 101  GLU A CB  1 
ATOM   778  C CG  . GLU A 1 101 ? -8.698  -8.758  -6.046  1.00 51.02  ? 101  GLU A CG  1 
ATOM   779  C CD  . GLU A 1 101 ? -8.466  -9.806  -7.107  1.00 52.93  ? 101  GLU A CD  1 
ATOM   780  O OE1 . GLU A 1 101 ? -8.830  -10.985 -6.879  1.00 59.51  ? 101  GLU A OE1 1 
ATOM   781  O OE2 . GLU A 1 101 ? -7.946  -9.433  -8.180  1.00 60.53  ? 101  GLU A OE2 1 
ATOM   782  N N   . THR A 1 102 ? -8.775  -5.664  -4.583  1.00 47.49  ? 102  THR A N   1 
ATOM   783  C CA  . THR A 1 102 ? -8.129  -4.430  -5.051  1.00 47.34  ? 102  THR A CA  1 
ATOM   784  C C   . THR A 1 102 ? -6.656  -4.738  -5.312  1.00 48.06  ? 102  THR A C   1 
ATOM   785  O O   . THR A 1 102 ? -6.115  -5.704  -4.718  1.00 48.24  ? 102  THR A O   1 
ATOM   786  C CB  . THR A 1 102 ? -8.317  -3.224  -4.045  1.00 47.01  ? 102  THR A CB  1 
ATOM   787  O OG1 . THR A 1 102 ? -7.704  -2.039  -4.578  1.00 44.34  ? 102  THR A OG1 1 
ATOM   788  C CG2 . THR A 1 102 ? -7.684  -3.539  -2.654  1.00 47.16  ? 102  THR A CG2 1 
ATOM   789  N N   . THR A 1 103 ? -6.013  -3.991  -6.227  1.00 47.56  ? 103  THR A N   1 
ATOM   790  C CA  . THR A 1 103 ? -4.565  -4.160  -6.437  1.00 47.84  ? 103  THR A CA  1 
ATOM   791  C C   . THR A 1 103 ? -3.804  -2.937  -5.999  1.00 47.87  ? 103  THR A C   1 
ATOM   792  O O   . THR A 1 103 ? -4.307  -1.815  -6.093  1.00 46.54  ? 103  THR A O   1 
ATOM   793  C CB  . THR A 1 103 ? -4.197  -4.469  -7.898  1.00 47.73  ? 103  THR A CB  1 
ATOM   794  O OG1 . THR A 1 103 ? -4.814  -3.499  -8.732  1.00 50.17  ? 103  THR A OG1 1 
ATOM   795  C CG2 . THR A 1 103 ? -4.718  -5.833  -8.288  1.00 47.87  ? 103  THR A CG2 1 
ATOM   796  N N   . ILE A 1 104 ? -2.607  -3.188  -5.458  1.00 48.34  ? 104  ILE A N   1 
ATOM   797  C CA  . ILE A 1 104 ? -1.638  -2.171  -5.083  1.00 48.31  ? 104  ILE A CA  1 
ATOM   798  C C   . ILE A 1 104 ? -0.279  -2.545  -5.698  1.00 48.09  ? 104  ILE A C   1 
ATOM   799  O O   . ILE A 1 104 ? 0.395   -3.496  -5.236  1.00 46.18  ? 104  ILE A O   1 
ATOM   800  C CB  . ILE A 1 104 ? -1.519  -2.081  -3.560  1.00 48.89  ? 104  ILE A CB  1 
ATOM   801  C CG1 . ILE A 1 104 ? -2.890  -1.769  -2.945  1.00 50.10  ? 104  ILE A CG1 1 
ATOM   802  C CG2 . ILE A 1 104 ? -0.530  -1.064  -3.176  1.00 47.70  ? 104  ILE A CG2 1 
ATOM   803  C CD1 . ILE A 1 104 ? -2.965  -2.161  -1.576  1.00 52.45  ? 104  ILE A CD1 1 
ATOM   804  N N   . LYS A 1 105 ? 0.097   -1.820  -6.766  1.00 48.63  ? 105  LYS A N   1 
ATOM   805  C CA  . LYS A 1 105 ? 1.343   -2.040  -7.482  1.00 49.51  ? 105  LYS A CA  1 
ATOM   806  C C   . LYS A 1 105 ? 2.392   -0.923  -7.261  1.00 49.15  ? 105  LYS A C   1 
ATOM   807  O O   . LYS A 1 105 ? 2.161   0.253   -7.627  1.00 48.51  ? 105  LYS A O   1 
ATOM   808  C CB  . LYS A 1 105 ? 1.076   -2.244  -8.959  1.00 50.08  ? 105  LYS A CB  1 
ATOM   809  C CG  . LYS A 1 105 ? 0.074   -3.402  -9.200  1.00 52.83  ? 105  LYS A CG  1 
ATOM   810  C CD  . LYS A 1 105 ? -0.023  -3.758  -10.688 1.00 53.47  ? 105  LYS A CD  1 
ATOM   811  C CE  . LYS A 1 105 ? -1.134  -4.801  -11.012 1.00 54.33  ? 105  LYS A CE  1 
ATOM   812  N NZ  . LYS A 1 105 ? -1.123  -5.000  -12.480 1.00 55.47  ? 105  LYS A NZ  1 
ATOM   813  N N   . ARG A 1 106 ? 3.509   -1.318  -6.632  1.00 47.37  ? 106  ARG A N   1 
ATOM   814  C CA  . ARG A 1 106 ? 4.599   -0.419  -6.313  1.00 48.19  ? 106  ARG A CA  1 
ATOM   815  C C   . ARG A 1 106 ? 5.715   -0.517  -7.333  1.00 48.30  ? 106  ARG A C   1 
ATOM   816  O O   . ARG A 1 106 ? 6.360   -1.562  -7.457  1.00 47.96  ? 106  ARG A O   1 
ATOM   817  C CB  . ARG A 1 106 ? 5.153   -0.712  -4.929  1.00 47.93  ? 106  ARG A CB  1 
ATOM   818  C CG  . ARG A 1 106 ? 4.129   -0.665  -3.807  1.00 48.25  ? 106  ARG A CG  1 
ATOM   819  C CD  . ARG A 1 106 ? 4.716   -1.213  -2.496  1.00 51.06  ? 106  ARG A CD  1 
ATOM   820  N NE  . ARG A 1 106 ? 3.663   -1.430  -1.515  1.00 50.94  ? 106  ARG A NE  1 
ATOM   821  C CZ  . ARG A 1 106 ? 3.275   -0.552  -0.610  1.00 56.52  ? 106  ARG A CZ  1 
ATOM   822  N NH1 . ARG A 1 106 ? 3.892   0.635   -0.516  1.00 61.59  ? 106  ARG A NH1 1 
ATOM   823  N NH2 . ARG A 1 106 ? 2.262   -0.859  0.217   1.00 56.44  ? 106  ARG A NH2 1 
ATOM   824  N N   . LYS A 1 107 ? 5.928   0.572   -8.060  1.00 47.79  ? 107  LYS A N   1 
ATOM   825  C CA  . LYS A 1 107 ? 6.875   0.612   -9.152  1.00 48.71  ? 107  LYS A CA  1 
ATOM   826  C C   . LYS A 1 107 ? 7.958   1.648   -8.845  1.00 48.60  ? 107  LYS A C   1 
ATOM   827  O O   . LYS A 1 107 ? 7.661   2.755   -8.443  1.00 48.69  ? 107  LYS A O   1 
ATOM   828  C CB  . LYS A 1 107 ? 6.154   0.937   -10.489 1.00 48.92  ? 107  LYS A CB  1 
ATOM   829  C CG  . LYS A 1 107 ? 7.026   0.817   -11.696 1.00 48.15  ? 107  LYS A CG  1 
ATOM   830  C CD  . LYS A 1 107 ? 6.349   1.149   -13.020 1.00 50.17  ? 107  LYS A CD  1 
ATOM   831  C CE  . LYS A 1 107 ? 7.292   0.720   -14.194 0.50 49.92  ? 107  LYS A CE  1 
ATOM   832  N NZ  . LYS A 1 107 ? 6.948   1.266   -15.572 0.50 50.95  ? 107  LYS A NZ  1 
ATOM   833  N N   . LEU A 1 108 ? 9.219   1.265   -9.074  1.00 48.72  ? 108  LEU A N   1 
ATOM   834  C CA  . LEU A 1 108 ? 10.367  2.141   -8.895  1.00 49.07  ? 108  LEU A CA  1 
ATOM   835  C C   . LEU A 1 108 ? 10.679  2.949   -10.156 1.00 49.40  ? 108  LEU A C   1 
ATOM   836  O O   . LEU A 1 108 ? 10.817  2.398   -11.229 1.00 49.62  ? 108  LEU A O   1 
ATOM   837  C CB  . LEU A 1 108 ? 11.579  1.294   -8.523  1.00 48.85  ? 108  LEU A CB  1 
ATOM   838  C CG  . LEU A 1 108 ? 11.507  0.488   -7.235  1.00 49.02  ? 108  LEU A CG  1 
ATOM   839  C CD1 . LEU A 1 108 ? 12.623  -0.537  -7.156  1.00 49.75  ? 108  LEU A CD1 1 
ATOM   840  C CD2 . LEU A 1 108 ? 11.520  1.421   -6.022  1.00 48.64  ? 108  LEU A CD2 1 
ATOM   841  N N   . VAL A 1 109 ? 10.821  4.255   -9.995  1.00 49.93  ? 109  VAL A N   1 
ATOM   842  C CA  . VAL A 1 109 ? 11.109  5.175   -11.079 1.00 50.11  ? 109  VAL A CA  1 
ATOM   843  C C   . VAL A 1 109 ? 12.186  6.157   -10.610 1.00 50.20  ? 109  VAL A C   1 
ATOM   844  O O   . VAL A 1 109 ? 11.969  6.941   -9.712  1.00 50.96  ? 109  VAL A O   1 
ATOM   845  C CB  . VAL A 1 109 ? 9.814   5.989   -11.477 1.00 50.54  ? 109  VAL A CB  1 
ATOM   846  C CG1 . VAL A 1 109 ? 10.080  6.825   -12.721 1.00 49.88  ? 109  VAL A CG1 1 
ATOM   847  C CG2 . VAL A 1 109 ? 8.653   5.055   -11.735 1.00 51.14  ? 109  VAL A CG2 1 
ATOM   848  N N   . ASP A 1 110 ? 13.371  6.121   -11.180 1.00 51.08  ? 110  ASP A N   1 
ATOM   849  C CA  . ASP A 1 110 ? 14.441  7.011   -10.692 1.00 50.81  ? 110  ASP A CA  1 
ATOM   850  C C   . ASP A 1 110 ? 14.402  7.674   -9.265  1.00 51.22  ? 110  ASP A C   1 
ATOM   851  O O   . ASP A 1 110 ? 14.199  8.880   -9.179  1.00 52.55  ? 110  ASP A O   1 
ATOM   852  C CB  . ASP A 1 110 ? 14.384  8.134   -11.672 1.00 51.90  ? 110  ASP A CB  1 
ATOM   853  C CG  . ASP A 1 110 ? 15.142  7.840   -12.906 1.00 51.62  ? 110  ASP A CG  1 
ATOM   854  O OD1 . ASP A 1 110 ? 15.190  6.661   -13.359 1.00 48.56  ? 110  ASP A OD1 1 
ATOM   855  O OD2 . ASP A 1 110 ? 15.674  8.838   -13.372 1.00 51.41  ? 110  ASP A OD2 1 
ATOM   856  N N   . GLY A 1 111 ? 14.601  6.947   -8.156  1.00 50.41  ? 111  GLY A N   1 
ATOM   857  C CA  . GLY A 1 111 ? 14.521  7.568   -6.810  1.00 49.60  ? 111  GLY A CA  1 
ATOM   858  C C   . GLY A 1 111 ? 13.123  7.783   -6.209  1.00 49.36  ? 111  GLY A C   1 
ATOM   859  O O   . GLY A 1 111 ? 12.987  8.355   -5.129  1.00 48.82  ? 111  GLY A O   1 
ATOM   860  N N   . LYS A 1 112 ? 12.091  7.325   -6.915  1.00 48.33  ? 112  LYS A N   1 
ATOM   861  C CA  . LYS A 1 112 ? 10.725  7.423   -6.481  1.00 48.09  ? 112  LYS A CA  1 
ATOM   862  C C   . LYS A 1 112 ? 10.088  6.050   -6.537  1.00 47.61  ? 112  LYS A C   1 
ATOM   863  O O   . LYS A 1 112 ? 10.560  5.169   -7.275  1.00 45.92  ? 112  LYS A O   1 
ATOM   864  C CB  . LYS A 1 112 ? 9.936   8.368   -7.402  1.00 48.78  ? 112  LYS A CB  1 
ATOM   865  C CG  . LYS A 1 112 ? 10.420  9.821   -7.424  1.00 47.91  ? 112  LYS A CG  1 
ATOM   866  C CD  . LYS A 1 112 ? 9.464   10.715  -8.268  1.00 51.69  ? 112  LYS A CD  1 
ATOM   867  C CE  . LYS A 1 112 ? 10.130  12.029  -8.713  1.00 51.86  ? 112  LYS A CE  1 
ATOM   868  N NZ  . LYS A 1 112 ? 11.299  11.693  -9.637  1.00 56.40  ? 112  LYS A NZ  1 
ATOM   869  N N   . MET A 1 113 ? 9.016   5.880   -5.755  1.00 46.78  ? 113  MET A N   1 
ATOM   870  C CA  . MET A 1 113 ? 8.131   4.709   -5.828  1.00 47.17  ? 113  MET A CA  1 
ATOM   871  C C   . MET A 1 113 ? 6.792   5.261   -6.240  1.00 46.52  ? 113  MET A C   1 
ATOM   872  O O   . MET A 1 113 ? 6.239   6.077   -5.524  1.00 46.51  ? 113  MET A O   1 
ATOM   873  C CB  . MET A 1 113 ? 8.044   4.017   -4.436  1.00 47.29  ? 113  MET A CB  1 
ATOM   874  C CG  . MET A 1 113 ? 7.355   2.657   -4.355  1.00 46.78  ? 113  MET A CG  1 
ATOM   875  S SD  . MET A 1 113 ? 7.409   1.893   -2.675  1.00 48.28  ? 113  MET A SD  1 
ATOM   876  C CE  . MET A 1 113 ? 6.788   3.178   -1.568  1.00 54.43  ? 113  MET A CE  1 
ATOM   877  N N   . VAL A 1 114 ? 6.309   4.836   -7.404  1.00 46.18  ? 114  VAL A N   1 
ATOM   878  C CA  . VAL A 1 114 ? 4.970   5.149   -7.899  1.00 46.98  ? 114  VAL A CA  1 
ATOM   879  C C   . VAL A 1 114 ? 3.993   3.948   -7.627  1.00 46.36  ? 114  VAL A C   1 
ATOM   880  O O   . VAL A 1 114 ? 4.201   2.787   -8.073  1.00 46.55  ? 114  VAL A O   1 
ATOM   881  C CB  . VAL A 1 114 ? 5.040   5.542   -9.369  1.00 46.47  ? 114  VAL A CB  1 
ATOM   882  C CG1 . VAL A 1 114 ? 3.683   5.991   -9.921  1.00 49.88  ? 114  VAL A CG1 1 
ATOM   883  C CG2 . VAL A 1 114 ? 6.069   6.639   -9.564  1.00 46.92  ? 114  VAL A CG2 1 
ATOM   884  N N   . VAL A 1 115 ? 2.982   4.220   -6.827  1.00 45.78  ? 115  VAL A N   1 
ATOM   885  C CA  . VAL A 1 115 ? 2.079   3.182   -6.323  1.00 45.48  ? 115  VAL A CA  1 
ATOM   886  C C   . VAL A 1 115 ? 0.716   3.341   -6.991  1.00 46.92  ? 115  VAL A C   1 
ATOM   887  O O   . VAL A 1 115 ? 0.067   4.384   -6.825  1.00 47.68  ? 115  VAL A O   1 
ATOM   888  C CB  . VAL A 1 115 ? 2.024   3.240   -4.796  1.00 44.08  ? 115  VAL A CB  1 
ATOM   889  C CG1 . VAL A 1 115 ? 1.051   2.193   -4.191  1.00 41.24  ? 115  VAL A CG1 1 
ATOM   890  C CG2 . VAL A 1 115 ? 3.472   3.131   -4.194  1.00 41.48  ? 115  VAL A CG2 1 
ATOM   891  N N   . GLU A 1 116 ? 0.310   2.354   -7.804  1.00 48.02  ? 116  GLU A N   1 
ATOM   892  C CA  . GLU A 1 116 ? -0.996  2.413   -8.476  1.00 48.45  ? 116  GLU A CA  1 
ATOM   893  C C   . GLU A 1 116 ? -1.936  1.514   -7.721  1.00 48.22  ? 116  GLU A C   1 
ATOM   894  O O   . GLU A 1 116 ? -1.648  0.331   -7.473  1.00 46.72  ? 116  GLU A O   1 
ATOM   895  C CB  . GLU A 1 116 ? -0.937  1.964   -9.934  1.00 49.24  ? 116  GLU A CB  1 
ATOM   896  C CG  . GLU A 1 116 ? -2.131  2.510   -10.812 1.00 50.64  ? 116  GLU A CG  1 
ATOM   897  C CD  . GLU A 1 116 ? -1.964  2.233   -12.339 1.00 54.21  ? 116  GLU A CD  1 
ATOM   898  O OE1 . GLU A 1 116 ? -1.923  3.212   -13.168 1.00 59.29  ? 116  GLU A OE1 1 
ATOM   899  O OE2 . GLU A 1 116 ? -1.903  1.024   -12.699 1.00 59.14  ? 116  GLU A OE2 1 
ATOM   900  N N   . CYS A 1 117 ? -3.058  2.080   -7.308  1.00 48.66  ? 117  CYS A N   1 
ATOM   901  C CA  . CYS A 1 117 ? -4.028  1.341   -6.523  1.00 49.28  ? 117  CYS A CA  1 
ATOM   902  C C   . CYS A 1 117 ? -5.294  1.343   -7.364  1.00 49.06  ? 117  CYS A C   1 
ATOM   903  O O   . CYS A 1 117 ? -5.653  2.389   -7.823  1.00 49.28  ? 117  CYS A O   1 
ATOM   904  C CB  . CYS A 1 117 ? -4.275  2.046   -5.199  1.00 49.45  ? 117  CYS A CB  1 
ATOM   905  S SG  . CYS A 1 117 ? -2.803  2.368   -4.220  1.00 51.28  ? 117  CYS A SG  1 
ATOM   906  N N   . LYS A 1 118 ? -5.940  0.185   -7.537  1.00 49.17  ? 118  LYS A N   1 
ATOM   907  C CA  . LYS A 1 118 ? -7.132  0.009   -8.372  1.00 49.44  ? 118  LYS A CA  1 
ATOM   908  C C   . LYS A 1 118 ? -8.232  -0.798  -7.652  1.00 49.70  ? 118  LYS A C   1 
ATOM   909  O O   . LYS A 1 118 ? -7.988  -1.875  -7.128  1.00 48.49  ? 118  LYS A O   1 
ATOM   910  C CB  . LYS A 1 118 ? -6.788  -0.726  -9.673  1.00 49.25  ? 118  LYS A CB  1 
ATOM   911  C CG  . LYS A 1 118 ? -6.261  0.163   -10.803 0.50 49.58  ? 118  LYS A CG  1 
ATOM   912  C CD  . LYS A 1 118 ? -5.141  -0.518  -11.641 0.50 50.33  ? 118  LYS A CD  1 
ATOM   913  C CE  . LYS A 1 118 ? -5.527  -0.620  -13.119 0.50 50.03  ? 118  LYS A CE  1 
ATOM   914  N NZ  . LYS A 1 118 ? -4.410  -0.276  -14.052 0.50 50.88  ? 118  LYS A NZ  1 
ATOM   915  N N   . MET A 1 119 ? -9.438  -0.271  -7.680  1.00 50.09  ? 119  MET A N   1 
ATOM   916  C CA  . MET A 1 119 ? -10.617 -0.922  -7.128  1.00 51.64  ? 119  MET A CA  1 
ATOM   917  C C   . MET A 1 119 ? -11.772 -0.662  -8.113  1.00 51.97  ? 119  MET A C   1 
ATOM   918  O O   . MET A 1 119 ? -12.211 0.472   -8.269  1.00 50.99  ? 119  MET A O   1 
ATOM   919  C CB  . MET A 1 119 ? -10.968 -0.354  -5.754  1.00 51.29  ? 119  MET A CB  1 
ATOM   920  C CG  . MET A 1 119 ? -12.315 -0.818  -5.185  1.00 52.42  ? 119  MET A CG  1 
ATOM   921  S SD  . MET A 1 119 ? -12.316 -2.593  -4.899  1.00 55.08  ? 119  MET A SD  1 
ATOM   922  C CE  . MET A 1 119 ? -13.929 -2.799  -4.208  1.00 52.91  ? 119  MET A CE  1 
ATOM   923  N N   . ALA A 1 120 ? -12.197 -1.737  -8.786  1.00 53.10  ? 120  ALA A N   1 
ATOM   924  C CA  . ALA A 1 120 ? -13.071 -1.706  -9.976  1.00 53.00  ? 120  ALA A CA  1 
ATOM   925  C C   . ALA A 1 120 ? -12.510 -0.749  -11.049 1.00 53.28  ? 120  ALA A C   1 
ATOM   926  O O   . ALA A 1 120 ? -11.455 -1.016  -11.615 1.00 54.35  ? 120  ALA A O   1 
ATOM   927  C CB  . ALA A 1 120 ? -14.505 -1.384  -9.576  1.00 52.96  ? 120  ALA A CB  1 
ATOM   928  N N   . SER A 1 121 ? -13.184 0.377   -11.261 1.00 54.10  ? 121  SER A N   1 
ATOM   929  C CA  . SER A 1 121 ? -12.847 1.378   -12.264 1.00 53.82  ? 121  SER A CA  1 
ATOM   930  C C   . SER A 1 121 ? -12.023 2.553   -11.727 1.00 53.75  ? 121  SER A C   1 
ATOM   931  O O   . SER A 1 121 ? -11.599 3.408   -12.491 1.00 53.52  ? 121  SER A O   1 
ATOM   932  C CB  . SER A 1 121 ? -14.163 1.949   -12.816 1.00 54.74  ? 121  SER A CB  1 
ATOM   933  O OG  . SER A 1 121 ? -14.976 2.413   -11.742 1.00 55.20  ? 121  SER A OG  1 
ATOM   934  N N   . VAL A 1 122 ? -11.794 2.605   -10.413 1.00 54.17  ? 122  VAL A N   1 
ATOM   935  C CA  . VAL A 1 122 ? -11.126 3.754   -9.786  1.00 53.31  ? 122  VAL A CA  1 
ATOM   936  C C   . VAL A 1 122 ? -9.654  3.459   -9.757  1.00 52.67  ? 122  VAL A C   1 
ATOM   937  O O   . VAL A 1 122 ? -9.252  2.407   -9.257  1.00 53.55  ? 122  VAL A O   1 
ATOM   938  C CB  . VAL A 1 122 ? -11.635 4.040   -8.342  1.00 53.22  ? 122  VAL A CB  1 
ATOM   939  C CG1 . VAL A 1 122 ? -10.635 4.939   -7.577  1.00 54.92  ? 122  VAL A CG1 1 
ATOM   940  C CG2 . VAL A 1 122 ? -13.036 4.678   -8.365  1.00 54.15  ? 122  VAL A CG2 1 
ATOM   941  N N   . VAL A 1 123 ? -8.851  4.396   -10.273 1.00 51.91  ? 123  VAL A N   1 
ATOM   942  C CA  . VAL A 1 123 ? -7.374  4.315   -10.219 1.00 50.66  ? 123  VAL A CA  1 
ATOM   943  C C   . VAL A 1 123 ? -6.794  5.492   -9.384  1.00 50.47  ? 123  VAL A C   1 
ATOM   944  O O   . VAL A 1 123 ? -7.112  6.664   -9.612  1.00 49.92  ? 123  VAL A O   1 
ATOM   945  C CB  . VAL A 1 123 ? -6.768  4.286   -11.625 1.00 50.51  ? 123  VAL A CB  1 
ATOM   946  C CG1 . VAL A 1 123 ? -5.272  4.063   -11.587 1.00 50.62  ? 123  VAL A CG1 1 
ATOM   947  C CG2 . VAL A 1 123 ? -7.422  3.158   -12.458 1.00 51.66  ? 123  VAL A CG2 1 
ATOM   948  N N   . CYS A 1 124 ? -5.965  5.156   -8.399  1.00 48.50  ? 124  CYS A N   1 
ATOM   949  C CA  . CYS A 1 124 ? -5.309  6.107   -7.543  1.00 47.85  ? 124  CYS A CA  1 
ATOM   950  C C   . CYS A 1 124 ? -3.808  5.991   -7.716  1.00 46.42  ? 124  CYS A C   1 
ATOM   951  O O   . CYS A 1 124 ? -3.291  4.886   -7.817  1.00 46.65  ? 124  CYS A O   1 
ATOM   952  C CB  . CYS A 1 124 ? -5.685  5.789   -6.085  1.00 48.70  ? 124  CYS A CB  1 
ATOM   953  S SG  . CYS A 1 124 ? -4.750  6.596   -4.778  1.00 51.42  ? 124  CYS A SG  1 
ATOM   954  N N   . THR A 1 125 ? -3.098  7.106   -7.761  1.00 45.04  ? 125  THR A N   1 
ATOM   955  C CA  . THR A 1 125 ? -1.626  7.070   -7.832  1.00 45.48  ? 125  THR A CA  1 
ATOM   956  C C   . THR A 1 125 ? -0.984  7.872   -6.703  1.00 44.35  ? 125  THR A C   1 
ATOM   957  O O   . THR A 1 125 ? -1.325  9.068   -6.485  1.00 43.64  ? 125  THR A O   1 
ATOM   958  C CB  . THR A 1 125 ? -1.124  7.624   -9.197  1.00 46.01  ? 125  THR A CB  1 
ATOM   959  O OG1 . THR A 1 125 ? -1.866  7.013   -10.240 1.00 47.33  ? 125  THR A OG1 1 
ATOM   960  C CG2 . THR A 1 125 ? 0.365   7.307   -9.414  1.00 45.01  ? 125  THR A CG2 1 
ATOM   961  N N   . ARG A 1 126 ? -0.111  7.225   -5.953  1.00 43.87  ? 126  ARG A N   1 
ATOM   962  C CA  . ARG A 1 126 ? 0.612   7.879   -4.855  1.00 45.05  ? 126  ARG A CA  1 
ATOM   963  C C   . ARG A 1 126 ? 2.095   7.767   -5.118  1.00 44.58  ? 126  ARG A C   1 
ATOM   964  O O   . ARG A 1 126 ? 2.585   6.659   -5.375  1.00 45.86  ? 126  ARG A O   1 
ATOM   965  C CB  . ARG A 1 126 ? 0.315   7.212   -3.507  1.00 44.83  ? 126  ARG A CB  1 
ATOM   966  C CG  . ARG A 1 126 ? -1.098  6.650   -3.376  1.00 47.11  ? 126  ARG A CG  1 
ATOM   967  C CD  . ARG A 1 126 ? -1.990  7.580   -2.608  1.00 41.81  ? 126  ARG A CD  1 
ATOM   968  N NE  . ARG A 1 126 ? -1.679  7.488   -1.196  1.00 41.72  ? 126  ARG A NE  1 
ATOM   969  C CZ  . ARG A 1 126 ? -2.038  8.409   -0.282  1.00 42.71  ? 126  ARG A CZ  1 
ATOM   970  N NH1 . ARG A 1 126 ? -2.756  9.448   -0.613  1.00 39.24  ? 126  ARG A NH1 1 
ATOM   971  N NH2 . ARG A 1 126 ? -1.688  8.282   0.975   1.00 42.60  ? 126  ARG A NH2 1 
ATOM   972  N N   . ILE A 1 127 ? 2.801   8.894   -5.051  1.00 44.89  ? 127  ILE A N   1 
ATOM   973  C CA  . ILE A 1 127 ? 4.245   8.972   -5.340  1.00 45.55  ? 127  ILE A CA  1 
ATOM   974  C C   . ILE A 1 127 ? 5.017   9.193   -4.038  1.00 45.05  ? 127  ILE A C   1 
ATOM   975  O O   . ILE A 1 127 ? 4.711   10.091  -3.297  1.00 45.14  ? 127  ILE A O   1 
ATOM   976  C CB  . ILE A 1 127 ? 4.593   10.137  -6.270  1.00 44.70  ? 127  ILE A CB  1 
ATOM   977  C CG1 . ILE A 1 127 ? 3.545   10.312  -7.356  1.00 47.54  ? 127  ILE A CG1 1 
ATOM   978  C CG2 . ILE A 1 127 ? 5.982   9.999   -6.868  1.00 44.31  ? 127  ILE A CG2 1 
ATOM   979  C CD1 . ILE A 1 127 ? 3.359   9.241   -8.296  1.00 51.27  ? 127  ILE A CD1 1 
ATOM   980  N N   . TYR A 1 128 ? 6.026   8.370   -3.788  1.00 47.12  ? 128  TYR A N   1 
ATOM   981  C CA  . TYR A 1 128 ? 6.906   8.500   -2.601  1.00 47.50  ? 128  TYR A CA  1 
ATOM   982  C C   . TYR A 1 128 ? 8.353   8.791   -3.071  1.00 48.39  ? 128  TYR A C   1 
ATOM   983  O O   . TYR A 1 128 ? 8.806   8.317   -4.129  1.00 46.01  ? 128  TYR A O   1 
ATOM   984  C CB  . TYR A 1 128 ? 6.853   7.226   -1.700  1.00 47.75  ? 128  TYR A CB  1 
ATOM   985  C CG  . TYR A 1 128 ? 5.465   6.864   -1.210  1.00 47.35  ? 128  TYR A CG  1 
ATOM   986  C CD1 . TYR A 1 128 ? 4.522   6.334   -2.098  1.00 49.41  ? 128  TYR A CD1 1 
ATOM   987  C CD2 . TYR A 1 128 ? 5.067   7.050   0.131   1.00 46.63  ? 128  TYR A CD2 1 
ATOM   988  C CE1 . TYR A 1 128 ? 3.218   6.027   -1.676  1.00 48.80  ? 128  TYR A CE1 1 
ATOM   989  C CE2 . TYR A 1 128 ? 3.756   6.711   0.568   1.00 44.66  ? 128  TYR A CE2 1 
ATOM   990  C CZ  . TYR A 1 128 ? 2.854   6.218   -0.364  1.00 49.11  ? 128  TYR A CZ  1 
ATOM   991  O OH  . TYR A 1 128 ? 1.565   5.867   -0.029  1.00 53.15  ? 128  TYR A OH  1 
ATOM   992  N N   . GLU A 1 129 ? 9.072   9.585   -2.284  1.00 49.18  ? 129  GLU A N   1 
ATOM   993  C CA  . GLU A 1 129 ? 10.433  9.929   -2.626  1.00 50.26  ? 129  GLU A CA  1 
ATOM   994  C C   . GLU A 1 129 ? 11.320  9.279   -1.622  1.00 48.86  ? 129  GLU A C   1 
ATOM   995  O O   . GLU A 1 129 ? 11.082  9.402   -0.431  1.00 47.34  ? 129  GLU A O   1 
ATOM   996  C CB  . GLU A 1 129 ? 10.675  11.430  -2.566  1.00 50.50  ? 129  GLU A CB  1 
ATOM   997  C CG  . GLU A 1 129 ? 10.760  12.155  -3.917  1.00 53.79  ? 129  GLU A CG  1 
ATOM   998  C CD  . GLU A 1 129 ? 11.017  13.617  -3.671  1.00 54.57  ? 129  GLU A CD  1 
ATOM   999  O OE1 . GLU A 1 129 ? 11.565  13.900  -2.567  1.00 61.01  ? 129  GLU A OE1 1 
ATOM   1000 O OE2 . GLU A 1 129 ? 10.645  14.490  -4.523  1.00 62.61  ? 129  GLU A OE2 1 
ATOM   1001 N N   . LYS A 1 130 ? 12.353  8.600   -2.111  1.00 49.65  ? 130  LYS A N   1 
ATOM   1002 C CA  . LYS A 1 130 ? 13.363  7.990   -1.228  1.00 49.66  ? 130  LYS A CA  1 
ATOM   1003 C C   . LYS A 1 130 ? 14.040  9.100   -0.388  1.00 49.50  ? 130  LYS A C   1 
ATOM   1004 O O   . LYS A 1 130 ? 14.415  10.161  -0.918  1.00 49.10  ? 130  LYS A O   1 
ATOM   1005 C CB  . LYS A 1 130 ? 14.353  7.181   -2.070  1.00 50.28  ? 130  LYS A CB  1 
ATOM   1006 C CG  . LYS A 1 130 ? 15.572  6.590   -1.326  1.00 50.20  ? 130  LYS A CG  1 
ATOM   1007 C CD  . LYS A 1 130 ? 15.754  5.083   -1.537  1.00 49.94  ? 130  LYS A CD  1 
ATOM   1008 C CE  . LYS A 1 130 ? 15.918  4.701   -2.967  0.50 49.13  ? 130  LYS A CE  1 
ATOM   1009 N NZ  . LYS A 1 130 ? 16.181  3.245   -3.079  0.50 48.24  ? 130  LYS A NZ  1 
ATOM   1010 N N   . VAL A 1 131 ? 14.136  8.885   0.923   1.00 49.22  ? 131  VAL A N   1 
ATOM   1011 C CA  . VAL A 1 131 ? 14.749  9.890   1.805   1.00 49.09  ? 131  VAL A CA  1 
ATOM   1012 C C   . VAL A 1 131 ? 15.712  9.306   2.848   1.00 48.86  ? 131  VAL A C   1 
ATOM   1013 O O   . VAL A 1 131 ? 15.716  8.111   3.118   1.00 48.78  ? 131  VAL A O   1 
ATOM   1014 C CB  . VAL A 1 131 ? 13.717  10.722  2.554   1.00 48.75  ? 131  VAL A CB  1 
ATOM   1015 C CG1 . VAL A 1 131 ? 12.785  11.461  1.555   1.00 49.53  ? 131  VAL A CG1 1 
ATOM   1016 C CG2 . VAL A 1 131 ? 12.943  9.888   3.551   1.00 48.82  ? 131  VAL A CG2 1 
ATOM   1017 O OXT . VAL A 1 131 ? 16.502  10.057  3.432   1.00 48.26  ? 131  VAL A OXT 1 
HETATM 1018 N N1  . EPE B 2 .   ? -1.470  5.022   2.701   1.00 85.65  ? 1001 EPE A N1  1 
HETATM 1019 C C2  . EPE B 2 .   ? -2.076  3.726   3.030   1.00 83.66  ? 1001 EPE A C2  1 
HETATM 1020 C C3  . EPE B 2 .   ? -2.225  3.543   4.529   1.00 82.68  ? 1001 EPE A C3  1 
HETATM 1021 N N4  . EPE B 2 .   ? -2.830  4.661   5.221   1.00 82.72  ? 1001 EPE A N4  1 
HETATM 1022 C C5  . EPE B 2 .   ? -2.326  5.945   4.807   1.00 83.88  ? 1001 EPE A C5  1 
HETATM 1023 C C6  . EPE B 2 .   ? -2.285  6.069   3.308   1.00 85.33  ? 1001 EPE A C6  1 
HETATM 1024 C C7  . EPE B 2 .   ? -2.605  4.487   6.634   1.00 83.10  ? 1001 EPE A C7  1 
HETATM 1025 C C8  . EPE B 2 .   ? -3.151  5.661   7.413   1.00 82.90  ? 1001 EPE A C8  1 
HETATM 1026 O O8  . EPE B 2 .   ? -2.107  6.582   7.533   1.00 83.52  ? 1001 EPE A O8  1 
HETATM 1027 C C9  . EPE B 2 .   ? -1.453  5.327   1.258   1.00 90.33  ? 1001 EPE A C9  1 
HETATM 1028 C C10 . EPE B 2 .   ? -1.002  4.213   0.341   1.00 94.49  ? 1001 EPE A C10 1 
HETATM 1029 S S   . EPE B 2 .   ? -2.249  3.017   -0.212  1.00 99.29  ? 1001 EPE A S   1 
HETATM 1030 O O1S . EPE B 2 .   ? -1.786  1.659   0.139   1.00 99.94  ? 1001 EPE A O1S 1 
HETATM 1031 O O2S . EPE B 2 .   ? -2.388  3.185   -1.661  1.00 101.03 ? 1001 EPE A O2S 1 
HETATM 1032 O O3S . EPE B 2 .   ? -3.579  3.230   0.359   1.00 99.14  ? 1001 EPE A O3S 1 
HETATM 1033 N N1  . LDA C 3 .   ? -6.430  2.392   2.904   1.00 82.08  ? 2001 LDA A N1  1 
HETATM 1034 O O1  . LDA C 3 .   ? -5.273  2.804   2.660   1.00 83.63  ? 2001 LDA A O1  1 
HETATM 1035 C CM1 . LDA C 3 .   ? -6.944  1.864   1.637   1.00 82.80  ? 2001 LDA A CM1 1 
HETATM 1036 C CM2 . LDA C 3 .   ? -6.317  1.248   3.833   1.00 83.52  ? 2001 LDA A CM2 1 
HETATM 1037 C C1  . LDA C 3 .   ? -7.320  3.450   3.427   1.00 78.27  ? 2001 LDA A C1  1 
HETATM 1038 C C2  . LDA C 3 .   ? -6.590  4.252   4.491   1.00 74.89  ? 2001 LDA A C2  1 
HETATM 1039 C C3  . LDA C 3 .   ? -7.560  4.971   5.416   1.00 73.94  ? 2001 LDA A C3  1 
HETATM 1040 C C4  . LDA C 3 .   ? -6.804  5.694   6.533   1.00 72.66  ? 2001 LDA A C4  1 
HETATM 1041 C C5  . LDA C 3 .   ? -7.680  5.997   7.740   1.00 70.15  ? 2001 LDA A C5  1 
HETATM 1042 C C6  . LDA C 3 .   ? -6.840  6.239   8.980   1.00 70.65  ? 2001 LDA A C6  1 
HETATM 1043 C C7  . LDA C 3 .   ? -7.617  6.801   10.171  1.00 72.22  ? 2001 LDA A C7  1 
HETATM 1044 C C8  . LDA C 3 .   ? -7.934  5.757   11.251  1.00 74.35  ? 2001 LDA A C8  1 
HETATM 1045 C C9  . LDA C 3 .   ? -8.728  6.378   12.408  1.00 77.07  ? 2001 LDA A C9  1 
HETATM 1046 C C10 . LDA C 3 .   ? -9.206  5.378   13.476  1.00 78.60  ? 2001 LDA A C10 1 
HETATM 1047 C C11 . LDA C 3 .   ? -8.206  5.166   14.627  1.00 78.86  ? 2001 LDA A C11 1 
HETATM 1048 C C12 . LDA C 3 .   ? -8.862  4.566   15.872  1.00 78.69  ? 2001 LDA A C12 1 
HETATM 1049 O O   . HOH D 4 .   ? 2.067   -1.240  6.015   1.00 43.50  ? 2002 HOH A O   1 
HETATM 1050 O O   . HOH D 4 .   ? -3.860  -0.849  5.235   1.00 47.98  ? 2003 HOH A O   1 
HETATM 1051 O O   . HOH D 4 .   ? 9.893   -2.081  7.795   1.00 42.44  ? 2004 HOH A O   1 
HETATM 1052 O O   . HOH D 4 .   ? -15.197 13.289  -0.075  1.00 53.37  ? 2005 HOH A O   1 
HETATM 1053 O O   . HOH D 4 .   ? -6.262  -1.209  -0.007  1.00 48.97  ? 2006 HOH A O   1 
HETATM 1054 O O   . HOH D 4 .   ? 2.647   -3.729  -3.763  1.00 54.15  ? 2007 HOH A O   1 
HETATM 1055 O O   . HOH D 4 .   ? -5.483  12.138  -3.784  1.00 45.76  ? 2008 HOH A O   1 
HETATM 1056 O O   . HOH D 4 .   ? -4.113  -1.775  2.738   1.00 53.98  ? 2009 HOH A O   1 
HETATM 1057 O O   . HOH D 4 .   ? -2.225  -3.406  6.585   1.00 53.46  ? 2010 HOH A O   1 
HETATM 1058 O O   . HOH D 4 .   ? 16.109  5.212   2.022   1.00 42.24  ? 2011 HOH A O   1 
HETATM 1059 O O   . HOH D 4 .   ? 1.728   2.042   2.632   1.00 57.04  ? 2012 HOH A O   1 
HETATM 1060 O O   . HOH D 4 .   ? 2.747   1.868   -10.369 1.00 50.06  ? 2013 HOH A O   1 
HETATM 1061 O O   . HOH D 4 .   ? -6.225  14.337  -5.435  1.00 56.24  ? 2014 HOH A O   1 
HETATM 1062 O O   . HOH D 4 .   ? 1.758   -9.524  8.819   1.00 47.47  ? 2015 HOH A O   1 
HETATM 1063 O O   . HOH D 4 .   ? 9.077   -22.705 4.151   1.00 74.17  ? 2016 HOH A O   1 
HETATM 1064 O O   . HOH D 4 .   ? 0.133   -2.033  3.861   1.00 54.83  ? 2017 HOH A O   1 
HETATM 1065 O O   . HOH D 4 .   ? -6.473  12.629  -0.844  1.00 42.56  ? 2018 HOH A O   1 
HETATM 1066 O O   . HOH D 4 .   ? 7.975   -17.593 -0.756  1.00 40.58  ? 2019 HOH A O   1 
HETATM 1067 O O   . HOH D 4 .   ? 0.502   11.804  8.785   1.00 52.92  ? 2020 HOH A O   1 
HETATM 1068 O O   . HOH D 4 .   ? 0.627   -10.334 -6.655  1.00 63.52  ? 2021 HOH A O   1 
HETATM 1069 O O   . HOH D 4 .   ? -10.804 11.560  -5.333  1.00 45.95  ? 2022 HOH A O   1 
HETATM 1070 O O   . HOH D 4 .   ? -8.574  12.474  -3.989  1.00 48.41  ? 2023 HOH A O   1 
HETATM 1071 O O   . HOH D 4 .   ? 0.077   -0.558  -12.734 1.00 55.08  ? 2024 HOH A O   1 
HETATM 1072 O O   . HOH D 4 .   ? -2.997  -1.676  -9.377  1.00 42.09  ? 2025 HOH A O   1 
HETATM 1073 O O   . HOH D 4 .   ? 16.121  -4.205  5.834   1.00 50.05  ? 2026 HOH A O   1 
HETATM 1074 O O   . HOH D 4 .   ? 0.087   -2.192  1.387   1.00 72.64  ? 2027 HOH A O   1 
HETATM 1075 O O   . HOH D 4 .   ? 11.751  -21.296 6.353   1.00 61.24  ? 2028 HOH A O   1 
HETATM 1076 O O   . HOH D 4 .   ? 2.761   -12.770 -0.020  1.00 40.05  ? 2029 HOH A O   1 
HETATM 1077 O O   . HOH D 4 .   ? -1.611  -3.677  2.931   1.00 51.92  ? 2030 HOH A O   1 
HETATM 1078 O O   . HOH D 4 .   ? 13.494  4.326   -13.759 1.00 58.91  ? 2031 HOH A O   1 
HETATM 1079 O O   . HOH D 4 .   ? 16.342  0.690   -8.400  1.00 59.30  ? 2032 HOH A O   1 
HETATM 1080 O O   . HOH D 4 .   ? -10.018 6.617   -11.495 1.00 45.81  ? 2033 HOH A O   1 
HETATM 1081 O O   . HOH D 4 .   ? -0.851  -3.585  11.273  1.00 57.51  ? 2034 HOH A O   1 
HETATM 1082 O O   . HOH D 4 .   ? -2.049  -6.802  9.676   1.00 59.07  ? 2035 HOH A O   1 
HETATM 1083 O O   . HOH D 4 .   ? -2.038  3.131   14.768  1.00 47.61  ? 2036 HOH A O   1 
HETATM 1084 O O   . HOH D 4 .   ? 2.155   0.837   15.852  1.00 66.17  ? 2037 HOH A O   1 
HETATM 1085 O O   . HOH D 4 .   ? 10.133  -13.517 0.244   1.00 41.00  ? 2038 HOH A O   1 
HETATM 1086 O O   . HOH D 4 .   ? 12.434  -12.173 -1.085  1.00 53.62  ? 2039 HOH A O   1 
HETATM 1087 O O   . HOH D 4 .   ? 13.751  2.361   -12.509 1.00 61.69  ? 2040 HOH A O   1 
HETATM 1088 O O   . HOH D 4 .   ? -10.396 -16.212 -4.466  1.00 59.13  ? 2041 HOH A O   1 
HETATM 1089 O O   . HOH D 4 .   ? -13.806 -7.113  6.506   1.00 46.05  ? 2042 HOH A O   1 
HETATM 1090 O O   . HOH D 4 .   ? 2.275   -0.518  -11.781 1.00 62.41  ? 2043 HOH A O   1 
HETATM 1091 O O   . HOH D 4 .   ? -1.866  0.758   5.425   1.00 57.13  ? 2044 HOH A O   1 
HETATM 1092 O O   . HOH D 4 .   ? 18.442  6.125   -16.111 1.00 58.45  ? 2045 HOH A O   1 
HETATM 1093 O O   . HOH D 4 .   ? 14.666  -0.339  5.606   1.00 49.84  ? 2046 HOH A O   1 
HETATM 1094 O O   . HOH D 4 .   ? 10.158  -0.865  9.944   1.00 57.55  ? 2047 HOH A O   1 
HETATM 1095 O O   . HOH D 4 .   ? -4.384  15.298  -10.311 1.00 50.58  ? 2048 HOH A O   1 
HETATM 1096 O O   . HOH D 4 .   ? -4.756  -12.918 -1.787  1.00 55.19  ? 2049 HOH A O   1 
HETATM 1097 O O   . HOH D 4 .   ? -4.259  8.095   -10.596 1.00 46.46  ? 2050 HOH A O   1 
HETATM 1098 O O   . HOH D 4 .   ? 16.412  -9.312  -3.063  1.00 64.70  ? 2051 HOH A O   1 
HETATM 1099 O O   . HOH D 4 .   ? 11.147  -8.337  7.797   1.00 46.27  ? 2052 HOH A O   1 
HETATM 1100 O O   . HOH D 4 .   ? -0.098  -2.452  -14.918 1.00 72.72  ? 2053 HOH A O   1 
HETATM 1101 O O   . HOH D 4 .   ? 1.700   -12.015 8.258   1.00 64.60  ? 2054 HOH A O   1 
HETATM 1102 O O   . HOH D 4 .   ? 3.220   -9.579  -10.703 1.00 57.43  ? 2055 HOH A O   1 
HETATM 1103 O O   . HOH D 4 .   ? 0.763   3.211   -1.218  1.00 60.88  ? 2056 HOH A O   1 
HETATM 1104 O O   . HOH D 4 .   ? 3.448   -14.398 3.503   1.00 43.95  ? 2057 HOH A O   1 
HETATM 1105 O O   . HOH D 4 .   ? -0.212  7.154   15.091  1.00 62.96  ? 2058 HOH A O   1 
HETATM 1106 O O   . HOH D 4 .   ? 17.522  -12.862 -6.490  1.00 64.30  ? 2059 HOH A O   1 
HETATM 1107 O O   . HOH D 4 .   ? -3.750  -18.812 2.919   1.00 66.95  ? 2060 HOH A O   1 
HETATM 1108 O O   . HOH D 4 .   ? -14.068 -5.479  -11.805 1.00 54.70  ? 2061 HOH A O   1 
HETATM 1109 O O   . HOH D 4 .   ? 8.458   17.411  -1.844  1.00 61.53  ? 2062 HOH A O   1 
HETATM 1110 O O   . HOH D 4 .   ? 4.382   -6.140  -12.884 1.00 57.74  ? 2063 HOH A O   1 
HETATM 1111 O O   . HOH D 4 .   ? 1.667   -15.288 7.267   1.00 45.66  ? 2064 HOH A O   1 
HETATM 1112 O O   . HOH D 4 .   ? 0.361   -4.499  -16.417 1.00 77.15  ? 2065 HOH A O   1 
HETATM 1113 O O   . HOH D 4 .   ? 12.511  -6.351  8.995   1.00 46.76  ? 2066 HOH A O   1 
HETATM 1114 O O   . HOH D 4 .   ? -7.554  -18.660 0.606   1.00 64.04  ? 2067 HOH A O   1 
HETATM 1115 O O   . HOH D 4 .   ? -11.200 -4.234  -8.346  1.00 59.05  ? 2068 HOH A O   1 
HETATM 1116 O O   . HOH D 4 .   ? 14.001  -13.184 -5.374  1.00 64.48  ? 2069 HOH A O   1 
HETATM 1117 O O   . HOH D 4 .   ? -19.656 -0.172  13.047  1.00 45.67  ? 2070 HOH A O   1 
HETATM 1118 O O   . HOH D 4 .   ? 18.978  3.615   -2.835  1.00 45.25  ? 2071 HOH A O   1 
HETATM 1119 O O   . HOH D 4 .   ? 2.119   -2.973  -1.203  1.00 56.17  ? 2072 HOH A O   1 
HETATM 1120 O O   . HOH D 4 .   ? -17.556 4.542   1.122   1.00 54.53  ? 2073 HOH A O   1 
HETATM 1121 O O   . HOH D 4 .   ? 14.267  -16.331 6.246   1.00 61.91  ? 2074 HOH A O   1 
HETATM 1122 O O   . HOH D 4 .   ? 15.622  4.500   -5.875  1.00 48.62  ? 2075 HOH A O   1 
HETATM 1123 O O   . HOH D 4 .   ? 14.012  -11.163 -3.833  1.00 60.90  ? 2076 HOH A O   1 
HETATM 1124 O O   . HOH D 4 .   ? 16.190  4.110   -7.945  1.00 68.60  ? 2077 HOH A O   1 
HETATM 1125 O O   . HOH D 4 .   ? 17.051  12.584  2.842   1.00 40.91  ? 2078 HOH A O   1 
HETATM 1126 O O   . HOH D 4 .   ? -0.515  15.834  -4.772  1.00 48.06  ? 2079 HOH A O   1 
HETATM 1127 O O   . HOH D 4 .   ? 0.305   -19.179 2.481   1.00 66.92  ? 2080 HOH A O   1 
HETATM 1128 O O   . HOH D 4 .   ? 10.647  -10.066 10.116  1.00 49.72  ? 2081 HOH A O   1 
HETATM 1129 O O   . HOH D 4 .   ? 2.933   -4.625  -13.057 1.00 57.24  ? 2082 HOH A O   1 
HETATM 1130 O O   . HOH D 4 .   ? -13.662 -6.036  -6.110  1.00 47.07  ? 2083 HOH A O   1 
HETATM 1131 O O   . HOH D 4 .   ? 6.019   13.734  -8.868  1.00 69.28  ? 2084 HOH A O   1 
HETATM 1132 O O   . HOH D 4 .   ? -9.351  15.986  4.777   1.00 48.89  ? 2085 HOH A O   1 
HETATM 1133 O O   . HOH D 4 .   ? 14.610  3.009   -10.151 1.00 61.97  ? 2086 HOH A O   1 
HETATM 1134 O O   . HOH D 4 .   ? -20.219 7.320   5.459   1.00 45.33  ? 2087 HOH A O   1 
HETATM 1135 O O   . HOH D 4 .   ? -1.972  -4.195  8.905   1.00 51.11  ? 2088 HOH A O   1 
HETATM 1136 O O   . HOH D 4 .   ? 13.137  -9.223  -1.943  1.00 54.36  ? 2089 HOH A O   1 
HETATM 1137 O O   . HOH D 4 .   ? -2.020  -0.806  -11.398 1.00 56.18  ? 2090 HOH A O   1 
HETATM 1138 O O   . HOH D 4 .   ? 4.170   -2.973  -10.342 1.00 84.59  ? 2091 HOH A O   1 
HETATM 1139 O O   . HOH D 4 .   ? -13.061 12.233  10.949  1.00 57.21  ? 2092 HOH A O   1 
HETATM 1140 O O   . HOH D 4 .   ? 17.199  8.347   -15.293 1.00 48.93  ? 2093 HOH A O   1 
HETATM 1141 O O   . HOH D 4 .   ? 14.721  -13.151 -0.248  1.00 56.89  ? 2094 HOH A O   1 
HETATM 1142 O O   . HOH D 4 .   ? -2.894  10.309  2.911   1.00 59.19  ? 2095 HOH A O   1 
HETATM 1143 O O   . HOH D 4 .   ? -12.845 14.199  2.316   1.00 54.16  ? 2096 HOH A O   1 
HETATM 1144 O O   . HOH D 4 .   ? 11.317  -12.876 10.422  1.00 53.63  ? 2097 HOH A O   1 
HETATM 1145 O O   . HOH D 4 .   ? -0.678  -8.656  8.587   1.00 68.11  ? 2098 HOH A O   1 
HETATM 1146 O O   . HOH D 4 .   ? 15.690  -6.025  8.575   1.00 64.22  ? 2099 HOH A O   1 
HETATM 1147 O O   . HOH D 4 .   ? 3.794   -2.205  -12.282 1.00 72.92  ? 2100 HOH A O   1 
HETATM 1148 O O   . HOH D 4 .   ? -5.673  12.295  -14.255 1.00 62.69  ? 2101 HOH A O   1 
HETATM 1149 O O   . HOH D 4 .   ? -15.465 15.547  1.132   1.00 67.20  ? 2102 HOH A O   1 
HETATM 1150 O O   . HOH D 4 .   ? 2.552   2.252   0.026   1.00 63.98  ? 2103 HOH A O   1 
# 
loop_
_pdbx_poly_seq_scheme.asym_id 
_pdbx_poly_seq_scheme.entity_id 
_pdbx_poly_seq_scheme.seq_id 
_pdbx_poly_seq_scheme.mon_id 
_pdbx_poly_seq_scheme.ndb_seq_num 
_pdbx_poly_seq_scheme.pdb_seq_num 
_pdbx_poly_seq_scheme.auth_seq_num 
_pdbx_poly_seq_scheme.pdb_mon_id 
_pdbx_poly_seq_scheme.auth_mon_id 
_pdbx_poly_seq_scheme.pdb_strand_id 
_pdbx_poly_seq_scheme.pdb_ins_code 
_pdbx_poly_seq_scheme.hetero 
A 1 1   SER 1   1   1   SER SER A . n 
A 1 2   ASN 2   2   2   ASN ASN A . n 
A 1 3   LYS 3   3   3   LYS LYS A . n 
A 1 4   PHE 4   4   4   PHE PHE A . n 
A 1 5   LEU 5   5   5   LEU LEU A . n 
A 1 6   GLY 6   6   6   GLY GLY A . n 
A 1 7   THR 7   7   7   THR THR A . n 
A 1 8   TRP 8   8   8   TRP TRP A . n 
A 1 9   LYS 9   9   9   LYS LYS A . n 
A 1 10  LEU 10  10  10  LEU LEU A . n 
A 1 11  VAL 11  11  11  VAL VAL A . n 
A 1 12  SER 12  12  12  SER SER A . n 
A 1 13  SER 13  13  13  SER SER A . n 
A 1 14  GLU 14  14  14  GLU GLU A . n 
A 1 15  ASN 15  15  15  ASN ASN A . n 
A 1 16  PHE 16  16  16  PHE PHE A . n 
A 1 17  ASP 17  17  17  ASP ASP A . n 
A 1 18  ASP 18  18  18  ASP ASP A . n 
A 1 19  TYR 19  19  19  TYR TYR A . n 
A 1 20  MET 20  20  20  MET MET A . n 
A 1 21  LYS 21  21  21  LYS LYS A . n 
A 1 22  ALA 22  22  22  ALA ALA A . n 
A 1 23  LEU 23  23  23  LEU LEU A . n 
A 1 24  GLY 24  24  24  GLY GLY A . n 
A 1 25  VAL 25  25  25  VAL VAL A . n 
A 1 26  GLY 26  26  26  GLY GLY A . n 
A 1 27  LEU 27  27  27  LEU LEU A . n 
A 1 28  ALA 28  28  28  ALA ALA A . n 
A 1 29  THR 29  29  29  THR THR A . n 
A 1 30  ARG 30  30  30  ARG ARG A . n 
A 1 31  LYS 31  31  31  LYS LYS A . n 
A 1 32  LEU 32  32  32  LEU LEU A . n 
A 1 33  GLY 33  33  33  GLY GLY A . n 
A 1 34  ASN 34  34  34  ASN ASN A . n 
A 1 35  LEU 35  35  35  LEU LEU A . n 
A 1 36  ALA 36  36  36  ALA ALA A . n 
A 1 37  LYS 37  37  37  LYS LYS A . n 
A 1 38  PRO 38  38  38  PRO PRO A . n 
A 1 39  THR 39  39  39  THR THR A . n 
A 1 40  VAL 40  40  40  VAL VAL A . n 
A 1 41  ILE 41  41  41  ILE ILE A . n 
A 1 42  ILE 42  42  42  ILE ILE A . n 
A 1 43  SER 43  43  43  SER SER A . n 
A 1 44  LYS 44  44  44  LYS LYS A . n 
A 1 45  LYS 45  45  45  LYS LYS A . n 
A 1 46  GLY 46  46  46  GLY GLY A . n 
A 1 47  ASP 47  47  47  ASP ASP A . n 
A 1 48  VAL 48  48  48  VAL VAL A . n 
A 1 49  ILE 49  49  49  ILE ILE A . n 
A 1 50  THR 50  50  50  THR THR A . n 
A 1 51  ILE 51  51  51  ILE ILE A . n 
A 1 52  ARG 52  52  52  ARG ARG A . n 
A 1 53  THR 53  53  53  THR THR A . n 
A 1 54  GLU 54  54  54  GLU GLU A . n 
A 1 55  SER 55  55  55  SER SER A . n 
A 1 56  GLY 56  56  56  GLY GLY A . n 
A 1 57  PHE 57  57  57  PHE PHE A . n 
A 1 58  LYS 58  58  58  LYS LYS A . n 
A 1 59  ASN 59  59  59  ASN ASN A . n 
A 1 60  THR 60  60  60  THR THR A . n 
A 1 61  GLU 61  61  61  GLU GLU A . n 
A 1 62  ILE 62  62  62  ILE ILE A . n 
A 1 63  SER 63  63  63  SER SER A . n 
A 1 64  PHE 64  64  64  PHE PHE A . n 
A 1 65  LYS 65  65  65  LYS LYS A . n 
A 1 66  LEU 66  66  66  LEU LEU A . n 
A 1 67  GLY 67  67  67  GLY GLY A . n 
A 1 68  GLN 68  68  68  GLN GLN A . n 
A 1 69  GLU 69  69  69  GLU GLU A . n 
A 1 70  PHE 70  70  70  PHE PHE A . n 
A 1 71  ASP 71  71  71  ASP ASP A . n 
A 1 72  GLU 72  72  72  GLU GLU A . n 
A 1 73  THR 73  73  73  THR THR A . n 
A 1 74  THR 74  74  74  THR THR A . n 
A 1 75  ALA 75  75  75  ALA ALA A . n 
A 1 76  ASP 76  76  76  ASP ASP A . n 
A 1 77  ASN 77  77  77  ASN ASN A . n 
A 1 78  ARG 78  78  78  ARG ARG A . n 
A 1 79  LYS 79  79  79  LYS LYS A . n 
A 1 80  ALA 80  80  80  ALA ALA A . n 
A 1 81  LYS 81  81  81  LYS LYS A . n 
A 1 82  SER 82  82  82  SER SER A . n 
A 1 83  THR 83  83  83  THR THR A . n 
A 1 84  VAL 84  84  84  VAL VAL A . n 
A 1 85  THR 85  85  85  THR THR A . n 
A 1 86  LEU 86  86  86  LEU LEU A . n 
A 1 87  ALA 87  87  87  ALA ALA A . n 
A 1 88  ALA 88  88  88  ALA ALA A . n 
A 1 89  GLY 89  89  89  GLY GLY A . n 
A 1 90  ALA 90  90  90  ALA ALA A . n 
A 1 91  LEU 91  91  91  LEU LEU A . n 
A 1 92  ASN 92  92  92  ASN ASN A . n 
A 1 93  GLN 93  93  93  GLN GLN A . n 
A 1 94  VAL 94  94  94  VAL VAL A . n 
A 1 95  GLN 95  95  95  GLN GLN A . n 
A 1 96  LYS 96  96  96  LYS LYS A . n 
A 1 97  TRP 97  97  97  TRP TRP A . n 
A 1 98  ASN 98  98  98  ASN ASN A . n 
A 1 99  GLY 99  99  99  GLY GLY A . n 
A 1 100 ASN 100 100 100 ASN ASN A . n 
A 1 101 GLU 101 101 101 GLU GLU A . n 
A 1 102 THR 102 102 102 THR THR A . n 
A 1 103 THR 103 103 103 THR THR A . n 
A 1 104 ILE 104 104 104 ILE ILE A . n 
A 1 105 LYS 105 105 105 LYS LYS A . n 
A 1 106 ARG 106 106 106 ARG ARG A . n 
A 1 107 LYS 107 107 107 LYS LYS A . n 
A 1 108 LEU 108 108 108 LEU LEU A . n 
A 1 109 VAL 109 109 109 VAL VAL A . n 
A 1 110 ASP 110 110 110 ASP ASP A . n 
A 1 111 GLY 111 111 111 GLY GLY A . n 
A 1 112 LYS 112 112 112 LYS LYS A . n 
A 1 113 MET 113 113 113 MET MET A . n 
A 1 114 VAL 114 114 114 VAL VAL A . n 
A 1 115 VAL 115 115 115 VAL VAL A . n 
A 1 116 GLU 116 116 116 GLU GLU A . n 
A 1 117 CYS 117 117 117 CYS CYS A . n 
A 1 118 LYS 118 118 118 LYS LYS A . n 
A 1 119 MET 119 119 119 MET MET A . n 
A 1 120 ALA 120 120 120 ALA ALA A . n 
A 1 121 SER 121 121 121 SER SER A . n 
A 1 122 VAL 122 122 122 VAL VAL A . n 
A 1 123 VAL 123 123 123 VAL VAL A . n 
A 1 124 CYS 124 124 124 CYS CYS A . n 
A 1 125 THR 125 125 125 THR THR A . n 
A 1 126 ARG 126 126 126 ARG ARG A . n 
A 1 127 ILE 127 127 127 ILE ILE A . n 
A 1 128 TYR 128 128 128 TYR TYR A . n 
A 1 129 GLU 129 129 129 GLU GLU A . n 
A 1 130 LYS 130 130 130 LYS LYS A . n 
A 1 131 VAL 131 131 131 VAL VAL A . n 
# 
loop_
_pdbx_nonpoly_scheme.asym_id 
_pdbx_nonpoly_scheme.entity_id 
_pdbx_nonpoly_scheme.mon_id 
_pdbx_nonpoly_scheme.ndb_seq_num 
_pdbx_nonpoly_scheme.pdb_seq_num 
_pdbx_nonpoly_scheme.auth_seq_num 
_pdbx_nonpoly_scheme.pdb_mon_id 
_pdbx_nonpoly_scheme.auth_mon_id 
_pdbx_nonpoly_scheme.pdb_strand_id 
_pdbx_nonpoly_scheme.pdb_ins_code 
B 2 EPE 1   1001 1   EPE EPE A . 
C 3 LDA 1   2001 1   LDA LDA A . 
D 4 HOH 1   2002 1   HOH HOH A . 
D 4 HOH 2   2003 2   HOH HOH A . 
D 4 HOH 3   2004 3   HOH HOH A . 
D 4 HOH 4   2005 4   HOH HOH A . 
D 4 HOH 5   2006 5   HOH HOH A . 
D 4 HOH 6   2007 6   HOH HOH A . 
D 4 HOH 7   2008 7   HOH HOH A . 
D 4 HOH 8   2009 8   HOH HOH A . 
D 4 HOH 9   2010 9   HOH HOH A . 
D 4 HOH 10  2011 10  HOH HOH A . 
D 4 HOH 11  2012 11  HOH HOH A . 
D 4 HOH 12  2013 12  HOH HOH A . 
D 4 HOH 13  2014 13  HOH HOH A . 
D 4 HOH 14  2015 14  HOH HOH A . 
D 4 HOH 15  2016 16  HOH HOH A . 
D 4 HOH 16  2017 17  HOH HOH A . 
D 4 HOH 17  2018 18  HOH HOH A . 
D 4 HOH 18  2019 20  HOH HOH A . 
D 4 HOH 19  2020 21  HOH HOH A . 
D 4 HOH 20  2021 22  HOH HOH A . 
D 4 HOH 21  2022 23  HOH HOH A . 
D 4 HOH 22  2023 24  HOH HOH A . 
D 4 HOH 23  2024 25  HOH HOH A . 
D 4 HOH 24  2025 26  HOH HOH A . 
D 4 HOH 25  2026 27  HOH HOH A . 
D 4 HOH 26  2027 28  HOH HOH A . 
D 4 HOH 27  2028 29  HOH HOH A . 
D 4 HOH 28  2029 30  HOH HOH A . 
D 4 HOH 29  2030 31  HOH HOH A . 
D 4 HOH 30  2031 32  HOH HOH A . 
D 4 HOH 31  2032 33  HOH HOH A . 
D 4 HOH 32  2033 34  HOH HOH A . 
D 4 HOH 33  2034 35  HOH HOH A . 
D 4 HOH 34  2035 36  HOH HOH A . 
D 4 HOH 35  2036 37  HOH HOH A . 
D 4 HOH 36  2037 38  HOH HOH A . 
D 4 HOH 37  2038 39  HOH HOH A . 
D 4 HOH 38  2039 40  HOH HOH A . 
D 4 HOH 39  2040 41  HOH HOH A . 
D 4 HOH 40  2041 43  HOH HOH A . 
D 4 HOH 41  2042 44  HOH HOH A . 
D 4 HOH 42  2043 45  HOH HOH A . 
D 4 HOH 43  2044 46  HOH HOH A . 
D 4 HOH 44  2045 47  HOH HOH A . 
D 4 HOH 45  2046 48  HOH HOH A . 
D 4 HOH 46  2047 49  HOH HOH A . 
D 4 HOH 47  2048 51  HOH HOH A . 
D 4 HOH 48  2049 52  HOH HOH A . 
D 4 HOH 49  2050 53  HOH HOH A . 
D 4 HOH 50  2051 55  HOH HOH A . 
D 4 HOH 51  2052 56  HOH HOH A . 
D 4 HOH 52  2053 57  HOH HOH A . 
D 4 HOH 53  2054 58  HOH HOH A . 
D 4 HOH 54  2055 59  HOH HOH A . 
D 4 HOH 55  2056 61  HOH HOH A . 
D 4 HOH 56  2057 63  HOH HOH A . 
D 4 HOH 57  2058 64  HOH HOH A . 
D 4 HOH 58  2059 65  HOH HOH A . 
D 4 HOH 59  2060 66  HOH HOH A . 
D 4 HOH 60  2061 68  HOH HOH A . 
D 4 HOH 61  2062 69  HOH HOH A . 
D 4 HOH 62  2063 70  HOH HOH A . 
D 4 HOH 63  2064 71  HOH HOH A . 
D 4 HOH 64  2065 72  HOH HOH A . 
D 4 HOH 65  2066 73  HOH HOH A . 
D 4 HOH 66  2067 74  HOH HOH A . 
D 4 HOH 67  2068 75  HOH HOH A . 
D 4 HOH 68  2069 76  HOH HOH A . 
D 4 HOH 69  2070 77  HOH HOH A . 
D 4 HOH 70  2071 78  HOH HOH A . 
D 4 HOH 71  2072 79  HOH HOH A . 
D 4 HOH 72  2073 80  HOH HOH A . 
D 4 HOH 73  2074 81  HOH HOH A . 
D 4 HOH 74  2075 82  HOH HOH A . 
D 4 HOH 75  2076 83  HOH HOH A . 
D 4 HOH 76  2077 84  HOH HOH A . 
D 4 HOH 77  2078 85  HOH HOH A . 
D 4 HOH 78  2079 86  HOH HOH A . 
D 4 HOH 79  2080 87  HOH HOH A . 
D 4 HOH 80  2081 89  HOH HOH A . 
D 4 HOH 81  2082 90  HOH HOH A . 
D 4 HOH 82  2083 91  HOH HOH A . 
D 4 HOH 83  2084 93  HOH HOH A . 
D 4 HOH 84  2085 94  HOH HOH A . 
D 4 HOH 85  2086 95  HOH HOH A . 
D 4 HOH 86  2087 97  HOH HOH A . 
D 4 HOH 87  2088 98  HOH HOH A . 
D 4 HOH 88  2089 99  HOH HOH A . 
D 4 HOH 89  2090 100 HOH HOH A . 
D 4 HOH 90  2091 101 HOH HOH A . 
D 4 HOH 91  2092 103 HOH HOH A . 
D 4 HOH 92  2093 104 HOH HOH A . 
D 4 HOH 93  2094 105 HOH HOH A . 
D 4 HOH 94  2095 106 HOH HOH A . 
D 4 HOH 95  2096 107 HOH HOH A . 
D 4 HOH 96  2097 108 HOH HOH A . 
D 4 HOH 97  2098 109 HOH HOH A . 
D 4 HOH 98  2099 110 HOH HOH A . 
D 4 HOH 99  2100 111 HOH HOH A . 
D 4 HOH 100 2101 112 HOH HOH A . 
D 4 HOH 101 2102 113 HOH HOH A . 
D 4 HOH 102 2103 115 HOH HOH A . 
# 
_pdbx_struct_assembly.id                   1 
_pdbx_struct_assembly.details              author_defined_assembly 
_pdbx_struct_assembly.method_details       ? 
_pdbx_struct_assembly.oligomeric_details   monomeric 
_pdbx_struct_assembly.oligomeric_count     1 
# 
_pdbx_struct_assembly_gen.assembly_id       1 
_pdbx_struct_assembly_gen.oper_expression   1 
_pdbx_struct_assembly_gen.asym_id_list      A,B,C,D 
# 
_pdbx_struct_oper_list.id                   1 
_pdbx_struct_oper_list.type                 'identity operation' 
_pdbx_struct_oper_list.name                 1_555 
_pdbx_struct_oper_list.symmetry_operation   x,y,z 
_pdbx_struct_oper_list.matrix[1][1]         1.0000000000 
_pdbx_struct_oper_list.matrix[1][2]         0.0000000000 
_pdbx_struct_oper_list.matrix[1][3]         0.0000000000 
_pdbx_struct_oper_list.vector[1]            0.0000000000 
_pdbx_struct_oper_list.matrix[2][1]         0.0000000000 
_pdbx_struct_oper_list.matrix[2][2]         1.0000000000 
_pdbx_struct_oper_list.matrix[2][3]         0.0000000000 
_pdbx_struct_oper_list.vector[2]            0.0000000000 
_pdbx_struct_oper_list.matrix[3][1]         0.0000000000 
_pdbx_struct_oper_list.matrix[3][2]         0.0000000000 
_pdbx_struct_oper_list.matrix[3][3]         1.0000000000 
_pdbx_struct_oper_list.vector[3]            0.0000000000 
# 
loop_
_pdbx_audit_revision_history.ordinal 
_pdbx_audit_revision_history.data_content_type 
_pdbx_audit_revision_history.major_revision 
_pdbx_audit_revision_history.minor_revision 
_pdbx_audit_revision_history.revision_date 
1 'Structure model' 1 0 2005-07-26 
2 'Structure model' 1 1 2008-04-30 
3 'Structure model' 1 2 2011-07-13 
4 'Structure model' 1 3 2023-10-25 
# 
_pdbx_audit_revision_details.ordinal             1 
_pdbx_audit_revision_details.revision_ordinal    1 
_pdbx_audit_revision_details.data_content_type   'Structure model' 
_pdbx_audit_revision_details.provider            repository 
_pdbx_audit_revision_details.type                'Initial release' 
_pdbx_audit_revision_details.description         ? 
_pdbx_audit_revision_details.details             ? 
# 
loop_
_pdbx_audit_revision_group.ordinal 
_pdbx_audit_revision_group.revision_ordinal 
_pdbx_audit_revision_group.data_content_type 
_pdbx_audit_revision_group.group 
1 2 'Structure model' 'Version format compliance' 
2 3 'Structure model' Advisory                    
3 3 'Structure model' 'Version format compliance' 
4 4 'Structure model' 'Data collection'           
5 4 'Structure model' 'Database references'       
6 4 'Structure model' 'Derived calculations'      
7 4 'Structure model' 'Refinement description'    
# 
loop_
_pdbx_audit_revision_category.ordinal 
_pdbx_audit_revision_category.revision_ordinal 
_pdbx_audit_revision_category.data_content_type 
_pdbx_audit_revision_category.category 
1 4 'Structure model' chem_comp_atom                
2 4 'Structure model' chem_comp_bond                
3 4 'Structure model' database_2                    
4 4 'Structure model' pdbx_initial_refinement_model 
5 4 'Structure model' struct_site                   
# 
loop_
_pdbx_audit_revision_item.ordinal 
_pdbx_audit_revision_item.revision_ordinal 
_pdbx_audit_revision_item.data_content_type 
_pdbx_audit_revision_item.item 
1 4 'Structure model' '_database_2.pdbx_DOI'                
2 4 'Structure model' '_database_2.pdbx_database_accession' 
3 4 'Structure model' '_struct_site.pdbx_auth_asym_id'      
4 4 'Structure model' '_struct_site.pdbx_auth_comp_id'      
5 4 'Structure model' '_struct_site.pdbx_auth_seq_id'       
# 
_pdbx_refine_tls.id               1 
_pdbx_refine_tls.details          ? 
_pdbx_refine_tls.method           refined 
_pdbx_refine_tls.origin_x         -0.1212 
_pdbx_refine_tls.origin_y         0.1386 
_pdbx_refine_tls.origin_z         0.1429 
_pdbx_refine_tls.T[1][1]          -0.2785 
_pdbx_refine_tls.T[2][2]          -0.1982 
_pdbx_refine_tls.T[3][3]          -0.2737 
_pdbx_refine_tls.T[1][2]          0.0731 
_pdbx_refine_tls.T[1][3]          0.0130 
_pdbx_refine_tls.T[2][3]          -0.0438 
_pdbx_refine_tls.L[1][1]          2.0896 
_pdbx_refine_tls.L[2][2]          2.6817 
_pdbx_refine_tls.L[3][3]          2.7724 
_pdbx_refine_tls.L[1][2]          -0.9689 
_pdbx_refine_tls.L[1][3]          0.5176 
_pdbx_refine_tls.L[2][3]          0.0658 
_pdbx_refine_tls.S[1][1]          -0.0466 
_pdbx_refine_tls.S[1][2]          0.0082 
_pdbx_refine_tls.S[1][3]          0.1530 
_pdbx_refine_tls.S[2][1]          0.1371 
_pdbx_refine_tls.S[2][2]          -0.0603 
_pdbx_refine_tls.S[2][3]          0.0759 
_pdbx_refine_tls.S[3][1]          -0.0741 
_pdbx_refine_tls.S[3][2]          -0.3514 
_pdbx_refine_tls.S[3][3]          0.1068 
_pdbx_refine_tls.pdbx_refine_id   'X-RAY DIFFRACTION' 
# 
loop_
_pdbx_refine_tls_group.id 
_pdbx_refine_tls_group.refine_tls_id 
_pdbx_refine_tls_group.beg_label_asym_id 
_pdbx_refine_tls_group.beg_label_seq_id 
_pdbx_refine_tls_group.beg_auth_seq_id 
_pdbx_refine_tls_group.end_label_asym_id 
_pdbx_refine_tls_group.end_label_seq_id 
_pdbx_refine_tls_group.end_auth_seq_id 
_pdbx_refine_tls_group.selection 
_pdbx_refine_tls_group.beg_auth_asym_id 
_pdbx_refine_tls_group.end_auth_asym_id 
_pdbx_refine_tls_group.pdbx_refine_id 
_pdbx_refine_tls_group.selection_details 
1 1 A 1   1   A 27  27  ? A A 'X-RAY DIFFRACTION' ? 
2 1 A 28  28  A 56  56  ? A A 'X-RAY DIFFRACTION' ? 
3 1 A 57  57  A 83  83  ? A A 'X-RAY DIFFRACTION' ? 
4 1 A 84  84  A 111 111 ? A A 'X-RAY DIFFRACTION' ? 
5 1 A 112 112 A 131 131 ? A A 'X-RAY DIFFRACTION' ? 
# 
loop_
_software.name 
_software.classification 
_software.version 
_software.citation_id 
_software.pdbx_ordinal 
REFMAC    refinement       5.2.0005 ? 1 
DENZO     'data reduction' .        ? 2 
SCALEPACK 'data scaling'   .        ? 3 
AMoRE     phasing          .        ? 4 
# 
loop_
_pdbx_validate_close_contact.id 
_pdbx_validate_close_contact.PDB_model_num 
_pdbx_validate_close_contact.auth_atom_id_1 
_pdbx_validate_close_contact.auth_asym_id_1 
_pdbx_validate_close_contact.auth_comp_id_1 
_pdbx_validate_close_contact.auth_seq_id_1 
_pdbx_validate_close_contact.PDB_ins_code_1 
_pdbx_validate_close_contact.label_alt_id_1 
_pdbx_validate_close_contact.auth_atom_id_2 
_pdbx_validate_close_contact.auth_asym_id_2 
_pdbx_validate_close_contact.auth_comp_id_2 
_pdbx_validate_close_contact.auth_seq_id_2 
_pdbx_validate_close_contact.PDB_ins_code_2 
_pdbx_validate_close_contact.label_alt_id_2 
_pdbx_validate_close_contact.dist 
1 1 O   A HOH 2063 ? ? O A HOH 2082 ? ? 2.10 
2 1 O   A HOH 2091 ? ? O A HOH 2100 ? ? 2.12 
3 1 N   A SER 1    ? ? O A HOH 2089 ? ? 2.15 
4 1 NH1 A ARG 106  ? ? O A HOH 2103 ? ? 2.17 
5 1 O   A HOH 2075 ? ? O A HOH 2077 ? ? 2.18 
# 
loop_
_pdbx_validate_rmsd_bond.id 
_pdbx_validate_rmsd_bond.PDB_model_num 
_pdbx_validate_rmsd_bond.auth_atom_id_1 
_pdbx_validate_rmsd_bond.auth_asym_id_1 
_pdbx_validate_rmsd_bond.auth_comp_id_1 
_pdbx_validate_rmsd_bond.auth_seq_id_1 
_pdbx_validate_rmsd_bond.PDB_ins_code_1 
_pdbx_validate_rmsd_bond.label_alt_id_1 
_pdbx_validate_rmsd_bond.auth_atom_id_2 
_pdbx_validate_rmsd_bond.auth_asym_id_2 
_pdbx_validate_rmsd_bond.auth_comp_id_2 
_pdbx_validate_rmsd_bond.auth_seq_id_2 
_pdbx_validate_rmsd_bond.PDB_ins_code_2 
_pdbx_validate_rmsd_bond.label_alt_id_2 
_pdbx_validate_rmsd_bond.bond_value 
_pdbx_validate_rmsd_bond.bond_target_value 
_pdbx_validate_rmsd_bond.bond_deviation 
_pdbx_validate_rmsd_bond.bond_standard_deviation 
_pdbx_validate_rmsd_bond.linker_flag 
1 1 CB A ASP 47 ? ? CG  A ASP 47 ? ? 1.198 1.513 -0.315 0.021 N 
2 1 CG A ASP 47 ? ? OD1 A ASP 47 ? ? 1.094 1.249 -0.155 0.023 N 
# 
loop_
_pdbx_validate_rmsd_angle.id 
_pdbx_validate_rmsd_angle.PDB_model_num 
_pdbx_validate_rmsd_angle.auth_atom_id_1 
_pdbx_validate_rmsd_angle.auth_asym_id_1 
_pdbx_validate_rmsd_angle.auth_comp_id_1 
_pdbx_validate_rmsd_angle.auth_seq_id_1 
_pdbx_validate_rmsd_angle.PDB_ins_code_1 
_pdbx_validate_rmsd_angle.label_alt_id_1 
_pdbx_validate_rmsd_angle.auth_atom_id_2 
_pdbx_validate_rmsd_angle.auth_asym_id_2 
_pdbx_validate_rmsd_angle.auth_comp_id_2 
_pdbx_validate_rmsd_angle.auth_seq_id_2 
_pdbx_validate_rmsd_angle.PDB_ins_code_2 
_pdbx_validate_rmsd_angle.label_alt_id_2 
_pdbx_validate_rmsd_angle.auth_atom_id_3 
_pdbx_validate_rmsd_angle.auth_asym_id_3 
_pdbx_validate_rmsd_angle.auth_comp_id_3 
_pdbx_validate_rmsd_angle.auth_seq_id_3 
_pdbx_validate_rmsd_angle.PDB_ins_code_3 
_pdbx_validate_rmsd_angle.label_alt_id_3 
_pdbx_validate_rmsd_angle.angle_value 
_pdbx_validate_rmsd_angle.angle_target_value 
_pdbx_validate_rmsd_angle.angle_deviation 
_pdbx_validate_rmsd_angle.angle_standard_deviation 
_pdbx_validate_rmsd_angle.linker_flag 
1 1 OD1 A ASP 47  ? ? CG A ASP 47  ? ? OD2 A ASP 47  ? ? 97.01  123.30 -26.29 1.90 N 
2 1 CB  A ASP 47  ? ? CG A ASP 47  ? ? OD1 A ASP 47  ? ? 138.48 118.30 20.18  0.90 N 
3 1 CB  A ASP 110 ? ? CG A ASP 110 ? ? OD2 A ASP 110 ? ? 112.25 118.30 -6.05  0.90 N 
# 
loop_
_pdbx_validate_torsion.id 
_pdbx_validate_torsion.PDB_model_num 
_pdbx_validate_torsion.auth_comp_id 
_pdbx_validate_torsion.auth_asym_id 
_pdbx_validate_torsion.auth_seq_id 
_pdbx_validate_torsion.PDB_ins_code 
_pdbx_validate_torsion.label_alt_id 
_pdbx_validate_torsion.phi 
_pdbx_validate_torsion.psi 
1 1 ASN A 77  ? ? 83.34 27.26   
2 1 ALA A 88  ? ? 49.84 78.58   
3 1 ASN A 98  ? ? 48.67 -136.33 
4 1 ASP A 110 ? ? 19.59 72.04   
5 1 ALA A 120 ? ? 51.87 -109.99 
# 
loop_
_pdbx_unobs_or_zero_occ_atoms.id 
_pdbx_unobs_or_zero_occ_atoms.PDB_model_num 
_pdbx_unobs_or_zero_occ_atoms.polymer_flag 
_pdbx_unobs_or_zero_occ_atoms.occupancy_flag 
_pdbx_unobs_or_zero_occ_atoms.auth_asym_id 
_pdbx_unobs_or_zero_occ_atoms.auth_comp_id 
_pdbx_unobs_or_zero_occ_atoms.auth_seq_id 
_pdbx_unobs_or_zero_occ_atoms.PDB_ins_code 
_pdbx_unobs_or_zero_occ_atoms.auth_atom_id 
_pdbx_unobs_or_zero_occ_atoms.label_alt_id 
_pdbx_unobs_or_zero_occ_atoms.label_asym_id 
_pdbx_unobs_or_zero_occ_atoms.label_comp_id 
_pdbx_unobs_or_zero_occ_atoms.label_seq_id 
_pdbx_unobs_or_zero_occ_atoms.label_atom_id 
1 1 Y 0 A ASP 47 ? CG  ? A ASP 47 CG  
2 1 Y 0 A ASP 47 ? OD2 ? A ASP 47 OD2 
# 
loop_
_chem_comp_atom.comp_id 
_chem_comp_atom.atom_id 
_chem_comp_atom.type_symbol 
_chem_comp_atom.pdbx_aromatic_flag 
_chem_comp_atom.pdbx_stereo_config 
_chem_comp_atom.pdbx_ordinal 
ALA N    N N N 1   
ALA CA   C N S 2   
ALA C    C N N 3   
ALA O    O N N 4   
ALA CB   C N N 5   
ALA OXT  O N N 6   
ALA H    H N N 7   
ALA H2   H N N 8   
ALA HA   H N N 9   
ALA HB1  H N N 10  
ALA HB2  H N N 11  
ALA HB3  H N N 12  
ALA HXT  H N N 13  
ARG N    N N N 14  
ARG CA   C N S 15  
ARG C    C N N 16  
ARG O    O N N 17  
ARG CB   C N N 18  
ARG CG   C N N 19  
ARG CD   C N N 20  
ARG NE   N N N 21  
ARG CZ   C N N 22  
ARG NH1  N N N 23  
ARG NH2  N N N 24  
ARG OXT  O N N 25  
ARG H    H N N 26  
ARG H2   H N N 27  
ARG HA   H N N 28  
ARG HB2  H N N 29  
ARG HB3  H N N 30  
ARG HG2  H N N 31  
ARG HG3  H N N 32  
ARG HD2  H N N 33  
ARG HD3  H N N 34  
ARG HE   H N N 35  
ARG HH11 H N N 36  
ARG HH12 H N N 37  
ARG HH21 H N N 38  
ARG HH22 H N N 39  
ARG HXT  H N N 40  
ASN N    N N N 41  
ASN CA   C N S 42  
ASN C    C N N 43  
ASN O    O N N 44  
ASN CB   C N N 45  
ASN CG   C N N 46  
ASN OD1  O N N 47  
ASN ND2  N N N 48  
ASN OXT  O N N 49  
ASN H    H N N 50  
ASN H2   H N N 51  
ASN HA   H N N 52  
ASN HB2  H N N 53  
ASN HB3  H N N 54  
ASN HD21 H N N 55  
ASN HD22 H N N 56  
ASN HXT  H N N 57  
ASP N    N N N 58  
ASP CA   C N S 59  
ASP C    C N N 60  
ASP O    O N N 61  
ASP CB   C N N 62  
ASP CG   C N N 63  
ASP OD1  O N N 64  
ASP OD2  O N N 65  
ASP OXT  O N N 66  
ASP H    H N N 67  
ASP H2   H N N 68  
ASP HA   H N N 69  
ASP HB2  H N N 70  
ASP HB3  H N N 71  
ASP HD2  H N N 72  
ASP HXT  H N N 73  
CYS N    N N N 74  
CYS CA   C N R 75  
CYS C    C N N 76  
CYS O    O N N 77  
CYS CB   C N N 78  
CYS SG   S N N 79  
CYS OXT  O N N 80  
CYS H    H N N 81  
CYS H2   H N N 82  
CYS HA   H N N 83  
CYS HB2  H N N 84  
CYS HB3  H N N 85  
CYS HG   H N N 86  
CYS HXT  H N N 87  
EPE N1   N N N 88  
EPE C2   C N N 89  
EPE C3   C N N 90  
EPE N4   N N N 91  
EPE C5   C N N 92  
EPE C6   C N N 93  
EPE C7   C N N 94  
EPE C8   C N N 95  
EPE O8   O N N 96  
EPE C9   C N N 97  
EPE C10  C N N 98  
EPE S    S N N 99  
EPE O1S  O N N 100 
EPE O2S  O N N 101 
EPE O3S  O N N 102 
EPE H21  H N N 103 
EPE H22  H N N 104 
EPE H31  H N N 105 
EPE H32  H N N 106 
EPE H51  H N N 107 
EPE H52  H N N 108 
EPE H61  H N N 109 
EPE H62  H N N 110 
EPE H71  H N N 111 
EPE H72  H N N 112 
EPE H81  H N N 113 
EPE H82  H N N 114 
EPE HO8  H N N 115 
EPE H91  H N N 116 
EPE H92  H N N 117 
EPE H101 H N N 118 
EPE H102 H N N 119 
EPE HOS3 H N N 120 
GLN N    N N N 121 
GLN CA   C N S 122 
GLN C    C N N 123 
GLN O    O N N 124 
GLN CB   C N N 125 
GLN CG   C N N 126 
GLN CD   C N N 127 
GLN OE1  O N N 128 
GLN NE2  N N N 129 
GLN OXT  O N N 130 
GLN H    H N N 131 
GLN H2   H N N 132 
GLN HA   H N N 133 
GLN HB2  H N N 134 
GLN HB3  H N N 135 
GLN HG2  H N N 136 
GLN HG3  H N N 137 
GLN HE21 H N N 138 
GLN HE22 H N N 139 
GLN HXT  H N N 140 
GLU N    N N N 141 
GLU CA   C N S 142 
GLU C    C N N 143 
GLU O    O N N 144 
GLU CB   C N N 145 
GLU CG   C N N 146 
GLU CD   C N N 147 
GLU OE1  O N N 148 
GLU OE2  O N N 149 
GLU OXT  O N N 150 
GLU H    H N N 151 
GLU H2   H N N 152 
GLU HA   H N N 153 
GLU HB2  H N N 154 
GLU HB3  H N N 155 
GLU HG2  H N N 156 
GLU HG3  H N N 157 
GLU HE2  H N N 158 
GLU HXT  H N N 159 
GLY N    N N N 160 
GLY CA   C N N 161 
GLY C    C N N 162 
GLY O    O N N 163 
GLY OXT  O N N 164 
GLY H    H N N 165 
GLY H2   H N N 166 
GLY HA2  H N N 167 
GLY HA3  H N N 168 
GLY HXT  H N N 169 
HOH O    O N N 170 
HOH H1   H N N 171 
HOH H2   H N N 172 
ILE N    N N N 173 
ILE CA   C N S 174 
ILE C    C N N 175 
ILE O    O N N 176 
ILE CB   C N S 177 
ILE CG1  C N N 178 
ILE CG2  C N N 179 
ILE CD1  C N N 180 
ILE OXT  O N N 181 
ILE H    H N N 182 
ILE H2   H N N 183 
ILE HA   H N N 184 
ILE HB   H N N 185 
ILE HG12 H N N 186 
ILE HG13 H N N 187 
ILE HG21 H N N 188 
ILE HG22 H N N 189 
ILE HG23 H N N 190 
ILE HD11 H N N 191 
ILE HD12 H N N 192 
ILE HD13 H N N 193 
ILE HXT  H N N 194 
LDA N1   N N N 195 
LDA O1   O N N 196 
LDA CM1  C N N 197 
LDA CM2  C N N 198 
LDA C1   C N N 199 
LDA C2   C N N 200 
LDA C3   C N N 201 
LDA C4   C N N 202 
LDA C5   C N N 203 
LDA C6   C N N 204 
LDA C7   C N N 205 
LDA C8   C N N 206 
LDA C9   C N N 207 
LDA C10  C N N 208 
LDA C11  C N N 209 
LDA C12  C N N 210 
LDA HM11 H N N 211 
LDA HM12 H N N 212 
LDA HM13 H N N 213 
LDA HM21 H N N 214 
LDA HM22 H N N 215 
LDA HM23 H N N 216 
LDA H11  H N N 217 
LDA H12  H N N 218 
LDA H21  H N N 219 
LDA H22  H N N 220 
LDA H31  H N N 221 
LDA H32  H N N 222 
LDA H41  H N N 223 
LDA H42  H N N 224 
LDA H51  H N N 225 
LDA H52  H N N 226 
LDA H61  H N N 227 
LDA H62  H N N 228 
LDA H71  H N N 229 
LDA H72  H N N 230 
LDA H81  H N N 231 
LDA H82  H N N 232 
LDA H91  H N N 233 
LDA H92  H N N 234 
LDA H101 H N N 235 
LDA H102 H N N 236 
LDA H111 H N N 237 
LDA H112 H N N 238 
LDA H121 H N N 239 
LDA H122 H N N 240 
LDA H123 H N N 241 
LEU N    N N N 242 
LEU CA   C N S 243 
LEU C    C N N 244 
LEU O    O N N 245 
LEU CB   C N N 246 
LEU CG   C N N 247 
LEU CD1  C N N 248 
LEU CD2  C N N 249 
LEU OXT  O N N 250 
LEU H    H N N 251 
LEU H2   H N N 252 
LEU HA   H N N 253 
LEU HB2  H N N 254 
LEU HB3  H N N 255 
LEU HG   H N N 256 
LEU HD11 H N N 257 
LEU HD12 H N N 258 
LEU HD13 H N N 259 
LEU HD21 H N N 260 
LEU HD22 H N N 261 
LEU HD23 H N N 262 
LEU HXT  H N N 263 
LYS N    N N N 264 
LYS CA   C N S 265 
LYS C    C N N 266 
LYS O    O N N 267 
LYS CB   C N N 268 
LYS CG   C N N 269 
LYS CD   C N N 270 
LYS CE   C N N 271 
LYS NZ   N N N 272 
LYS OXT  O N N 273 
LYS H    H N N 274 
LYS H2   H N N 275 
LYS HA   H N N 276 
LYS HB2  H N N 277 
LYS HB3  H N N 278 
LYS HG2  H N N 279 
LYS HG3  H N N 280 
LYS HD2  H N N 281 
LYS HD3  H N N 282 
LYS HE2  H N N 283 
LYS HE3  H N N 284 
LYS HZ1  H N N 285 
LYS HZ2  H N N 286 
LYS HZ3  H N N 287 
LYS HXT  H N N 288 
MET N    N N N 289 
MET CA   C N S 290 
MET C    C N N 291 
MET O    O N N 292 
MET CB   C N N 293 
MET CG   C N N 294 
MET SD   S N N 295 
MET CE   C N N 296 
MET OXT  O N N 297 
MET H    H N N 298 
MET H2   H N N 299 
MET HA   H N N 300 
MET HB2  H N N 301 
MET HB3  H N N 302 
MET HG2  H N N 303 
MET HG3  H N N 304 
MET HE1  H N N 305 
MET HE2  H N N 306 
MET HE3  H N N 307 
MET HXT  H N N 308 
PHE N    N N N 309 
PHE CA   C N S 310 
PHE C    C N N 311 
PHE O    O N N 312 
PHE CB   C N N 313 
PHE CG   C Y N 314 
PHE CD1  C Y N 315 
PHE CD2  C Y N 316 
PHE CE1  C Y N 317 
PHE CE2  C Y N 318 
PHE CZ   C Y N 319 
PHE OXT  O N N 320 
PHE H    H N N 321 
PHE H2   H N N 322 
PHE HA   H N N 323 
PHE HB2  H N N 324 
PHE HB3  H N N 325 
PHE HD1  H N N 326 
PHE HD2  H N N 327 
PHE HE1  H N N 328 
PHE HE2  H N N 329 
PHE HZ   H N N 330 
PHE HXT  H N N 331 
PRO N    N N N 332 
PRO CA   C N S 333 
PRO C    C N N 334 
PRO O    O N N 335 
PRO CB   C N N 336 
PRO CG   C N N 337 
PRO CD   C N N 338 
PRO OXT  O N N 339 
PRO H    H N N 340 
PRO HA   H N N 341 
PRO HB2  H N N 342 
PRO HB3  H N N 343 
PRO HG2  H N N 344 
PRO HG3  H N N 345 
PRO HD2  H N N 346 
PRO HD3  H N N 347 
PRO HXT  H N N 348 
SER N    N N N 349 
SER CA   C N S 350 
SER C    C N N 351 
SER O    O N N 352 
SER CB   C N N 353 
SER OG   O N N 354 
SER OXT  O N N 355 
SER H    H N N 356 
SER H2   H N N 357 
SER HA   H N N 358 
SER HB2  H N N 359 
SER HB3  H N N 360 
SER HG   H N N 361 
SER HXT  H N N 362 
THR N    N N N 363 
THR CA   C N S 364 
THR C    C N N 365 
THR O    O N N 366 
THR CB   C N R 367 
THR OG1  O N N 368 
THR CG2  C N N 369 
THR OXT  O N N 370 
THR H    H N N 371 
THR H2   H N N 372 
THR HA   H N N 373 
THR HB   H N N 374 
THR HG1  H N N 375 
THR HG21 H N N 376 
THR HG22 H N N 377 
THR HG23 H N N 378 
THR HXT  H N N 379 
TRP N    N N N 380 
TRP CA   C N S 381 
TRP C    C N N 382 
TRP O    O N N 383 
TRP CB   C N N 384 
TRP CG   C Y N 385 
TRP CD1  C Y N 386 
TRP CD2  C Y N 387 
TRP NE1  N Y N 388 
TRP CE2  C Y N 389 
TRP CE3  C Y N 390 
TRP CZ2  C Y N 391 
TRP CZ3  C Y N 392 
TRP CH2  C Y N 393 
TRP OXT  O N N 394 
TRP H    H N N 395 
TRP H2   H N N 396 
TRP HA   H N N 397 
TRP HB2  H N N 398 
TRP HB3  H N N 399 
TRP HD1  H N N 400 
TRP HE1  H N N 401 
TRP HE3  H N N 402 
TRP HZ2  H N N 403 
TRP HZ3  H N N 404 
TRP HH2  H N N 405 
TRP HXT  H N N 406 
TYR N    N N N 407 
TYR CA   C N S 408 
TYR C    C N N 409 
TYR O    O N N 410 
TYR CB   C N N 411 
TYR CG   C Y N 412 
TYR CD1  C Y N 413 
TYR CD2  C Y N 414 
TYR CE1  C Y N 415 
TYR CE2  C Y N 416 
TYR CZ   C Y N 417 
TYR OH   O N N 418 
TYR OXT  O N N 419 
TYR H    H N N 420 
TYR H2   H N N 421 
TYR HA   H N N 422 
TYR HB2  H N N 423 
TYR HB3  H N N 424 
TYR HD1  H N N 425 
TYR HD2  H N N 426 
TYR HE1  H N N 427 
TYR HE2  H N N 428 
TYR HH   H N N 429 
TYR HXT  H N N 430 
VAL N    N N N 431 
VAL CA   C N S 432 
VAL C    C N N 433 
VAL O    O N N 434 
VAL CB   C N N 435 
VAL CG1  C N N 436 
VAL CG2  C N N 437 
VAL OXT  O N N 438 
VAL H    H N N 439 
VAL H2   H N N 440 
VAL HA   H N N 441 
VAL HB   H N N 442 
VAL HG11 H N N 443 
VAL HG12 H N N 444 
VAL HG13 H N N 445 
VAL HG21 H N N 446 
VAL HG22 H N N 447 
VAL HG23 H N N 448 
VAL HXT  H N N 449 
# 
loop_
_chem_comp_bond.comp_id 
_chem_comp_bond.atom_id_1 
_chem_comp_bond.atom_id_2 
_chem_comp_bond.value_order 
_chem_comp_bond.pdbx_aromatic_flag 
_chem_comp_bond.pdbx_stereo_config 
_chem_comp_bond.pdbx_ordinal 
ALA N   CA   sing N N 1   
ALA N   H    sing N N 2   
ALA N   H2   sing N N 3   
ALA CA  C    sing N N 4   
ALA CA  CB   sing N N 5   
ALA CA  HA   sing N N 6   
ALA C   O    doub N N 7   
ALA C   OXT  sing N N 8   
ALA CB  HB1  sing N N 9   
ALA CB  HB2  sing N N 10  
ALA CB  HB3  sing N N 11  
ALA OXT HXT  sing N N 12  
ARG N   CA   sing N N 13  
ARG N   H    sing N N 14  
ARG N   H2   sing N N 15  
ARG CA  C    sing N N 16  
ARG CA  CB   sing N N 17  
ARG CA  HA   sing N N 18  
ARG C   O    doub N N 19  
ARG C   OXT  sing N N 20  
ARG CB  CG   sing N N 21  
ARG CB  HB2  sing N N 22  
ARG CB  HB3  sing N N 23  
ARG CG  CD   sing N N 24  
ARG CG  HG2  sing N N 25  
ARG CG  HG3  sing N N 26  
ARG CD  NE   sing N N 27  
ARG CD  HD2  sing N N 28  
ARG CD  HD3  sing N N 29  
ARG NE  CZ   sing N N 30  
ARG NE  HE   sing N N 31  
ARG CZ  NH1  sing N N 32  
ARG CZ  NH2  doub N N 33  
ARG NH1 HH11 sing N N 34  
ARG NH1 HH12 sing N N 35  
ARG NH2 HH21 sing N N 36  
ARG NH2 HH22 sing N N 37  
ARG OXT HXT  sing N N 38  
ASN N   CA   sing N N 39  
ASN N   H    sing N N 40  
ASN N   H2   sing N N 41  
ASN CA  C    sing N N 42  
ASN CA  CB   sing N N 43  
ASN CA  HA   sing N N 44  
ASN C   O    doub N N 45  
ASN C   OXT  sing N N 46  
ASN CB  CG   sing N N 47  
ASN CB  HB2  sing N N 48  
ASN CB  HB3  sing N N 49  
ASN CG  OD1  doub N N 50  
ASN CG  ND2  sing N N 51  
ASN ND2 HD21 sing N N 52  
ASN ND2 HD22 sing N N 53  
ASN OXT HXT  sing N N 54  
ASP N   CA   sing N N 55  
ASP N   H    sing N N 56  
ASP N   H2   sing N N 57  
ASP CA  C    sing N N 58  
ASP CA  CB   sing N N 59  
ASP CA  HA   sing N N 60  
ASP C   O    doub N N 61  
ASP C   OXT  sing N N 62  
ASP CB  CG   sing N N 63  
ASP CB  HB2  sing N N 64  
ASP CB  HB3  sing N N 65  
ASP CG  OD1  doub N N 66  
ASP CG  OD2  sing N N 67  
ASP OD2 HD2  sing N N 68  
ASP OXT HXT  sing N N 69  
CYS N   CA   sing N N 70  
CYS N   H    sing N N 71  
CYS N   H2   sing N N 72  
CYS CA  C    sing N N 73  
CYS CA  CB   sing N N 74  
CYS CA  HA   sing N N 75  
CYS C   O    doub N N 76  
CYS C   OXT  sing N N 77  
CYS CB  SG   sing N N 78  
CYS CB  HB2  sing N N 79  
CYS CB  HB3  sing N N 80  
CYS SG  HG   sing N N 81  
CYS OXT HXT  sing N N 82  
EPE N1  C2   sing N N 83  
EPE N1  C6   sing N N 84  
EPE N1  C9   sing N N 85  
EPE C2  C3   sing N N 86  
EPE C2  H21  sing N N 87  
EPE C2  H22  sing N N 88  
EPE C3  N4   sing N N 89  
EPE C3  H31  sing N N 90  
EPE C3  H32  sing N N 91  
EPE N4  C5   sing N N 92  
EPE N4  C7   sing N N 93  
EPE C5  C6   sing N N 94  
EPE C5  H51  sing N N 95  
EPE C5  H52  sing N N 96  
EPE C6  H61  sing N N 97  
EPE C6  H62  sing N N 98  
EPE C7  C8   sing N N 99  
EPE C7  H71  sing N N 100 
EPE C7  H72  sing N N 101 
EPE C8  O8   sing N N 102 
EPE C8  H81  sing N N 103 
EPE C8  H82  sing N N 104 
EPE O8  HO8  sing N N 105 
EPE C9  C10  sing N N 106 
EPE C9  H91  sing N N 107 
EPE C9  H92  sing N N 108 
EPE C10 S    sing N N 109 
EPE C10 H101 sing N N 110 
EPE C10 H102 sing N N 111 
EPE S   O1S  doub N N 112 
EPE S   O2S  doub N N 113 
EPE S   O3S  sing N N 114 
EPE O3S HOS3 sing N N 115 
GLN N   CA   sing N N 116 
GLN N   H    sing N N 117 
GLN N   H2   sing N N 118 
GLN CA  C    sing N N 119 
GLN CA  CB   sing N N 120 
GLN CA  HA   sing N N 121 
GLN C   O    doub N N 122 
GLN C   OXT  sing N N 123 
GLN CB  CG   sing N N 124 
GLN CB  HB2  sing N N 125 
GLN CB  HB3  sing N N 126 
GLN CG  CD   sing N N 127 
GLN CG  HG2  sing N N 128 
GLN CG  HG3  sing N N 129 
GLN CD  OE1  doub N N 130 
GLN CD  NE2  sing N N 131 
GLN NE2 HE21 sing N N 132 
GLN NE2 HE22 sing N N 133 
GLN OXT HXT  sing N N 134 
GLU N   CA   sing N N 135 
GLU N   H    sing N N 136 
GLU N   H2   sing N N 137 
GLU CA  C    sing N N 138 
GLU CA  CB   sing N N 139 
GLU CA  HA   sing N N 140 
GLU C   O    doub N N 141 
GLU C   OXT  sing N N 142 
GLU CB  CG   sing N N 143 
GLU CB  HB2  sing N N 144 
GLU CB  HB3  sing N N 145 
GLU CG  CD   sing N N 146 
GLU CG  HG2  sing N N 147 
GLU CG  HG3  sing N N 148 
GLU CD  OE1  doub N N 149 
GLU CD  OE2  sing N N 150 
GLU OE2 HE2  sing N N 151 
GLU OXT HXT  sing N N 152 
GLY N   CA   sing N N 153 
GLY N   H    sing N N 154 
GLY N   H2   sing N N 155 
GLY CA  C    sing N N 156 
GLY CA  HA2  sing N N 157 
GLY CA  HA3  sing N N 158 
GLY C   O    doub N N 159 
GLY C   OXT  sing N N 160 
GLY OXT HXT  sing N N 161 
HOH O   H1   sing N N 162 
HOH O   H2   sing N N 163 
ILE N   CA   sing N N 164 
ILE N   H    sing N N 165 
ILE N   H2   sing N N 166 
ILE CA  C    sing N N 167 
ILE CA  CB   sing N N 168 
ILE CA  HA   sing N N 169 
ILE C   O    doub N N 170 
ILE C   OXT  sing N N 171 
ILE CB  CG1  sing N N 172 
ILE CB  CG2  sing N N 173 
ILE CB  HB   sing N N 174 
ILE CG1 CD1  sing N N 175 
ILE CG1 HG12 sing N N 176 
ILE CG1 HG13 sing N N 177 
ILE CG2 HG21 sing N N 178 
ILE CG2 HG22 sing N N 179 
ILE CG2 HG23 sing N N 180 
ILE CD1 HD11 sing N N 181 
ILE CD1 HD12 sing N N 182 
ILE CD1 HD13 sing N N 183 
ILE OXT HXT  sing N N 184 
LDA N1  O1   sing N N 185 
LDA N1  CM1  sing N N 186 
LDA N1  CM2  sing N N 187 
LDA N1  C1   sing N N 188 
LDA CM1 HM11 sing N N 189 
LDA CM1 HM12 sing N N 190 
LDA CM1 HM13 sing N N 191 
LDA CM2 HM21 sing N N 192 
LDA CM2 HM22 sing N N 193 
LDA CM2 HM23 sing N N 194 
LDA C1  C2   sing N N 195 
LDA C1  H11  sing N N 196 
LDA C1  H12  sing N N 197 
LDA C2  C3   sing N N 198 
LDA C2  H21  sing N N 199 
LDA C2  H22  sing N N 200 
LDA C3  C4   sing N N 201 
LDA C3  H31  sing N N 202 
LDA C3  H32  sing N N 203 
LDA C4  C5   sing N N 204 
LDA C4  H41  sing N N 205 
LDA C4  H42  sing N N 206 
LDA C5  C6   sing N N 207 
LDA C5  H51  sing N N 208 
LDA C5  H52  sing N N 209 
LDA C6  C7   sing N N 210 
LDA C6  H61  sing N N 211 
LDA C6  H62  sing N N 212 
LDA C7  C8   sing N N 213 
LDA C7  H71  sing N N 214 
LDA C7  H72  sing N N 215 
LDA C8  C9   sing N N 216 
LDA C8  H81  sing N N 217 
LDA C8  H82  sing N N 218 
LDA C9  C10  sing N N 219 
LDA C9  H91  sing N N 220 
LDA C9  H92  sing N N 221 
LDA C10 C11  sing N N 222 
LDA C10 H101 sing N N 223 
LDA C10 H102 sing N N 224 
LDA C11 C12  sing N N 225 
LDA C11 H111 sing N N 226 
LDA C11 H112 sing N N 227 
LDA C12 H121 sing N N 228 
LDA C12 H122 sing N N 229 
LDA C12 H123 sing N N 230 
LEU N   CA   sing N N 231 
LEU N   H    sing N N 232 
LEU N   H2   sing N N 233 
LEU CA  C    sing N N 234 
LEU CA  CB   sing N N 235 
LEU CA  HA   sing N N 236 
LEU C   O    doub N N 237 
LEU C   OXT  sing N N 238 
LEU CB  CG   sing N N 239 
LEU CB  HB2  sing N N 240 
LEU CB  HB3  sing N N 241 
LEU CG  CD1  sing N N 242 
LEU CG  CD2  sing N N 243 
LEU CG  HG   sing N N 244 
LEU CD1 HD11 sing N N 245 
LEU CD1 HD12 sing N N 246 
LEU CD1 HD13 sing N N 247 
LEU CD2 HD21 sing N N 248 
LEU CD2 HD22 sing N N 249 
LEU CD2 HD23 sing N N 250 
LEU OXT HXT  sing N N 251 
LYS N   CA   sing N N 252 
LYS N   H    sing N N 253 
LYS N   H2   sing N N 254 
LYS CA  C    sing N N 255 
LYS CA  CB   sing N N 256 
LYS CA  HA   sing N N 257 
LYS C   O    doub N N 258 
LYS C   OXT  sing N N 259 
LYS CB  CG   sing N N 260 
LYS CB  HB2  sing N N 261 
LYS CB  HB3  sing N N 262 
LYS CG  CD   sing N N 263 
LYS CG  HG2  sing N N 264 
LYS CG  HG3  sing N N 265 
LYS CD  CE   sing N N 266 
LYS CD  HD2  sing N N 267 
LYS CD  HD3  sing N N 268 
LYS CE  NZ   sing N N 269 
LYS CE  HE2  sing N N 270 
LYS CE  HE3  sing N N 271 
LYS NZ  HZ1  sing N N 272 
LYS NZ  HZ2  sing N N 273 
LYS NZ  HZ3  sing N N 274 
LYS OXT HXT  sing N N 275 
MET N   CA   sing N N 276 
MET N   H    sing N N 277 
MET N   H2   sing N N 278 
MET CA  C    sing N N 279 
MET CA  CB   sing N N 280 
MET CA  HA   sing N N 281 
MET C   O    doub N N 282 
MET C   OXT  sing N N 283 
MET CB  CG   sing N N 284 
MET CB  HB2  sing N N 285 
MET CB  HB3  sing N N 286 
MET CG  SD   sing N N 287 
MET CG  HG2  sing N N 288 
MET CG  HG3  sing N N 289 
MET SD  CE   sing N N 290 
MET CE  HE1  sing N N 291 
MET CE  HE2  sing N N 292 
MET CE  HE3  sing N N 293 
MET OXT HXT  sing N N 294 
PHE N   CA   sing N N 295 
PHE N   H    sing N N 296 
PHE N   H2   sing N N 297 
PHE CA  C    sing N N 298 
PHE CA  CB   sing N N 299 
PHE CA  HA   sing N N 300 
PHE C   O    doub N N 301 
PHE C   OXT  sing N N 302 
PHE CB  CG   sing N N 303 
PHE CB  HB2  sing N N 304 
PHE CB  HB3  sing N N 305 
PHE CG  CD1  doub Y N 306 
PHE CG  CD2  sing Y N 307 
PHE CD1 CE1  sing Y N 308 
PHE CD1 HD1  sing N N 309 
PHE CD2 CE2  doub Y N 310 
PHE CD2 HD2  sing N N 311 
PHE CE1 CZ   doub Y N 312 
PHE CE1 HE1  sing N N 313 
PHE CE2 CZ   sing Y N 314 
PHE CE2 HE2  sing N N 315 
PHE CZ  HZ   sing N N 316 
PHE OXT HXT  sing N N 317 
PRO N   CA   sing N N 318 
PRO N   CD   sing N N 319 
PRO N   H    sing N N 320 
PRO CA  C    sing N N 321 
PRO CA  CB   sing N N 322 
PRO CA  HA   sing N N 323 
PRO C   O    doub N N 324 
PRO C   OXT  sing N N 325 
PRO CB  CG   sing N N 326 
PRO CB  HB2  sing N N 327 
PRO CB  HB3  sing N N 328 
PRO CG  CD   sing N N 329 
PRO CG  HG2  sing N N 330 
PRO CG  HG3  sing N N 331 
PRO CD  HD2  sing N N 332 
PRO CD  HD3  sing N N 333 
PRO OXT HXT  sing N N 334 
SER N   CA   sing N N 335 
SER N   H    sing N N 336 
SER N   H2   sing N N 337 
SER CA  C    sing N N 338 
SER CA  CB   sing N N 339 
SER CA  HA   sing N N 340 
SER C   O    doub N N 341 
SER C   OXT  sing N N 342 
SER CB  OG   sing N N 343 
SER CB  HB2  sing N N 344 
SER CB  HB3  sing N N 345 
SER OG  HG   sing N N 346 
SER OXT HXT  sing N N 347 
THR N   CA   sing N N 348 
THR N   H    sing N N 349 
THR N   H2   sing N N 350 
THR CA  C    sing N N 351 
THR CA  CB   sing N N 352 
THR CA  HA   sing N N 353 
THR C   O    doub N N 354 
THR C   OXT  sing N N 355 
THR CB  OG1  sing N N 356 
THR CB  CG2  sing N N 357 
THR CB  HB   sing N N 358 
THR OG1 HG1  sing N N 359 
THR CG2 HG21 sing N N 360 
THR CG2 HG22 sing N N 361 
THR CG2 HG23 sing N N 362 
THR OXT HXT  sing N N 363 
TRP N   CA   sing N N 364 
TRP N   H    sing N N 365 
TRP N   H2   sing N N 366 
TRP CA  C    sing N N 367 
TRP CA  CB   sing N N 368 
TRP CA  HA   sing N N 369 
TRP C   O    doub N N 370 
TRP C   OXT  sing N N 371 
TRP CB  CG   sing N N 372 
TRP CB  HB2  sing N N 373 
TRP CB  HB3  sing N N 374 
TRP CG  CD1  doub Y N 375 
TRP CG  CD2  sing Y N 376 
TRP CD1 NE1  sing Y N 377 
TRP CD1 HD1  sing N N 378 
TRP CD2 CE2  doub Y N 379 
TRP CD2 CE3  sing Y N 380 
TRP NE1 CE2  sing Y N 381 
TRP NE1 HE1  sing N N 382 
TRP CE2 CZ2  sing Y N 383 
TRP CE3 CZ3  doub Y N 384 
TRP CE3 HE3  sing N N 385 
TRP CZ2 CH2  doub Y N 386 
TRP CZ2 HZ2  sing N N 387 
TRP CZ3 CH2  sing Y N 388 
TRP CZ3 HZ3  sing N N 389 
TRP CH2 HH2  sing N N 390 
TRP OXT HXT  sing N N 391 
TYR N   CA   sing N N 392 
TYR N   H    sing N N 393 
TYR N   H2   sing N N 394 
TYR CA  C    sing N N 395 
TYR CA  CB   sing N N 396 
TYR CA  HA   sing N N 397 
TYR C   O    doub N N 398 
TYR C   OXT  sing N N 399 
TYR CB  CG   sing N N 400 
TYR CB  HB2  sing N N 401 
TYR CB  HB3  sing N N 402 
TYR CG  CD1  doub Y N 403 
TYR CG  CD2  sing Y N 404 
TYR CD1 CE1  sing Y N 405 
TYR CD1 HD1  sing N N 406 
TYR CD2 CE2  doub Y N 407 
TYR CD2 HD2  sing N N 408 
TYR CE1 CZ   doub Y N 409 
TYR CE1 HE1  sing N N 410 
TYR CE2 CZ   sing Y N 411 
TYR CE2 HE2  sing N N 412 
TYR CZ  OH   sing N N 413 
TYR OH  HH   sing N N 414 
TYR OXT HXT  sing N N 415 
VAL N   CA   sing N N 416 
VAL N   H    sing N N 417 
VAL N   H2   sing N N 418 
VAL CA  C    sing N N 419 
VAL CA  CB   sing N N 420 
VAL CA  HA   sing N N 421 
VAL C   O    doub N N 422 
VAL C   OXT  sing N N 423 
VAL CB  CG1  sing N N 424 
VAL CB  CG2  sing N N 425 
VAL CB  HB   sing N N 426 
VAL CG1 HG11 sing N N 427 
VAL CG1 HG12 sing N N 428 
VAL CG1 HG13 sing N N 429 
VAL CG2 HG21 sing N N 430 
VAL CG2 HG22 sing N N 431 
VAL CG2 HG23 sing N N 432 
VAL OXT HXT  sing N N 433 
# 
loop_
_pdbx_entity_nonpoly.entity_id 
_pdbx_entity_nonpoly.name 
_pdbx_entity_nonpoly.comp_id 
2 '4-(2-HYDROXYETHYL)-1-PIPERAZINE ETHANESULFONIC ACID' EPE 
3 'LAURYL DIMETHYLAMINE-N-OXIDE'                        LDA 
4 water                                                 HOH 
# 
_pdbx_initial_refinement_model.id               1 
_pdbx_initial_refinement_model.entity_id_list   ? 
_pdbx_initial_refinement_model.type             'experimental model' 
_pdbx_initial_refinement_model.source_name      PDB 
_pdbx_initial_refinement_model.accession_code   1PMP 
_pdbx_initial_refinement_model.details          ? 
# 
